data_6SZI
#
_entry.id   6SZI
#
_cell.length_a   100.739
_cell.length_b   134.691
_cell.length_c   236.045
_cell.angle_alpha   90.000
_cell.angle_beta   90.000
_cell.angle_gamma   90.000
#
_symmetry.space_group_name_H-M   'P 21 21 21'
#
loop_
_entity.id
_entity.type
_entity.pdbx_description
1 polymer Alternansucrase
2 branched alpha-D-glucopyranose-(1-6)-alpha-D-glucopyranose
3 non-polymer 'CALCIUM ION'
#
_entity_poly.entity_id   1
_entity_poly.type   'polypeptide(L)'
_entity_poly.pdbx_seq_one_letter_code
;SNLSDPITGGHYENHNGYFVYIDASGKQVTGLQNIDGNLQYFDDNGYQVKGSFRDVNGKHIYFDSVTGKASSNVDIVNGK
AQGYDAQGNQLKKSYVADSSGQTYYFDGNGQPLIGLQTIDGNLQYFNQQGVQIKGGFQDVNNKRIYFAPNTGNAVANTEI
INGKLQGRDANGNQVKNAFSKDVAGNTFYFDANGVMLTGLQTISGKTYYLDEQGHLRKNYAGTFNNQFMYFDADTGAGKT
AIEYQFDQGLVSQSNENTPHNAAKSYDKSSFENVDGYLTADTWYRPTDILKNGDTWTASTETDMRPLLMTWWPDKQTQAN
YLNFMSSKGLGITTTYTAATSQKTLNDAAFVIQTAIEQQISLKKSTEWLRDAIDSFVKTQANWNKQTEDEAFDGLQWLQG
GFLAYQDDSHRTPNTDSGNNRKLGRQPINIDGSKDTTDGKGSEFLLANDIDNSNPIVQAEQLNWLHYLMNFGSITGNNDN
ANFDGIRVDAVDNVDADLLKIAGDYFKALYGTDKSDANANKHLSILEDWNGKDPQYVNQQGNAQLTMDYTVTSQFGNSLT
HGANNRSNMWYFLDTGYYLNGDLNKKIVDKNRPNSGTLVNRIANSGDTKVIPNYSFVRAHDYDAQDPIRKAMIDHGIIKN
MQDTFTFDQLAQGMEFYYKDQENPSGFKKYNDYNLPSAYAMLLTNKDTVPRVYYGDMYLEGGQYMEKGTIYNPVISALLK
ARIKYVSGGQTMATDSSGKDLKDGETDLLTSVRFGKGIMTSDQTTTQDNSQDYKNQGIGVIVGNNPDLKLNNDKTITLHM
GKAHKNQLYRALVLSNDSGIDVYDSDDKAPTLRTNDNGDLIFHKTNTFVKQDGTIINYEMKGSLNALISGYLGVWVPVGA
SDSQDARTVATESSSSNDGSVFHSNAALDSNVIYEGFSNFQAMPTSPEQSTNVVIATKANLFKELGITSFELAPQYRSSG
DTNYGGMSFLDSFLNNGYAFTDRYDLGFNKADGNPNPTKYGTDQDLRNAIEALHKNGMQAIADWVPDQIYALPGKEVVTA
TRVDERGNQLKDTDFVNLLYVANTKSSGVDYQAKYGGEFLDKLREEYPSLFKQNQVSTGQPIDASTKIKQWSAKYMNGTN
ILHRGAYYVLKDWATNQYFNIAKTNEVFLPLQLQNKDAQTGFISDASGVKYYSISGYQAKDTFIEDGNGNWYYFDKDGYM
VRSQQGENPIRTVETSVNTRNGNYYFMPNGVELRKGFGTDNSGNVYYFDDQGKMVRDKYINDDANNFYHLNVDGTMSR
;
_entity_poly.pdbx_strand_id   A,B
#
# COMPACT_ATOMS: atom_id res chain seq x y z
N LEU A 3 -27.21 -10.73 -10.65
CA LEU A 3 -26.62 -10.25 -11.93
C LEU A 3 -27.34 -10.86 -13.14
N SER A 4 -26.73 -11.88 -13.75
CA SER A 4 -27.39 -12.73 -14.75
C SER A 4 -27.22 -14.18 -14.31
N ASP A 5 -28.24 -15.02 -14.51
CA ASP A 5 -28.20 -16.37 -13.95
C ASP A 5 -27.08 -17.19 -14.57
N PRO A 6 -26.32 -17.92 -13.71
CA PRO A 6 -25.13 -18.70 -14.09
C PRO A 6 -25.46 -19.89 -14.99
N ILE A 7 -24.49 -20.29 -15.81
CA ILE A 7 -24.63 -21.43 -16.71
C ILE A 7 -23.30 -22.20 -16.67
N THR A 8 -23.35 -23.49 -16.98
CA THR A 8 -22.13 -24.32 -17.22
C THR A 8 -22.42 -25.37 -18.31
N GLY A 9 -21.36 -26.04 -18.76
CA GLY A 9 -21.48 -27.09 -19.77
C GLY A 9 -21.29 -26.61 -21.20
N GLY A 10 -20.79 -25.38 -21.37
CA GLY A 10 -20.49 -24.82 -22.68
C GLY A 10 -18.99 -24.55 -22.77
N HIS A 11 -18.40 -25.00 -23.87
CA HIS A 11 -17.01 -24.65 -24.25
C HIS A 11 -16.86 -23.15 -24.70
N TYR A 12 -15.64 -22.62 -24.56
CA TYR A 12 -15.25 -21.34 -25.18
C TYR A 12 -14.58 -21.60 -26.54
N GLU A 13 -14.93 -20.84 -27.57
CA GLU A 13 -14.26 -20.95 -28.87
C GLU A 13 -13.69 -19.62 -29.30
N ASN A 14 -12.56 -19.68 -30.00
CA ASN A 14 -11.92 -18.50 -30.56
C ASN A 14 -12.13 -18.43 -32.06
N HIS A 15 -12.72 -17.34 -32.54
CA HIS A 15 -12.85 -17.08 -33.98
C HIS A 15 -12.26 -15.70 -34.34
N ASN A 16 -11.30 -15.66 -35.26
CA ASN A 16 -10.71 -14.41 -35.77
C ASN A 16 -10.14 -13.51 -34.68
N GLY A 17 -9.55 -14.11 -33.66
CA GLY A 17 -9.01 -13.35 -32.53
C GLY A 17 -10.00 -13.05 -31.40
N TYR A 18 -11.19 -13.62 -31.47
CA TYR A 18 -12.21 -13.28 -30.51
C TYR A 18 -12.75 -14.52 -29.82
N PHE A 19 -13.06 -14.37 -28.53
CA PHE A 19 -13.73 -15.43 -27.78
C PHE A 19 -15.25 -15.41 -27.94
N VAL A 20 -15.77 -16.56 -28.34
CA VAL A 20 -17.19 -16.83 -28.39
C VAL A 20 -17.44 -17.88 -27.32
N TYR A 21 -18.68 -17.95 -26.83
CA TYR A 21 -19.08 -18.99 -25.89
C TYR A 21 -20.31 -19.68 -26.41
N ILE A 22 -20.17 -21.01 -26.60
CA ILE A 22 -21.27 -21.84 -27.10
C ILE A 22 -21.84 -22.68 -25.93
N ASP A 23 -23.15 -22.51 -25.76
CA ASP A 23 -23.97 -23.05 -24.68
C ASP A 23 -23.93 -24.59 -24.64
N ALA A 24 -24.46 -25.17 -23.56
CA ALA A 24 -24.80 -26.60 -23.51
C ALA A 24 -25.89 -26.95 -24.54
N SER A 25 -26.88 -26.06 -24.69
CA SER A 25 -27.86 -26.11 -25.78
C SER A 25 -27.22 -26.22 -27.20
N GLY A 26 -26.02 -25.66 -27.39
CA GLY A 26 -25.31 -25.64 -28.67
C GLY A 26 -25.47 -24.31 -29.41
N LYS A 27 -25.95 -23.28 -28.72
CA LYS A 27 -26.22 -22.00 -29.35
C LYS A 27 -25.17 -20.98 -28.89
N GLN A 28 -24.73 -20.16 -29.83
CA GLN A 28 -23.86 -19.00 -29.59
C GLN A 28 -24.56 -17.99 -28.68
N VAL A 29 -23.82 -17.42 -27.73
CA VAL A 29 -24.41 -16.59 -26.68
C VAL A 29 -24.14 -15.11 -26.87
N THR A 30 -25.20 -14.31 -26.79
CA THR A 30 -25.10 -12.85 -26.74
C THR A 30 -25.47 -12.32 -25.36
N GLY A 31 -25.15 -11.05 -25.11
CA GLY A 31 -25.60 -10.34 -23.92
C GLY A 31 -24.81 -10.65 -22.68
N LEU A 32 -25.19 -10.01 -21.59
CA LEU A 32 -24.53 -10.17 -20.32
C LEU A 32 -24.83 -11.57 -19.82
N GLN A 33 -23.81 -12.27 -19.32
CA GLN A 33 -23.96 -13.66 -18.83
C GLN A 33 -23.05 -13.98 -17.66
N ASN A 34 -23.59 -14.53 -16.56
CA ASN A 34 -22.75 -15.13 -15.51
C ASN A 34 -22.44 -16.60 -15.86
N ILE A 35 -21.23 -16.86 -16.37
CA ILE A 35 -20.78 -18.22 -16.67
C ILE A 35 -19.82 -18.71 -15.57
N ASP A 36 -20.22 -19.74 -14.80
CA ASP A 36 -19.37 -20.32 -13.74
C ASP A 36 -18.86 -19.29 -12.69
N GLY A 37 -19.71 -18.35 -12.28
CA GLY A 37 -19.31 -17.34 -11.26
C GLY A 37 -18.63 -16.09 -11.80
N ASN A 38 -18.45 -16.01 -13.12
CA ASN A 38 -17.83 -14.86 -13.80
C ASN A 38 -18.82 -14.10 -14.68
N LEU A 39 -18.96 -12.80 -14.44
CA LEU A 39 -19.90 -11.95 -15.17
C LEU A 39 -19.24 -11.36 -16.44
N GLN A 40 -19.78 -11.70 -17.60
CA GLN A 40 -19.18 -11.39 -18.92
C GLN A 40 -20.23 -10.79 -19.85
N TYR A 41 -19.77 -10.25 -20.98
CA TYR A 41 -20.69 -9.71 -21.99
C TYR A 41 -20.23 -10.11 -23.40
N PHE A 42 -21.21 -10.37 -24.28
CA PHE A 42 -20.98 -10.60 -25.71
C PHE A 42 -21.88 -9.68 -26.53
N ASP A 43 -21.32 -9.04 -27.56
CA ASP A 43 -22.07 -8.11 -28.41
C ASP A 43 -23.06 -8.89 -29.27
N ASP A 44 -23.69 -8.22 -30.23
CA ASP A 44 -24.62 -8.86 -31.20
C ASP A 44 -24.04 -10.05 -32.02
N ASN A 45 -22.78 -9.95 -32.46
CA ASN A 45 -22.13 -11.04 -33.22
C ASN A 45 -21.68 -12.26 -32.38
N GLY A 46 -21.73 -12.14 -31.04
CA GLY A 46 -21.41 -13.26 -30.13
C GLY A 46 -19.99 -13.24 -29.59
N TYR A 47 -19.20 -12.26 -30.03
CA TYR A 47 -17.81 -12.04 -29.53
C TYR A 47 -17.83 -11.45 -28.11
N GLN A 48 -16.80 -11.79 -27.34
CA GLN A 48 -16.71 -11.37 -25.95
C GLN A 48 -15.98 -10.05 -25.86
N VAL A 49 -16.40 -9.23 -24.90
CA VAL A 49 -15.82 -7.90 -24.72
C VAL A 49 -14.82 -7.91 -23.57
N LYS A 50 -13.66 -7.34 -23.83
CA LYS A 50 -12.57 -7.17 -22.88
C LYS A 50 -11.99 -5.77 -22.94
N GLY A 51 -11.71 -5.21 -21.76
CA GLY A 51 -11.14 -3.86 -21.64
C GLY A 51 -12.00 -2.73 -22.18
N SER A 52 -13.31 -2.91 -22.22
CA SER A 52 -14.20 -1.88 -22.68
C SER A 52 -15.41 -1.82 -21.75
N PHE A 53 -16.11 -0.68 -21.72
CA PHE A 53 -17.36 -0.53 -20.96
C PHE A 53 -18.57 -0.89 -21.83
N ARG A 54 -19.58 -1.58 -21.29
CA ARG A 54 -20.87 -1.76 -21.98
C ARG A 54 -22.05 -1.33 -21.11
N ASP A 55 -23.17 -0.97 -21.76
CA ASP A 55 -24.38 -0.59 -21.04
C ASP A 55 -25.44 -1.69 -21.12
N VAL A 56 -25.84 -2.25 -19.97
CA VAL A 56 -26.96 -3.21 -19.91
C VAL A 56 -27.92 -2.80 -18.80
N ASN A 57 -29.23 -2.78 -19.11
CA ASN A 57 -30.27 -2.23 -18.21
C ASN A 57 -29.89 -0.83 -17.75
N GLY A 58 -29.87 -0.59 -16.44
CA GLY A 58 -29.48 0.71 -15.93
C GLY A 58 -27.99 0.81 -15.64
N LYS A 59 -27.22 -0.22 -15.99
CA LYS A 59 -25.85 -0.38 -15.50
C LYS A 59 -24.74 -0.10 -16.52
N HIS A 60 -23.69 0.59 -16.08
CA HIS A 60 -22.50 0.88 -16.86
C HIS A 60 -21.38 -0.02 -16.36
N ILE A 61 -21.17 -1.15 -17.02
CA ILE A 61 -20.22 -2.17 -16.54
C ILE A 61 -18.95 -2.28 -17.39
N TYR A 62 -17.79 -2.13 -16.75
CA TYR A 62 -16.49 -2.40 -17.40
C TYR A 62 -16.18 -3.87 -17.30
N PHE A 63 -15.48 -4.40 -18.29
CA PHE A 63 -15.03 -5.78 -18.27
C PHE A 63 -13.49 -5.80 -18.43
N ASP A 64 -12.84 -6.73 -17.74
CA ASP A 64 -11.36 -6.74 -17.64
C ASP A 64 -10.70 -7.03 -18.98
N SER A 65 -9.46 -6.58 -19.12
CA SER A 65 -8.73 -6.70 -20.38
C SER A 65 -8.14 -8.10 -20.60
N VAL A 66 -7.85 -8.84 -19.52
CA VAL A 66 -7.31 -10.22 -19.62
C VAL A 66 -8.45 -11.26 -19.66
N THR A 67 -9.23 -11.29 -18.58
CA THR A 67 -10.29 -12.30 -18.34
C THR A 67 -11.66 -11.94 -18.96
N GLY A 68 -11.92 -10.64 -19.16
CA GLY A 68 -13.24 -10.16 -19.65
C GLY A 68 -14.31 -10.15 -18.58
N LYS A 69 -13.86 -10.16 -17.32
CA LYS A 69 -14.72 -10.28 -16.15
C LYS A 69 -15.11 -8.91 -15.64
N ALA A 70 -16.37 -8.77 -15.24
CA ALA A 70 -16.89 -7.50 -14.75
C ALA A 70 -16.14 -7.01 -13.50
N SER A 71 -15.59 -5.78 -13.57
CA SER A 71 -14.89 -5.13 -12.45
C SER A 71 -14.91 -3.57 -12.49
N SER A 72 -14.56 -2.98 -11.35
CA SER A 72 -14.60 -1.54 -11.15
C SER A 72 -13.68 -0.80 -12.08
N ASN A 73 -14.13 0.35 -12.54
CA ASN A 73 -13.26 1.25 -13.26
C ASN A 73 -13.82 2.67 -13.20
N VAL A 74 -13.03 3.59 -13.72
CA VAL A 74 -13.44 4.95 -13.91
C VAL A 74 -13.60 5.14 -15.41
N ASP A 75 -14.70 5.79 -15.81
CA ASP A 75 -14.94 6.12 -17.18
C ASP A 75 -15.03 7.63 -17.24
N ILE A 76 -14.47 8.23 -18.28
CA ILE A 76 -14.78 9.64 -18.57
C ILE A 76 -16.12 9.55 -19.28
N VAL A 77 -17.15 10.13 -18.64
CA VAL A 77 -18.51 10.17 -19.18
C VAL A 77 -18.81 11.60 -19.51
N ASN A 78 -19.18 11.84 -20.75
CA ASN A 78 -19.22 13.19 -21.26
C ASN A 78 -17.92 13.87 -20.85
N GLY A 79 -17.95 15.07 -20.29
CA GLY A 79 -16.71 15.72 -19.90
C GLY A 79 -15.99 15.21 -18.65
N LYS A 80 -16.60 14.30 -17.88
CA LYS A 80 -16.24 14.17 -16.47
C LYS A 80 -16.06 12.76 -15.97
N ALA A 81 -15.19 12.62 -14.99
CA ALA A 81 -14.86 11.31 -14.46
C ALA A 81 -15.96 10.80 -13.52
N GLN A 82 -16.32 9.53 -13.66
CA GLN A 82 -17.33 8.92 -12.81
C GLN A 82 -16.93 7.45 -12.50
N GLY A 83 -16.99 7.06 -11.23
CA GLY A 83 -16.54 5.72 -10.82
C GLY A 83 -17.65 4.72 -10.99
N TYR A 84 -17.32 3.46 -11.14
CA TYR A 84 -18.34 2.41 -11.31
C TYR A 84 -17.86 1.18 -10.67
N ASP A 85 -18.78 0.41 -10.14
CA ASP A 85 -18.42 -0.81 -9.44
C ASP A 85 -18.50 -2.03 -10.36
N ALA A 86 -18.31 -3.20 -9.78
CA ALA A 86 -18.38 -4.44 -10.53
C ALA A 86 -19.76 -4.70 -11.09
N GLN A 87 -20.81 -4.18 -10.44
CA GLN A 87 -22.19 -4.38 -10.93
C GLN A 87 -22.71 -3.27 -11.83
N GLY A 88 -21.90 -2.24 -12.04
CA GLY A 88 -22.22 -1.15 -12.96
C GLY A 88 -22.94 0.04 -12.36
N ASN A 89 -22.87 0.20 -11.05
CA ASN A 89 -23.49 1.34 -10.36
C ASN A 89 -22.52 2.49 -10.23
N GLN A 90 -22.97 3.71 -10.52
CA GLN A 90 -22.14 4.88 -10.22
C GLN A 90 -21.84 4.90 -8.72
N LEU A 91 -20.56 4.97 -8.39
CA LEU A 91 -20.14 4.97 -7.01
C LEU A 91 -20.18 6.37 -6.40
N LYS A 92 -20.54 6.37 -5.10
CA LYS A 92 -20.60 7.56 -4.25
C LYS A 92 -19.80 7.28 -2.99
N LYS A 93 -19.06 8.29 -2.53
CA LYS A 93 -18.22 8.19 -1.32
C LYS A 93 -17.41 6.90 -1.28
N SER A 94 -16.59 6.72 -2.30
CA SER A 94 -15.76 5.55 -2.42
C SER A 94 -14.53 5.87 -3.26
N TYR A 95 -13.46 5.14 -2.99
CA TYR A 95 -12.26 5.15 -3.82
C TYR A 95 -12.50 4.22 -4.99
N VAL A 96 -12.00 4.57 -6.18
CA VAL A 96 -11.84 3.57 -7.26
C VAL A 96 -10.53 3.74 -8.00
N ALA A 97 -9.91 2.60 -8.30
CA ALA A 97 -8.70 2.58 -9.08
C ALA A 97 -9.11 2.23 -10.49
N ASP A 98 -8.56 2.95 -11.48
CA ASP A 98 -8.89 2.70 -12.88
C ASP A 98 -7.99 1.63 -13.53
N SER A 99 -8.08 1.46 -14.84
CA SER A 99 -7.28 0.45 -15.55
C SER A 99 -5.78 0.67 -15.36
N SER A 100 -5.34 1.93 -15.39
CA SER A 100 -3.92 2.30 -15.22
C SER A 100 -3.41 2.20 -13.78
N GLY A 101 -4.28 1.85 -12.84
CA GLY A 101 -3.91 1.79 -11.43
C GLY A 101 -3.91 3.15 -10.74
N GLN A 102 -4.50 4.16 -11.38
CA GLN A 102 -4.72 5.48 -10.77
C GLN A 102 -5.99 5.52 -9.91
N THR A 103 -5.95 6.35 -8.87
CA THR A 103 -7.00 6.32 -7.86
C THR A 103 -7.70 7.66 -7.73
N TYR A 104 -9.04 7.60 -7.76
CA TYR A 104 -9.91 8.77 -7.59
C TYR A 104 -10.74 8.54 -6.34
N TYR A 105 -11.17 9.61 -5.68
CA TYR A 105 -12.19 9.46 -4.67
C TYR A 105 -13.38 10.27 -5.10
N PHE A 106 -14.51 9.59 -5.23
CA PHE A 106 -15.73 10.22 -5.64
C PHE A 106 -16.60 10.51 -4.43
N ASP A 107 -17.13 11.74 -4.37
CA ASP A 107 -17.83 12.26 -3.20
C ASP A 107 -19.32 11.84 -3.13
N GLY A 108 -20.11 12.57 -2.34
CA GLY A 108 -21.57 12.35 -2.22
C GLY A 108 -22.33 12.40 -3.54
N ASN A 109 -21.91 13.32 -4.41
CA ASN A 109 -22.51 13.50 -5.73
C ASN A 109 -21.92 12.61 -6.86
N GLY A 110 -20.84 11.88 -6.54
CA GLY A 110 -20.19 10.98 -7.49
C GLY A 110 -19.07 11.67 -8.26
N GLN A 111 -18.83 12.95 -7.97
CA GLN A 111 -17.78 13.72 -8.61
C GLN A 111 -16.47 13.61 -7.85
N PRO A 112 -15.34 13.44 -8.59
CA PRO A 112 -14.07 13.20 -7.93
C PRO A 112 -13.58 14.43 -7.21
N LEU A 113 -12.97 14.21 -6.03
CA LEU A 113 -12.42 15.31 -5.22
C LEU A 113 -11.11 15.77 -5.81
N ILE A 114 -10.84 17.06 -5.66
CA ILE A 114 -9.64 17.68 -6.20
C ILE A 114 -8.96 18.49 -5.12
N GLY A 115 -7.63 18.54 -5.14
CA GLY A 115 -6.87 19.30 -4.12
C GLY A 115 -6.71 18.55 -2.80
N LEU A 116 -6.31 19.29 -1.77
CA LEU A 116 -6.09 18.70 -0.45
C LEU A 116 -7.41 18.24 0.17
N GLN A 117 -7.42 17.06 0.78
CA GLN A 117 -8.64 16.49 1.34
C GLN A 117 -8.33 15.61 2.51
N THR A 118 -9.23 15.55 3.48
CA THR A 118 -9.07 14.63 4.59
C THR A 118 -10.14 13.56 4.50
N ILE A 119 -9.77 12.29 4.51
CA ILE A 119 -10.72 11.16 4.39
C ILE A 119 -10.39 10.09 5.43
N ASP A 120 -11.41 9.55 6.11
CA ASP A 120 -11.19 8.66 7.28
C ASP A 120 -10.08 9.21 8.18
N GLY A 121 -10.02 10.54 8.33
CA GLY A 121 -8.94 11.21 9.08
C GLY A 121 -7.54 11.17 8.45
N ASN A 122 -7.46 10.85 7.16
CA ASN A 122 -6.19 10.81 6.42
C ASN A 122 -6.13 12.02 5.50
N LEU A 123 -4.99 12.69 5.51
CA LEU A 123 -4.75 13.80 4.60
C LEU A 123 -4.24 13.27 3.26
N GLN A 124 -4.87 13.68 2.17
CA GLN A 124 -4.48 13.24 0.82
C GLN A 124 -4.54 14.39 -0.20
N TYR A 125 -3.83 14.24 -1.33
CA TYR A 125 -3.83 15.27 -2.38
C TYR A 125 -4.30 14.72 -3.72
N PHE A 126 -5.01 15.55 -4.47
CA PHE A 126 -5.52 15.17 -5.79
C PHE A 126 -5.20 16.23 -6.85
N ASN A 127 -4.67 15.79 -8.00
CA ASN A 127 -4.35 16.74 -9.07
C ASN A 127 -5.63 17.30 -9.69
N GLN A 128 -5.48 18.27 -10.60
CA GLN A 128 -6.65 18.94 -11.18
C GLN A 128 -7.57 18.04 -12.01
N GLN A 129 -7.09 16.86 -12.39
CA GLN A 129 -7.93 15.86 -13.08
C GLN A 129 -8.58 14.85 -12.14
N GLY A 130 -8.39 15.06 -10.82
CA GLY A 130 -9.00 14.20 -9.79
C GLY A 130 -8.18 13.00 -9.35
N VAL A 131 -6.95 12.89 -9.85
CA VAL A 131 -6.11 11.71 -9.64
C VAL A 131 -5.36 11.83 -8.31
N GLN A 132 -5.19 10.71 -7.61
CA GLN A 132 -4.54 10.72 -6.30
C GLN A 132 -3.04 10.61 -6.41
N ILE A 133 -2.35 11.57 -5.81
CA ILE A 133 -0.90 11.54 -5.70
C ILE A 133 -0.48 10.52 -4.63
N LYS A 134 0.41 9.63 -5.06
CA LYS A 134 0.99 8.59 -4.22
C LYS A 134 2.49 8.52 -4.49
N GLY A 135 3.27 8.43 -3.42
CA GLY A 135 4.72 8.28 -3.56
C GLY A 135 5.41 9.51 -4.11
N GLY A 136 5.12 10.68 -3.55
CA GLY A 136 5.81 11.88 -3.99
C GLY A 136 5.53 13.11 -3.16
N PHE A 137 6.40 14.10 -3.34
CA PHE A 137 6.22 15.40 -2.72
C PHE A 137 5.23 16.24 -3.53
N GLN A 138 4.73 17.31 -2.92
CA GLN A 138 3.64 18.06 -3.50
C GLN A 138 3.50 19.39 -2.82
N ASP A 139 3.62 20.49 -3.55
CA ASP A 139 3.46 21.80 -2.93
C ASP A 139 2.01 22.21 -2.99
N VAL A 140 1.35 22.10 -1.84
CA VAL A 140 -0.05 22.46 -1.69
C VAL A 140 -0.18 23.33 -0.44
N ASN A 141 -0.98 24.37 -0.53
CA ASN A 141 -1.20 25.28 0.59
C ASN A 141 0.05 25.89 1.20
N ASN A 142 0.99 26.32 0.35
CA ASN A 142 2.21 27.01 0.79
C ASN A 142 3.07 26.16 1.75
N LYS A 143 3.08 24.86 1.53
CA LYS A 143 3.79 23.89 2.35
C LYS A 143 4.14 22.74 1.43
N ARG A 144 5.20 22.00 1.73
CA ARG A 144 5.50 20.82 0.94
C ARG A 144 5.19 19.54 1.69
N ILE A 145 4.46 18.61 1.09
CA ILE A 145 4.03 17.40 1.79
C ILE A 145 4.32 16.15 1.00
N TYR A 146 4.86 15.13 1.66
CA TYR A 146 5.06 13.84 1.03
C TYR A 146 3.84 12.95 1.28
N PHE A 147 3.40 12.24 0.25
CA PHE A 147 2.25 11.34 0.32
C PHE A 147 2.70 9.95 0.02
N ALA A 148 2.22 9.00 0.83
CA ALA A 148 2.77 7.65 0.89
C ALA A 148 2.50 6.82 -0.38
N PRO A 149 3.40 5.86 -0.69
CA PRO A 149 3.34 5.01 -1.86
C PRO A 149 2.00 4.36 -2.17
N ASN A 150 1.35 3.78 -1.17
CA ASN A 150 0.14 3.01 -1.48
C ASN A 150 -1.14 3.56 -0.91
N THR A 151 -1.06 4.07 0.29
CA THR A 151 -2.20 4.69 0.91
C THR A 151 -2.39 6.08 0.32
N GLY A 152 -1.26 6.75 0.08
CA GLY A 152 -1.27 8.14 -0.38
C GLY A 152 -1.51 9.07 0.79
N ASN A 153 -1.32 8.57 2.01
CA ASN A 153 -1.51 9.38 3.22
C ASN A 153 -0.29 10.27 3.53
N ALA A 154 -0.55 11.45 4.09
CA ALA A 154 0.52 12.38 4.39
C ALA A 154 1.40 11.78 5.48
N VAL A 155 2.72 11.85 5.27
CA VAL A 155 3.71 11.39 6.25
C VAL A 155 5.00 12.18 6.15
N ALA A 156 5.76 12.12 7.22
CA ALA A 156 7.07 12.74 7.24
C ALA A 156 8.00 12.07 6.23
N ASN A 157 8.88 12.86 5.64
CA ASN A 157 9.88 12.33 4.75
C ASN A 157 11.04 13.30 4.65
N THR A 158 12.12 12.80 4.08
CA THR A 158 13.33 13.59 3.87
C THR A 158 13.65 13.63 2.40
N GLU A 159 14.18 14.77 1.98
CA GLU A 159 14.68 14.91 0.63
C GLU A 159 16.02 15.63 0.72
N ILE A 160 16.81 15.53 -0.34
CA ILE A 160 18.14 16.14 -0.35
C ILE A 160 18.09 17.49 -1.13
N ILE A 161 18.20 18.60 -0.39
CA ILE A 161 18.18 19.95 -0.96
C ILE A 161 19.64 20.43 -1.05
N ASN A 162 20.05 20.93 -2.21
CA ASN A 162 21.48 21.10 -2.50
C ASN A 162 22.16 19.73 -2.28
N GLY A 163 23.18 19.68 -1.43
CA GLY A 163 23.81 18.42 -1.06
C GLY A 163 23.50 17.95 0.35
N LYS A 164 22.60 18.65 1.05
CA LYS A 164 22.29 18.38 2.46
C LYS A 164 20.89 17.75 2.62
N LEU A 165 20.79 16.62 3.33
CA LEU A 165 19.49 16.02 3.64
C LEU A 165 18.66 17.01 4.49
N GLN A 166 17.36 17.13 4.15
CA GLN A 166 16.42 17.98 4.89
C GLN A 166 15.23 17.14 5.26
N GLY A 167 14.50 17.60 6.26
CA GLY A 167 13.40 16.81 6.79
C GLY A 167 12.11 17.57 6.65
N ARG A 168 11.07 16.80 6.31
CA ARG A 168 9.74 17.34 6.10
C ARG A 168 8.78 16.55 6.96
N ASP A 169 7.91 17.23 7.70
CA ASP A 169 6.92 16.53 8.54
C ASP A 169 5.62 16.24 7.78
N ALA A 170 4.61 15.76 8.50
CA ALA A 170 3.32 15.36 7.89
C ALA A 170 2.51 16.54 7.40
N ASN A 171 2.68 17.69 8.03
CA ASN A 171 1.94 18.89 7.64
C ASN A 171 2.62 19.71 6.53
N GLY A 172 3.79 19.22 6.08
CA GLY A 172 4.53 19.89 4.99
C GLY A 172 5.51 20.96 5.43
N ASN A 173 5.62 21.18 6.75
CA ASN A 173 6.61 22.08 7.31
C ASN A 173 7.97 21.40 7.46
N GLN A 174 9.03 22.14 7.14
CA GLN A 174 10.39 21.67 7.37
C GLN A 174 10.63 21.56 8.86
N VAL A 175 11.43 20.56 9.25
CA VAL A 175 11.69 20.28 10.68
C VAL A 175 13.01 20.88 11.16
N LYS A 176 12.89 21.56 12.29
CA LYS A 176 13.97 22.25 12.97
C LYS A 176 13.88 21.84 14.44
N ASN A 177 15.02 21.55 15.06
CA ASN A 177 15.08 21.18 16.48
C ASN A 177 14.08 20.06 16.82
N ALA A 178 14.24 18.92 16.17
CA ALA A 178 13.41 17.75 16.47
C ALA A 178 13.81 16.51 15.65
N PHE A 179 13.28 15.38 16.12
CA PHE A 179 13.38 14.11 15.44
C PHE A 179 12.28 14.04 14.42
N SER A 180 12.59 13.49 13.24
CA SER A 180 11.59 13.26 12.18
C SER A 180 11.97 12.04 11.36
N LYS A 181 10.99 11.29 10.88
CA LYS A 181 11.31 10.08 10.09
C LYS A 181 11.39 10.30 8.58
N ASP A 182 11.80 9.24 7.87
CA ASP A 182 11.62 9.12 6.42
C ASP A 182 10.76 7.87 6.12
N VAL A 183 10.30 7.77 4.87
CA VAL A 183 9.39 6.69 4.49
C VAL A 183 9.95 5.31 4.79
N ALA A 184 11.25 5.14 4.57
CA ALA A 184 11.88 3.83 4.79
C ALA A 184 11.75 3.35 6.26
N GLY A 185 11.75 4.30 7.19
CA GLY A 185 11.62 3.99 8.62
C GLY A 185 12.71 4.58 9.50
N ASN A 186 13.72 5.22 8.90
CA ASN A 186 14.85 5.80 9.64
C ASN A 186 14.48 7.09 10.32
N THR A 187 14.95 7.27 11.56
CA THR A 187 14.75 8.51 12.26
C THR A 187 16.02 9.33 12.20
N PHE A 188 15.86 10.64 12.06
CA PHE A 188 16.98 11.59 12.06
C PHE A 188 16.67 12.64 13.09
N TYR A 189 17.66 13.45 13.40
CA TYR A 189 17.42 14.62 14.24
C TYR A 189 17.90 15.81 13.45
N PHE A 190 17.13 16.91 13.48
CA PHE A 190 17.51 18.09 12.73
C PHE A 190 17.63 19.26 13.67
N ASP A 191 18.73 20.01 13.55
CA ASP A 191 19.05 21.10 14.49
C ASP A 191 18.29 22.39 14.16
N ALA A 192 18.56 23.45 14.93
CA ALA A 192 17.92 24.77 14.71
C ALA A 192 18.06 25.30 13.29
N ASN A 193 19.21 25.04 12.65
CA ASN A 193 19.41 25.45 11.26
C ASN A 193 18.89 24.44 10.22
N GLY A 194 18.10 23.45 10.65
CA GLY A 194 17.46 22.47 9.74
C GLY A 194 18.31 21.30 9.29
N VAL A 195 19.60 21.31 9.63
CA VAL A 195 20.58 20.33 9.12
C VAL A 195 20.57 19.10 10.01
N MET A 196 20.65 17.93 9.36
CA MET A 196 20.63 16.64 10.06
C MET A 196 21.86 16.48 10.93
N LEU A 197 21.69 15.89 12.10
CA LEU A 197 22.81 15.65 13.00
C LEU A 197 23.35 14.23 12.86
N THR A 198 24.62 14.11 13.28
CA THR A 198 25.43 12.89 13.20
C THR A 198 26.14 12.64 14.54
N GLY A 199 26.55 11.39 14.75
CA GLY A 199 27.27 11.02 15.97
C GLY A 199 26.49 11.10 17.28
N LEU A 200 27.22 11.12 18.36
CA LEU A 200 26.62 11.07 19.69
C LEU A 200 26.06 12.44 20.06
N GLN A 201 24.77 12.49 20.43
CA GLN A 201 24.11 13.78 20.74
C GLN A 201 23.25 13.75 21.99
N THR A 202 23.39 14.75 22.84
CA THR A 202 22.60 14.86 24.06
C THR A 202 21.54 15.87 23.84
N ILE A 203 20.30 15.48 23.95
CA ILE A 203 19.20 16.43 23.82
C ILE A 203 18.13 16.16 24.89
N SER A 204 17.55 17.23 25.44
CA SER A 204 16.56 17.14 26.54
C SER A 204 17.02 16.27 27.71
N GLY A 205 18.28 16.40 28.10
CA GLY A 205 18.83 15.60 29.19
C GLY A 205 18.94 14.10 28.93
N LYS A 206 18.95 13.70 27.66
CA LYS A 206 19.15 12.31 27.26
C LYS A 206 20.11 12.21 26.06
N THR A 207 20.80 11.08 25.94
CA THR A 207 21.82 10.89 24.92
C THR A 207 21.44 9.81 23.88
N TYR A 208 21.58 10.18 22.62
CA TYR A 208 21.23 9.34 21.49
C TYR A 208 22.47 9.15 20.63
N TYR A 209 22.53 8.03 19.91
CA TYR A 209 23.62 7.77 18.99
C TYR A 209 23.11 7.72 17.58
N LEU A 210 23.58 8.64 16.77
CA LEU A 210 23.25 8.65 15.36
C LEU A 210 24.47 8.22 14.58
N ASP A 211 24.30 7.29 13.64
CA ASP A 211 25.43 6.78 12.90
C ASP A 211 25.88 7.81 11.85
N GLU A 212 26.90 7.47 11.06
CA GLU A 212 27.43 8.34 9.99
C GLU A 212 26.32 8.87 9.05
N GLN A 213 25.36 7.98 8.71
CA GLN A 213 24.22 8.31 7.84
C GLN A 213 23.15 9.18 8.52
N GLY A 214 23.28 9.41 9.83
CA GLY A 214 22.33 10.21 10.59
C GLY A 214 21.14 9.41 11.14
N HIS A 215 21.22 8.09 11.01
CA HIS A 215 20.19 7.17 11.49
C HIS A 215 20.30 7.00 13.00
N LEU A 216 19.18 7.19 13.68
CA LEU A 216 19.09 6.96 15.12
C LEU A 216 19.15 5.47 15.35
N ARG A 217 20.07 5.02 16.20
CA ARG A 217 20.28 3.60 16.47
C ARG A 217 19.60 3.16 17.76
N LYS A 218 18.71 2.18 17.65
CA LYS A 218 17.99 1.67 18.80
C LYS A 218 18.40 0.24 19.05
N ASN A 219 18.33 -0.19 20.31
CA ASN A 219 18.82 -1.50 20.74
C ASN A 219 20.26 -1.74 20.25
N TYR A 220 21.13 -0.83 20.67
CA TYR A 220 22.52 -0.74 20.18
C TYR A 220 23.41 -0.58 21.40
N ALA A 221 24.37 -1.49 21.54
CA ALA A 221 25.34 -1.39 22.62
C ALA A 221 26.68 -0.94 22.06
N GLY A 222 27.32 -0.04 22.76
CA GLY A 222 28.71 0.25 22.44
C GLY A 222 29.38 1.19 23.41
N THR A 223 30.71 1.28 23.31
CA THR A 223 31.47 2.16 24.19
C THR A 223 31.59 3.49 23.51
N PHE A 224 30.75 4.43 23.91
CA PHE A 224 30.65 5.69 23.18
C PHE A 224 31.49 6.79 23.86
N ASN A 225 31.39 6.94 25.19
CA ASN A 225 32.26 7.90 25.92
C ASN A 225 33.61 7.26 26.35
N ASN A 226 34.10 6.31 25.54
CA ASN A 226 35.07 5.30 25.99
C ASN A 226 34.59 4.57 27.30
N GLN A 227 33.28 4.62 27.52
CA GLN A 227 32.56 4.02 28.65
C GLN A 227 31.30 3.40 28.09
N PHE A 228 30.93 2.23 28.58
CA PHE A 228 29.82 1.48 27.99
C PHE A 228 28.52 2.26 27.99
N MET A 229 27.71 2.08 26.96
CA MET A 229 26.40 2.73 26.86
C MET A 229 25.46 1.91 25.98
N TYR A 230 24.29 1.53 26.51
CA TYR A 230 23.28 0.81 25.76
C TYR A 230 22.14 1.73 25.36
N PHE A 231 21.84 1.80 24.07
CA PHE A 231 20.75 2.66 23.55
C PHE A 231 19.41 1.94 23.41
N ASP A 232 18.44 2.48 24.14
CA ASP A 232 17.09 1.94 24.29
C ASP A 232 16.48 1.34 23.03
N ALA A 233 15.75 0.24 23.17
CA ALA A 233 14.96 -0.30 22.05
C ALA A 233 13.72 0.56 21.71
N ASP A 234 13.16 1.24 22.72
CA ASP A 234 12.02 2.18 22.50
C ASP A 234 12.38 3.46 21.77
N THR A 235 13.22 4.28 22.39
CA THR A 235 13.51 5.62 21.86
C THR A 235 14.95 5.85 21.46
N GLY A 236 15.82 4.89 21.71
CA GLY A 236 17.25 5.09 21.44
C GLY A 236 18.02 5.86 22.49
N ALA A 237 17.41 6.06 23.64
CA ALA A 237 18.03 6.84 24.71
C ALA A 237 19.04 6.01 25.48
N GLY A 238 20.23 6.57 25.64
CA GLY A 238 21.38 5.88 26.26
C GLY A 238 21.21 5.66 27.75
N LYS A 239 21.35 4.41 28.18
CA LYS A 239 21.38 4.08 29.60
C LYS A 239 22.80 3.61 29.83
N THR A 240 23.26 3.65 31.07
CA THR A 240 24.61 3.19 31.37
C THR A 240 24.65 1.68 31.58
N ALA A 241 23.46 1.07 31.71
CA ALA A 241 23.29 -0.38 31.90
C ALA A 241 24.04 -0.88 33.10
N ILE A 242 24.08 -0.02 34.13
CA ILE A 242 24.77 -0.26 35.38
C ILE A 242 23.76 -0.76 36.41
N GLU A 243 22.57 -0.16 36.41
CA GLU A 243 21.48 -0.62 37.26
C GLU A 243 20.95 -1.98 36.87
N TYR A 244 20.87 -2.88 37.81
CA TYR A 244 20.20 -4.14 37.57
C TYR A 244 18.72 -3.90 37.25
N GLN A 245 18.19 -4.58 36.24
CA GLN A 245 16.79 -4.44 35.82
C GLN A 245 15.86 -5.53 36.36
N PHE A 246 16.40 -6.51 37.05
CA PHE A 246 15.54 -7.50 37.68
C PHE A 246 14.91 -6.85 38.90
N ASP A 247 13.63 -7.13 39.10
CA ASP A 247 12.82 -6.46 40.12
C ASP A 247 12.42 -7.43 41.25
N GLN A 248 13.10 -8.58 41.34
CA GLN A 248 12.77 -9.59 42.33
C GLN A 248 13.98 -10.01 43.20
N GLY A 249 14.00 -9.54 44.45
CA GLY A 249 15.09 -9.85 45.40
C GLY A 249 14.82 -11.21 46.00
N LEU A 250 15.78 -11.76 46.73
CA LEU A 250 15.63 -13.12 47.24
C LEU A 250 14.57 -13.09 48.31
N VAL A 251 13.52 -13.88 48.15
CA VAL A 251 12.47 -13.95 49.17
C VAL A 251 12.10 -15.35 49.51
N SER A 252 11.61 -15.54 50.73
CA SER A 252 11.29 -16.85 51.20
C SER A 252 9.84 -17.04 50.95
N GLN A 253 9.45 -18.25 50.64
CA GLN A 253 8.10 -18.47 50.26
C GLN A 253 7.33 -19.19 51.33
N SER A 254 8.04 -19.82 52.24
CA SER A 254 7.37 -20.65 53.22
C SER A 254 6.59 -19.79 54.18
N ASN A 255 5.43 -20.30 54.59
CA ASN A 255 4.53 -19.60 55.49
C ASN A 255 3.61 -20.62 56.16
N GLU A 256 2.51 -20.17 56.77
CA GLU A 256 1.63 -21.06 57.54
C GLU A 256 0.91 -22.08 56.68
N ASN A 257 0.80 -21.84 55.40
CA ASN A 257 0.15 -22.79 54.54
C ASN A 257 1.07 -23.85 53.95
N THR A 258 2.38 -23.62 53.99
CA THR A 258 3.31 -24.54 53.36
C THR A 258 3.16 -25.98 53.85
N PRO A 259 3.16 -26.22 55.16
CA PRO A 259 3.05 -27.61 55.60
C PRO A 259 1.70 -28.26 55.28
N HIS A 260 0.66 -27.46 55.08
CA HIS A 260 -0.63 -28.00 54.70
C HIS A 260 -0.63 -28.42 53.24
N ASN A 261 -0.13 -27.57 52.38
CA ASN A 261 -0.12 -27.85 50.95
C ASN A 261 1.00 -28.77 50.49
N ALA A 262 1.96 -29.07 51.35
CA ALA A 262 3.02 -29.98 50.98
C ALA A 262 2.47 -31.34 50.65
N ALA A 263 3.21 -32.08 49.87
CA ALA A 263 2.77 -33.37 49.44
C ALA A 263 2.72 -34.27 50.64
N LYS A 264 1.67 -35.10 50.69
CA LYS A 264 1.53 -36.19 51.67
C LYS A 264 2.67 -37.19 51.60
N SER A 265 3.15 -37.44 50.40
CA SER A 265 4.09 -38.50 50.13
C SER A 265 4.94 -38.12 48.93
N TYR A 266 6.19 -38.60 48.85
CA TYR A 266 7.04 -38.33 47.67
C TYR A 266 7.17 -39.54 46.74
N ASP A 267 6.05 -39.91 46.13
CA ASP A 267 5.96 -41.13 45.34
C ASP A 267 4.70 -41.17 44.49
N LYS A 268 4.49 -42.29 43.80
CA LYS A 268 3.40 -42.39 42.84
C LYS A 268 2.01 -42.39 43.49
N SER A 269 1.91 -42.66 44.79
CA SER A 269 0.61 -42.56 45.48
C SER A 269 0.05 -41.17 45.42
N SER A 270 0.89 -40.21 45.79
CA SER A 270 0.47 -38.86 45.99
C SER A 270 0.66 -37.98 44.77
N PHE A 271 1.25 -38.53 43.71
CA PHE A 271 1.48 -37.78 42.47
C PHE A 271 1.03 -38.48 41.17
N GLU A 272 0.13 -37.85 40.43
CA GLU A 272 -0.20 -38.34 39.08
C GLU A 272 1.01 -38.14 38.20
N ASN A 273 1.44 -39.19 37.51
CA ASN A 273 2.70 -39.14 36.78
C ASN A 273 2.72 -40.02 35.56
N VAL A 274 3.80 -39.93 34.80
CA VAL A 274 4.10 -40.83 33.71
C VAL A 274 5.52 -41.20 33.93
N ASP A 275 5.77 -42.49 34.05
CA ASP A 275 7.12 -43.03 34.24
C ASP A 275 7.90 -42.29 35.32
N GLY A 276 7.19 -41.83 36.34
CA GLY A 276 7.81 -41.10 37.43
C GLY A 276 7.80 -39.58 37.30
N TYR A 277 7.73 -39.08 36.07
CA TYR A 277 7.85 -37.67 35.85
C TYR A 277 6.51 -36.95 36.07
N LEU A 278 6.56 -35.62 36.19
CA LEU A 278 5.33 -34.83 36.39
C LEU A 278 5.01 -34.04 35.15
N THR A 279 3.75 -33.64 35.05
CA THR A 279 3.24 -32.88 33.91
C THR A 279 2.51 -31.64 34.39
N ALA A 280 2.23 -30.74 33.48
CA ALA A 280 1.58 -29.51 33.82
C ALA A 280 0.23 -29.75 34.46
N ASP A 281 -0.46 -30.81 34.04
CA ASP A 281 -1.80 -31.11 34.54
C ASP A 281 -1.79 -32.25 35.55
N THR A 282 -0.62 -32.56 36.09
CA THR A 282 -0.52 -33.39 37.28
C THR A 282 -1.35 -32.81 38.40
N TRP A 283 -2.03 -33.72 39.09
CA TRP A 283 -2.66 -33.47 40.37
C TRP A 283 -1.92 -34.31 41.42
N TYR A 284 -1.91 -33.80 42.65
CA TYR A 284 -1.21 -34.45 43.75
C TYR A 284 -2.05 -34.42 45.00
N ARG A 285 -1.59 -35.13 46.04
CA ARG A 285 -2.30 -35.22 47.31
C ARG A 285 -1.67 -34.35 48.37
N PRO A 286 -2.27 -33.21 48.72
CA PRO A 286 -1.64 -32.39 49.76
C PRO A 286 -1.81 -33.00 51.10
N THR A 287 -0.91 -32.69 52.02
CA THR A 287 -1.01 -33.23 53.36
C THR A 287 -2.42 -32.96 53.93
N ASP A 288 -2.84 -31.70 53.82
CA ASP A 288 -4.13 -31.25 54.30
C ASP A 288 -4.90 -30.47 53.22
N ILE A 289 -6.19 -30.34 53.48
CA ILE A 289 -7.11 -29.73 52.57
C ILE A 289 -7.86 -28.62 53.28
N LEU A 290 -7.88 -27.43 52.69
CA LEU A 290 -8.66 -26.31 53.21
C LEU A 290 -10.13 -26.51 52.82
N LYS A 291 -10.81 -27.48 53.43
CA LYS A 291 -12.16 -27.79 52.98
C LYS A 291 -13.02 -26.56 53.12
N ASN A 292 -13.79 -26.29 52.07
CA ASN A 292 -14.75 -25.19 52.05
C ASN A 292 -14.11 -23.81 52.25
N GLY A 293 -12.78 -23.74 52.22
CA GLY A 293 -12.06 -22.53 52.57
C GLY A 293 -12.06 -22.18 54.06
N ASP A 294 -12.36 -23.13 54.94
CA ASP A 294 -12.55 -22.82 56.37
C ASP A 294 -11.54 -23.50 57.23
N THR A 295 -11.56 -24.83 57.16
CA THR A 295 -10.81 -25.62 58.10
C THR A 295 -9.93 -26.59 57.36
N TRP A 296 -8.67 -26.60 57.77
CA TRP A 296 -7.70 -27.53 57.29
C TRP A 296 -8.05 -28.89 57.84
N THR A 297 -8.13 -29.87 56.96
CA THR A 297 -8.39 -31.24 57.39
C THR A 297 -7.44 -32.18 56.64
N ALA A 298 -7.01 -33.25 57.32
CA ALA A 298 -6.13 -34.24 56.73
C ALA A 298 -6.76 -34.73 55.45
N SER A 299 -5.93 -35.09 54.48
CA SER A 299 -6.41 -35.50 53.18
C SER A 299 -6.50 -37.00 53.02
N THR A 300 -7.64 -37.45 52.50
CA THR A 300 -7.88 -38.85 52.16
C THR A 300 -7.21 -39.15 50.81
N GLU A 301 -6.98 -40.42 50.52
CA GLU A 301 -6.39 -40.82 49.24
C GLU A 301 -7.17 -40.30 48.03
N THR A 302 -8.49 -40.27 48.11
CA THR A 302 -9.27 -39.82 46.96
C THR A 302 -9.06 -38.33 46.70
N ASP A 303 -8.87 -37.54 47.75
CA ASP A 303 -8.58 -36.10 47.58
C ASP A 303 -7.29 -35.88 46.81
N MET A 304 -7.38 -35.10 45.74
CA MET A 304 -6.26 -34.83 44.87
C MET A 304 -6.47 -33.43 44.38
N ARG A 305 -5.40 -32.69 44.22
CA ARG A 305 -5.51 -31.31 43.85
C ARG A 305 -4.49 -31.03 42.77
N PRO A 306 -4.78 -30.05 41.92
CA PRO A 306 -3.85 -29.72 40.86
C PRO A 306 -2.58 -29.10 41.37
N LEU A 307 -1.45 -29.56 40.84
CA LEU A 307 -0.16 -29.01 41.17
C LEU A 307 -0.14 -27.49 40.96
N LEU A 308 -0.84 -27.02 39.93
CA LEU A 308 -0.85 -25.58 39.64
C LEU A 308 -1.61 -24.70 40.63
N MET A 309 -2.30 -25.34 41.59
CA MET A 309 -2.97 -24.61 42.68
C MET A 309 -1.95 -24.07 43.65
N THR A 310 -0.79 -24.73 43.68
CA THR A 310 0.23 -24.55 44.70
C THR A 310 1.64 -24.27 44.17
N TRP A 311 1.96 -24.70 42.96
CA TRP A 311 3.31 -24.52 42.43
C TRP A 311 3.26 -24.07 40.96
N TRP A 312 4.30 -23.37 40.51
CA TRP A 312 4.39 -22.88 39.14
C TRP A 312 5.83 -22.97 38.69
N PRO A 313 6.07 -23.18 37.40
CA PRO A 313 7.45 -23.27 36.91
C PRO A 313 8.21 -21.95 36.93
N ASP A 314 7.50 -20.84 36.92
CA ASP A 314 8.09 -19.49 36.85
C ASP A 314 6.99 -18.43 37.13
N LYS A 315 7.37 -17.18 37.29
CA LYS A 315 6.37 -16.18 37.64
C LYS A 315 5.44 -15.84 36.49
N GLN A 316 5.93 -15.87 35.26
CA GLN A 316 5.07 -15.62 34.10
C GLN A 316 3.87 -16.56 34.13
N THR A 317 4.15 -17.84 34.28
CA THR A 317 3.12 -18.84 34.32
C THR A 317 2.24 -18.65 35.53
N GLN A 318 2.83 -18.36 36.68
CA GLN A 318 2.03 -18.12 37.88
C GLN A 318 1.06 -16.97 37.65
N ALA A 319 1.54 -15.90 37.05
CA ALA A 319 0.71 -14.74 36.86
C ALA A 319 -0.42 -15.07 35.91
N ASN A 320 -0.13 -15.92 34.94
CA ASN A 320 -1.13 -16.25 33.94
C ASN A 320 -2.20 -17.13 34.54
N TYR A 321 -1.79 -18.07 35.38
CA TYR A 321 -2.73 -18.92 36.09
C TYR A 321 -3.67 -18.05 36.92
N LEU A 322 -3.13 -17.08 37.63
CA LEU A 322 -3.94 -16.23 38.49
C LEU A 322 -4.94 -15.42 37.68
N ASN A 323 -4.50 -14.84 36.59
CA ASN A 323 -5.38 -14.07 35.76
C ASN A 323 -6.48 -14.92 35.13
N PHE A 324 -6.13 -16.13 34.71
CA PHE A 324 -7.07 -17.04 34.07
C PHE A 324 -8.15 -17.49 35.05
N MET A 325 -7.75 -17.91 36.24
CA MET A 325 -8.70 -18.41 37.24
C MET A 325 -9.60 -17.29 37.76
N SER A 326 -9.02 -16.12 37.97
CA SER A 326 -9.78 -14.91 38.27
C SER A 326 -10.94 -14.68 37.28
N SER A 327 -10.66 -14.85 35.99
CA SER A 327 -11.62 -14.59 34.93
C SER A 327 -12.80 -15.51 34.97
N LYS A 328 -12.66 -16.62 35.68
CA LYS A 328 -13.70 -17.62 35.76
C LYS A 328 -14.50 -17.53 37.03
N GLY A 329 -14.47 -16.38 37.68
CA GLY A 329 -15.32 -16.14 38.83
C GLY A 329 -14.69 -16.56 40.14
N LEU A 330 -13.40 -16.79 40.14
CA LEU A 330 -12.74 -17.24 41.35
C LEU A 330 -12.12 -16.15 42.20
N GLY A 331 -12.05 -14.95 41.70
CA GLY A 331 -11.66 -13.88 42.57
C GLY A 331 -11.70 -12.58 41.86
N ILE A 332 -11.08 -11.61 42.51
CA ILE A 332 -10.90 -10.30 41.94
C ILE A 332 -10.15 -10.54 40.64
N THR A 333 -10.71 -10.07 39.53
CA THR A 333 -10.04 -10.23 38.25
C THR A 333 -8.81 -9.35 38.26
N THR A 334 -7.69 -9.93 37.86
CA THR A 334 -6.41 -9.30 38.06
C THR A 334 -5.62 -9.26 36.78
N THR A 335 -4.84 -8.20 36.64
CA THR A 335 -3.82 -8.11 35.62
C THR A 335 -2.50 -8.31 36.30
N TYR A 336 -2.02 -9.51 36.34
CA TYR A 336 -0.72 -9.74 36.93
C TYR A 336 0.31 -10.03 35.85
N THR A 337 1.56 -9.66 36.09
CA THR A 337 2.64 -9.92 35.17
C THR A 337 3.71 -10.67 35.90
N ALA A 338 4.69 -11.17 35.15
CA ALA A 338 5.90 -11.71 35.73
C ALA A 338 6.65 -10.67 36.54
N ALA A 339 6.45 -9.39 36.24
CA ALA A 339 7.07 -8.34 37.02
C ALA A 339 6.49 -8.15 38.42
N THR A 340 5.25 -8.61 38.62
CA THR A 340 4.58 -8.54 39.92
C THR A 340 5.45 -9.25 40.96
N SER A 341 5.46 -8.76 42.20
CA SER A 341 6.31 -9.36 43.22
C SER A 341 5.86 -10.78 43.53
N GLN A 342 6.82 -11.59 43.92
CA GLN A 342 6.55 -12.99 44.19
C GLN A 342 5.56 -13.14 45.32
N LYS A 343 5.72 -12.30 46.34
CA LYS A 343 4.92 -12.38 47.55
C LYS A 343 3.47 -12.12 47.17
N THR A 344 3.25 -11.11 46.31
CA THR A 344 1.89 -10.76 45.91
C THR A 344 1.25 -11.91 45.18
N LEU A 345 1.99 -12.52 44.27
CA LEU A 345 1.43 -13.60 43.47
C LEU A 345 1.05 -14.77 44.36
N ASN A 346 1.93 -15.08 45.30
CA ASN A 346 1.68 -16.20 46.22
C ASN A 346 0.45 -15.97 47.09
N ASP A 347 0.29 -14.74 47.57
CA ASP A 347 -0.90 -14.36 48.36
C ASP A 347 -2.15 -14.52 47.51
N ALA A 348 -2.04 -14.13 46.26
CA ALA A 348 -3.17 -14.16 45.36
C ALA A 348 -3.50 -15.59 45.00
N ALA A 349 -2.48 -16.45 44.96
CA ALA A 349 -2.72 -17.85 44.68
C ALA A 349 -3.52 -18.46 45.81
N PHE A 350 -3.26 -18.03 47.04
CA PHE A 350 -4.00 -18.56 48.17
C PHE A 350 -5.46 -18.11 48.22
N VAL A 351 -5.73 -16.86 47.89
CA VAL A 351 -7.14 -16.42 47.82
C VAL A 351 -7.86 -17.20 46.73
N ILE A 352 -7.15 -17.56 45.65
CA ILE A 352 -7.74 -18.39 44.61
C ILE A 352 -7.94 -19.80 45.16
N GLN A 353 -6.98 -20.30 45.95
CA GLN A 353 -7.11 -21.64 46.50
C GLN A 353 -8.35 -21.71 47.37
N THR A 354 -8.52 -20.72 48.22
CA THR A 354 -9.71 -20.61 49.03
C THR A 354 -10.98 -20.72 48.14
N ALA A 355 -11.08 -19.81 47.18
CA ALA A 355 -12.23 -19.79 46.30
C ALA A 355 -12.46 -21.13 45.65
N ILE A 356 -11.38 -21.82 45.32
CA ILE A 356 -11.48 -23.12 44.67
C ILE A 356 -12.18 -24.11 45.58
N GLU A 357 -11.78 -24.15 46.84
CA GLU A 357 -12.32 -25.15 47.74
C GLU A 357 -13.79 -24.88 48.00
N GLN A 358 -14.19 -23.62 47.87
CA GLN A 358 -15.59 -23.23 48.04
C GLN A 358 -16.46 -23.72 46.90
N GLN A 359 -15.98 -23.61 45.68
CA GLN A 359 -16.72 -24.13 44.53
C GLN A 359 -16.66 -25.66 44.46
N ILE A 360 -15.69 -26.27 45.15
CA ILE A 360 -15.65 -27.73 45.27
C ILE A 360 -16.74 -28.20 46.22
N SER A 361 -16.91 -27.50 47.33
CA SER A 361 -18.01 -27.80 48.25
C SER A 361 -19.37 -27.52 47.63
N LEU A 362 -19.47 -26.39 46.93
CA LEU A 362 -20.73 -25.98 46.30
C LEU A 362 -21.18 -26.98 45.24
N LYS A 363 -20.24 -27.39 44.36
CA LYS A 363 -20.54 -28.33 43.27
C LYS A 363 -20.42 -29.80 43.66
N LYS A 364 -19.78 -30.09 44.80
CA LYS A 364 -19.52 -31.46 45.25
C LYS A 364 -18.80 -32.31 44.19
N SER A 365 -17.89 -31.67 43.45
CA SER A 365 -17.22 -32.25 42.30
C SER A 365 -15.89 -31.53 42.08
N THR A 366 -14.95 -32.20 41.43
CA THR A 366 -13.73 -31.56 40.99
C THR A 366 -13.58 -31.59 39.48
N GLU A 367 -14.57 -32.11 38.76
CA GLU A 367 -14.44 -32.25 37.31
C GLU A 367 -14.40 -30.89 36.63
N TRP A 368 -15.14 -29.95 37.19
CA TRP A 368 -15.12 -28.57 36.70
C TRP A 368 -13.69 -28.01 36.74
N LEU A 369 -12.94 -28.39 37.77
CA LEU A 369 -11.56 -27.95 37.94
C LEU A 369 -10.62 -28.65 36.97
N ARG A 370 -10.81 -29.94 36.78
CA ARG A 370 -10.06 -30.71 35.76
C ARG A 370 -10.09 -29.99 34.42
N ASP A 371 -11.28 -29.54 34.05
CA ASP A 371 -11.49 -28.87 32.78
C ASP A 371 -10.86 -27.49 32.77
N ALA A 372 -10.94 -26.81 33.89
CA ALA A 372 -10.33 -25.49 33.99
C ALA A 372 -8.79 -25.57 33.84
N ILE A 373 -8.20 -26.55 34.49
CA ILE A 373 -6.76 -26.73 34.43
C ILE A 373 -6.36 -27.13 33.01
N ASP A 374 -7.04 -28.14 32.47
CA ASP A 374 -6.78 -28.58 31.11
C ASP A 374 -6.75 -27.42 30.13
N SER A 375 -7.77 -26.57 30.24
CA SER A 375 -7.91 -25.40 29.38
C SER A 375 -6.76 -24.47 29.54
N PHE A 376 -6.47 -24.16 30.79
CA PHE A 376 -5.43 -23.22 31.10
C PHE A 376 -4.09 -23.71 30.57
N VAL A 377 -3.82 -24.98 30.79
CA VAL A 377 -2.55 -25.55 30.40
C VAL A 377 -2.29 -25.35 28.93
N LYS A 378 -3.31 -25.52 28.10
CA LYS A 378 -3.13 -25.43 26.64
C LYS A 378 -2.96 -23.99 26.15
N THR A 379 -3.34 -23.04 27.00
CA THR A 379 -3.03 -21.62 26.84
C THR A 379 -1.55 -21.34 26.73
N GLN A 380 -0.73 -22.08 27.45
CA GLN A 380 0.66 -21.74 27.62
C GLN A 380 1.52 -22.37 26.53
N ALA A 381 2.35 -21.56 25.90
CA ALA A 381 3.16 -21.96 24.75
C ALA A 381 4.08 -23.14 25.07
N ASN A 382 4.64 -23.16 26.28
CA ASN A 382 5.45 -24.32 26.69
C ASN A 382 4.69 -25.62 26.79
N TRP A 383 3.37 -25.51 26.93
CA TRP A 383 2.47 -26.68 27.01
C TRP A 383 1.52 -26.86 25.83
N ASN A 384 1.89 -26.30 24.68
CA ASN A 384 1.15 -26.53 23.44
C ASN A 384 2.04 -26.54 22.21
N LYS A 385 1.46 -26.60 21.02
CA LYS A 385 2.25 -26.83 19.81
C LYS A 385 3.16 -25.69 19.39
N GLN A 386 2.99 -24.53 20.02
CA GLN A 386 3.77 -23.37 19.66
C GLN A 386 5.25 -23.62 19.91
N THR A 387 5.55 -24.45 20.91
CA THR A 387 6.93 -24.82 21.17
C THR A 387 7.35 -26.12 20.46
N GLU A 388 6.52 -26.59 19.54
CA GLU A 388 6.77 -27.84 18.80
C GLU A 388 7.19 -27.59 17.36
N ASP A 389 7.21 -26.33 16.95
CA ASP A 389 7.63 -25.93 15.60
C ASP A 389 6.87 -26.66 14.52
N GLU A 390 5.54 -26.64 14.62
CA GLU A 390 4.68 -27.16 13.56
C GLU A 390 5.20 -26.68 12.21
N ALA A 391 5.36 -27.60 11.26
CA ALA A 391 5.76 -27.31 9.88
C ALA A 391 5.02 -28.25 8.90
N PHE A 392 4.92 -27.84 7.65
CA PHE A 392 4.14 -28.63 6.69
C PHE A 392 4.88 -28.93 5.39
N ASP A 393 6.19 -28.77 5.34
CA ASP A 393 6.86 -29.02 4.09
C ASP A 393 7.29 -30.48 4.09
N GLY A 394 7.37 -31.07 2.91
CA GLY A 394 7.60 -32.50 2.76
C GLY A 394 6.44 -33.30 3.36
N LEU A 395 6.74 -34.52 3.79
CA LEU A 395 5.73 -35.40 4.37
C LEU A 395 5.15 -34.85 5.66
N GLN A 396 5.81 -33.84 6.24
CA GLN A 396 5.27 -33.10 7.39
C GLN A 396 3.92 -32.51 7.04
N TRP A 397 3.68 -32.30 5.74
CA TRP A 397 2.38 -31.87 5.23
C TRP A 397 1.23 -32.64 5.82
N LEU A 398 1.46 -33.90 6.15
CA LEU A 398 0.36 -34.76 6.54
C LEU A 398 -0.16 -34.41 7.88
N GLN A 399 0.74 -34.34 8.86
CA GLN A 399 0.35 -34.18 10.27
C GLN A 399 1.01 -33.08 11.12
N GLY A 400 1.90 -32.31 10.52
CA GLY A 400 2.40 -31.13 11.18
C GLY A 400 3.81 -31.23 11.71
N GLY A 401 4.46 -32.40 11.59
CA GLY A 401 5.87 -32.53 11.98
C GLY A 401 6.15 -33.73 12.86
N PHE A 402 7.41 -34.08 13.02
CA PHE A 402 7.76 -35.33 13.67
C PHE A 402 8.77 -35.13 14.75
N LEU A 403 8.70 -36.03 15.72
CA LEU A 403 9.71 -36.18 16.76
C LEU A 403 10.39 -37.53 16.63
N ALA A 404 11.72 -37.53 16.66
CA ALA A 404 12.51 -38.74 16.70
C ALA A 404 12.87 -39.09 18.13
N TYR A 405 12.59 -40.31 18.54
CA TYR A 405 12.96 -40.73 19.89
C TYR A 405 14.44 -41.04 19.99
N GLN A 406 15.00 -40.83 21.17
CA GLN A 406 16.44 -40.99 21.41
C GLN A 406 16.76 -42.05 22.47
N ASP A 407 17.94 -42.64 22.32
CA ASP A 407 18.47 -43.59 23.28
C ASP A 407 19.08 -42.84 24.46
N ASP A 408 18.41 -42.84 25.60
CA ASP A 408 18.84 -42.05 26.75
C ASP A 408 18.64 -42.86 28.03
N SER A 409 19.59 -43.75 28.29
CA SER A 409 19.57 -44.63 29.47
C SER A 409 19.51 -43.89 30.82
N HIS A 410 20.08 -42.68 30.93
CA HIS A 410 20.06 -41.97 32.20
C HIS A 410 18.64 -41.44 32.59
N ARG A 411 17.92 -40.82 31.67
CA ARG A 411 16.62 -40.23 32.02
C ARG A 411 15.41 -41.07 31.65
N THR A 412 15.53 -41.87 30.60
CA THR A 412 14.36 -42.45 29.97
C THR A 412 14.71 -43.85 29.44
N PRO A 413 15.08 -44.73 30.38
CA PRO A 413 15.66 -46.02 30.02
C PRO A 413 14.67 -47.03 29.43
N ASN A 414 13.40 -46.96 29.79
CA ASN A 414 12.39 -47.87 29.20
C ASN A 414 12.23 -47.60 27.72
N THR A 415 12.64 -46.43 27.29
CA THR A 415 12.47 -45.96 25.95
C THR A 415 13.73 -46.23 25.11
N ASP A 416 14.79 -46.72 25.72
CA ASP A 416 16.06 -46.95 25.04
C ASP A 416 15.84 -48.08 24.07
N SER A 417 16.36 -47.93 22.85
CA SER A 417 16.17 -48.92 21.80
C SER A 417 17.32 -49.93 21.64
N GLY A 418 18.29 -49.92 22.53
CA GLY A 418 19.44 -50.83 22.40
C GLY A 418 20.30 -50.53 21.19
N ASN A 419 20.50 -49.23 20.92
CA ASN A 419 21.30 -48.77 19.83
C ASN A 419 20.79 -49.29 18.49
N ASN A 420 19.49 -49.21 18.34
CA ASN A 420 18.86 -49.47 17.08
C ASN A 420 18.45 -48.14 16.45
N ARG A 421 17.19 -48.03 16.01
CA ARG A 421 16.68 -46.84 15.37
C ARG A 421 17.60 -46.28 14.31
N LYS A 422 18.05 -47.12 13.40
CA LYS A 422 18.65 -46.64 12.14
C LYS A 422 17.55 -46.07 11.25
N LEU A 423 17.66 -44.78 10.94
CA LEU A 423 16.59 -44.10 10.20
C LEU A 423 16.86 -44.02 8.72
N GLY A 424 15.82 -44.18 7.91
CA GLY A 424 15.92 -43.92 6.46
C GLY A 424 16.71 -44.95 5.70
N ARG A 425 16.64 -46.22 6.12
CA ARG A 425 17.35 -47.26 5.39
C ARG A 425 16.54 -47.81 4.22
N GLN A 426 16.09 -46.90 3.37
CA GLN A 426 15.34 -47.27 2.19
C GLN A 426 16.28 -48.04 1.27
N PRO A 427 15.74 -48.65 0.20
CA PRO A 427 16.58 -49.48 -0.65
C PRO A 427 17.89 -48.83 -1.10
N ILE A 428 17.84 -47.60 -1.62
CA ILE A 428 19.05 -46.96 -2.09
C ILE A 428 19.96 -46.58 -0.94
N ASN A 429 19.47 -46.59 0.30
CA ASN A 429 20.29 -46.23 1.46
C ASN A 429 20.27 -47.31 2.53
N ILE A 430 20.11 -48.55 2.09
CA ILE A 430 20.00 -49.65 3.01
C ILE A 430 21.22 -49.75 3.93
N ASP A 431 22.41 -49.37 3.44
CA ASP A 431 23.63 -49.43 4.27
C ASP A 431 23.99 -48.12 4.98
N GLY A 432 23.10 -47.12 4.98
CA GLY A 432 23.40 -45.82 5.56
C GLY A 432 24.34 -44.94 4.74
N SER A 433 24.83 -45.41 3.58
CA SER A 433 25.91 -44.71 2.88
C SER A 433 25.49 -43.37 2.30
N LYS A 434 24.19 -43.12 2.23
CA LYS A 434 23.68 -41.82 1.79
C LYS A 434 23.00 -41.03 2.92
N ASP A 435 23.37 -41.31 4.18
CA ASP A 435 22.76 -40.67 5.36
C ASP A 435 22.86 -39.16 5.37
N THR A 436 23.95 -38.63 4.79
CA THR A 436 24.20 -37.19 4.78
C THR A 436 23.62 -36.42 3.60
N THR A 437 22.97 -37.14 2.66
CA THR A 437 22.36 -36.53 1.47
C THR A 437 20.82 -36.68 1.51
N ASP A 438 20.16 -36.20 0.46
CA ASP A 438 18.70 -36.39 0.32
C ASP A 438 18.36 -37.84 0.01
N GLY A 439 19.38 -38.65 -0.27
CA GLY A 439 19.20 -40.07 -0.51
C GLY A 439 18.90 -40.85 0.75
N LYS A 440 19.04 -40.22 1.90
CA LYS A 440 18.54 -40.84 3.10
C LYS A 440 17.03 -40.90 3.01
N GLY A 441 16.48 -42.03 3.41
CA GLY A 441 15.06 -42.26 3.29
C GLY A 441 14.24 -41.41 4.23
N SER A 442 13.08 -40.98 3.76
CA SER A 442 12.09 -40.33 4.61
C SER A 442 11.43 -41.34 5.54
N GLU A 443 12.07 -41.65 6.67
CA GLU A 443 11.60 -42.72 7.59
C GLU A 443 10.26 -42.41 8.22
N PHE A 444 9.97 -41.13 8.36
CA PHE A 444 8.78 -40.68 9.05
C PHE A 444 7.72 -40.29 8.08
N LEU A 445 6.54 -40.87 8.25
CA LEU A 445 5.44 -40.65 7.38
C LEU A 445 4.22 -40.29 8.17
N LEU A 446 3.73 -41.23 8.98
CA LEU A 446 2.48 -41.00 9.71
C LEU A 446 2.53 -41.67 11.07
N ALA A 447 1.74 -41.10 11.99
CA ALA A 447 1.49 -41.66 13.30
C ALA A 447 2.76 -42.03 14.05
N ASN A 448 2.77 -43.24 14.66
CA ASN A 448 3.94 -43.74 15.35
C ASN A 448 4.73 -44.57 14.40
N ASP A 449 5.95 -44.18 14.10
CA ASP A 449 6.73 -44.89 13.10
C ASP A 449 7.46 -46.00 13.86
N ILE A 450 7.23 -47.23 13.43
CA ILE A 450 7.83 -48.43 14.00
C ILE A 450 9.29 -48.58 13.58
N ASP A 451 10.15 -48.96 14.53
CA ASP A 451 11.58 -49.18 14.29
C ASP A 451 11.87 -50.54 13.65
N ASN A 452 11.73 -50.60 12.33
CA ASN A 452 11.99 -51.83 11.57
C ASN A 452 13.47 -52.09 11.33
N SER A 453 14.39 -51.33 11.97
CA SER A 453 15.84 -51.62 11.92
C SER A 453 16.26 -52.46 13.11
N ASN A 454 15.28 -52.76 13.99
CA ASN A 454 15.53 -53.55 15.18
C ASN A 454 15.25 -55.00 14.90
N PRO A 455 16.26 -55.86 15.07
CA PRO A 455 16.04 -57.27 14.78
C PRO A 455 14.83 -57.90 15.45
N ILE A 456 14.53 -57.51 16.67
CA ILE A 456 13.38 -58.06 17.35
C ILE A 456 12.09 -57.67 16.64
N VAL A 457 12.02 -56.44 16.20
CA VAL A 457 10.86 -55.94 15.48
C VAL A 457 10.77 -56.62 14.12
N GLN A 458 11.92 -56.82 13.46
CA GLN A 458 11.93 -57.49 12.17
C GLN A 458 11.28 -58.88 12.30
N ALA A 459 11.61 -59.61 13.36
CA ALA A 459 11.03 -60.95 13.61
C ALA A 459 9.53 -60.86 13.78
N GLU A 460 9.09 -59.83 14.49
CA GLU A 460 7.67 -59.64 14.69
C GLU A 460 6.94 -59.37 13.39
N GLN A 461 7.58 -58.62 12.49
CA GLN A 461 6.94 -58.32 11.21
C GLN A 461 6.81 -59.59 10.40
N LEU A 462 7.73 -60.52 10.59
CA LEU A 462 7.67 -61.82 9.91
C LEU A 462 6.54 -62.68 10.47
N ASN A 463 6.41 -62.67 11.78
CA ASN A 463 5.29 -63.30 12.45
C ASN A 463 4.00 -62.79 11.86
N TRP A 464 3.87 -61.48 11.73
CA TRP A 464 2.65 -60.89 11.19
C TRP A 464 2.44 -61.34 9.76
N LEU A 465 3.51 -61.37 9.01
CA LEU A 465 3.46 -61.79 7.64
C LEU A 465 2.97 -63.22 7.56
N HIS A 466 3.44 -64.06 8.44
CA HIS A 466 3.06 -65.44 8.43
C HIS A 466 1.60 -65.53 8.75
N TYR A 467 1.19 -64.77 9.75
CA TYR A 467 -0.20 -64.76 10.17
C TYR A 467 -1.13 -64.40 9.02
N LEU A 468 -0.72 -63.46 8.18
CA LEU A 468 -1.54 -63.08 7.05
C LEU A 468 -1.59 -64.18 5.99
N MET A 469 -0.45 -64.77 5.69
CA MET A 469 -0.34 -65.79 4.65
C MET A 469 -0.99 -67.09 5.07
N ASN A 470 -1.27 -67.21 6.36
CA ASN A 470 -2.00 -68.34 6.88
C ASN A 470 -3.21 -67.91 7.66
N PHE A 471 -3.79 -66.77 7.28
CA PHE A 471 -4.85 -66.20 8.09
C PHE A 471 -5.99 -67.16 8.28
N GLY A 472 -6.43 -67.76 7.18
CA GLY A 472 -7.51 -68.75 7.21
C GLY A 472 -7.23 -70.01 8.03
N SER A 473 -6.02 -70.57 7.90
CA SER A 473 -5.66 -71.75 8.66
C SER A 473 -5.73 -71.46 10.14
N ILE A 474 -5.26 -70.27 10.51
CA ILE A 474 -5.09 -69.92 11.92
C ILE A 474 -6.41 -69.54 12.57
N THR A 475 -7.24 -68.76 11.90
CA THR A 475 -8.46 -68.18 12.49
C THR A 475 -9.77 -68.91 12.20
N GLY A 476 -9.78 -69.77 11.17
CA GLY A 476 -10.97 -70.59 10.84
C GLY A 476 -10.71 -72.06 10.51
N ASN A 477 -9.50 -72.52 10.81
CA ASN A 477 -9.01 -73.80 10.32
C ASN A 477 -9.51 -74.08 8.89
N ASN A 478 -9.39 -73.07 8.03
CA ASN A 478 -9.79 -73.16 6.62
C ASN A 478 -8.58 -72.90 5.69
N ASP A 479 -7.90 -73.96 5.25
CA ASP A 479 -6.71 -73.80 4.38
C ASP A 479 -7.00 -73.20 3.00
N ASN A 480 -8.25 -72.91 2.68
CA ASN A 480 -8.60 -72.21 1.47
C ASN A 480 -8.93 -70.74 1.67
N ALA A 481 -8.78 -70.25 2.90
CA ALA A 481 -9.08 -68.87 3.17
C ALA A 481 -7.80 -68.11 3.52
N ASN A 482 -6.70 -68.42 2.84
CA ASN A 482 -5.41 -67.79 3.11
C ASN A 482 -4.96 -66.83 2.02
N PHE A 483 -4.39 -65.70 2.41
CA PHE A 483 -3.85 -64.77 1.43
C PHE A 483 -2.71 -65.44 0.67
N ASP A 484 -2.54 -65.10 -0.60
CA ASP A 484 -1.50 -65.73 -1.42
C ASP A 484 -0.29 -64.86 -1.59
N GLY A 485 -0.44 -63.56 -1.47
CA GLY A 485 0.66 -62.65 -1.80
C GLY A 485 0.48 -61.34 -1.09
N ILE A 486 1.40 -60.41 -1.29
CA ILE A 486 1.41 -59.17 -0.50
C ILE A 486 1.70 -57.91 -1.32
N ARG A 487 1.19 -56.80 -0.81
CA ARG A 487 1.58 -55.48 -1.23
C ARG A 487 2.39 -54.89 -0.08
N VAL A 488 3.58 -54.37 -0.36
CA VAL A 488 4.37 -53.77 0.71
C VAL A 488 4.15 -52.25 0.73
N ASP A 489 3.44 -51.77 1.75
CA ASP A 489 3.04 -50.38 1.85
C ASP A 489 4.26 -49.56 2.29
N ALA A 490 4.53 -48.46 1.60
CA ALA A 490 5.47 -47.45 2.07
C ALA A 490 6.91 -47.98 2.17
N VAL A 491 7.37 -48.55 1.06
CA VAL A 491 8.67 -49.16 1.00
C VAL A 491 9.81 -48.21 1.36
N ASP A 492 9.71 -46.98 0.87
CA ASP A 492 10.81 -46.03 1.03
C ASP A 492 10.82 -45.38 2.43
N ASN A 493 9.75 -45.61 3.20
CA ASN A 493 9.64 -45.14 4.58
C ASN A 493 9.96 -46.15 5.71
N VAL A 494 10.60 -47.27 5.33
CA VAL A 494 10.97 -48.33 6.23
C VAL A 494 12.34 -48.90 5.85
N ASP A 495 12.86 -49.74 6.73
CA ASP A 495 14.14 -50.40 6.56
C ASP A 495 13.97 -51.43 5.47
N ALA A 496 14.80 -51.33 4.45
CA ALA A 496 14.68 -52.20 3.28
C ALA A 496 14.95 -53.68 3.58
N ASP A 497 15.45 -53.98 4.76
CA ASP A 497 15.57 -55.38 5.17
C ASP A 497 14.25 -56.11 5.05
N LEU A 498 13.15 -55.40 5.28
CA LEU A 498 11.85 -56.04 5.26
C LEU A 498 11.55 -56.70 3.91
N LEU A 499 12.15 -56.20 2.85
CA LEU A 499 11.93 -56.81 1.56
C LEU A 499 12.59 -58.18 1.50
N LYS A 500 13.80 -58.27 2.03
CA LYS A 500 14.57 -59.52 2.03
C LYS A 500 13.90 -60.51 2.92
N ILE A 501 13.44 -60.05 4.07
CA ILE A 501 12.75 -60.91 5.03
C ILE A 501 11.52 -61.52 4.40
N ALA A 502 10.71 -60.69 3.76
CA ALA A 502 9.54 -61.16 3.07
C ALA A 502 9.90 -62.08 1.90
N GLY A 503 10.86 -61.66 1.09
CA GLY A 503 11.28 -62.46 -0.07
C GLY A 503 11.73 -63.85 0.31
N ASP A 504 12.65 -63.90 1.27
CA ASP A 504 13.20 -65.16 1.77
C ASP A 504 12.17 -66.08 2.40
N TYR A 505 11.18 -65.50 3.08
CA TYR A 505 10.07 -66.24 3.65
C TYR A 505 9.29 -66.97 2.58
N PHE A 506 8.92 -66.25 1.54
CA PHE A 506 8.24 -66.86 0.40
C PHE A 506 9.07 -67.93 -0.30
N LYS A 507 10.39 -67.73 -0.37
CA LYS A 507 11.27 -68.70 -0.99
C LYS A 507 11.21 -69.98 -0.18
N ALA A 508 11.32 -69.84 1.13
CA ALA A 508 11.36 -70.96 2.03
C ALA A 508 10.09 -71.77 2.02
N LEU A 509 8.96 -71.10 2.12
CA LEU A 509 7.68 -71.79 2.27
C LEU A 509 6.99 -72.18 0.98
N TYR A 510 7.25 -71.49 -0.12
CA TYR A 510 6.55 -71.74 -1.39
C TYR A 510 7.46 -72.00 -2.59
N GLY A 511 8.77 -71.98 -2.36
CA GLY A 511 9.75 -72.26 -3.42
C GLY A 511 9.56 -71.39 -4.63
N THR A 512 9.44 -70.11 -4.37
CA THR A 512 9.19 -69.15 -5.41
C THR A 512 10.38 -68.98 -6.32
N ASP A 513 11.58 -69.27 -5.83
CA ASP A 513 12.77 -69.19 -6.67
C ASP A 513 12.96 -70.43 -7.53
N LYS A 514 12.05 -71.40 -7.46
CA LYS A 514 12.18 -72.69 -8.17
C LYS A 514 11.64 -72.63 -9.60
N SER A 515 10.50 -71.97 -9.76
CA SER A 515 9.82 -71.96 -11.05
C SER A 515 8.95 -70.71 -11.20
N ASP A 516 8.56 -70.43 -12.41
CA ASP A 516 7.60 -69.37 -12.65
C ASP A 516 6.21 -69.72 -12.13
N ALA A 517 5.86 -71.00 -12.08
CA ALA A 517 4.55 -71.39 -11.60
C ALA A 517 4.41 -71.17 -10.11
N ASN A 518 5.47 -71.47 -9.38
CA ASN A 518 5.48 -71.20 -7.94
C ASN A 518 5.46 -69.71 -7.65
N ALA A 519 6.34 -68.98 -8.34
CA ALA A 519 6.50 -67.54 -8.16
C ALA A 519 5.17 -66.89 -8.42
N ASN A 520 4.57 -67.23 -9.56
CA ASN A 520 3.33 -66.60 -9.99
C ASN A 520 2.07 -67.04 -9.24
N LYS A 521 2.14 -68.10 -8.44
CA LYS A 521 1.04 -68.47 -7.55
C LYS A 521 0.94 -67.56 -6.34
N HIS A 522 1.97 -66.77 -6.12
CA HIS A 522 1.98 -65.83 -5.00
C HIS A 522 2.43 -64.42 -5.46
N LEU A 523 1.64 -63.86 -6.40
CA LEU A 523 1.86 -62.51 -6.89
C LEU A 523 1.97 -61.51 -5.75
N SER A 524 3.03 -60.71 -5.77
CA SER A 524 3.38 -59.77 -4.73
C SER A 524 3.98 -58.48 -5.32
N ILE A 525 3.49 -57.34 -4.83
CA ILE A 525 3.85 -56.03 -5.36
C ILE A 525 4.40 -55.08 -4.31
N LEU A 526 5.07 -54.03 -4.76
CA LEU A 526 5.71 -53.06 -3.90
C LEU A 526 5.17 -51.68 -4.21
N GLU A 527 4.93 -50.90 -3.16
CA GLU A 527 4.68 -49.48 -3.31
C GLU A 527 6.04 -48.83 -3.15
N ASP A 528 6.82 -48.78 -4.25
CA ASP A 528 8.20 -48.33 -4.22
C ASP A 528 8.41 -47.14 -5.15
N TRP A 529 8.20 -45.93 -4.62
CA TRP A 529 8.11 -44.75 -5.48
C TRP A 529 9.44 -44.20 -6.01
N ASN A 530 10.53 -44.41 -5.30
CA ASN A 530 11.79 -43.82 -5.76
C ASN A 530 12.16 -44.35 -7.12
N GLY A 531 12.59 -43.45 -7.98
CA GLY A 531 12.93 -43.81 -9.33
C GLY A 531 14.14 -44.71 -9.46
N LYS A 532 14.92 -44.89 -8.40
CA LYS A 532 16.05 -45.83 -8.42
C LYS A 532 15.71 -47.21 -7.80
N ASP A 533 14.46 -47.37 -7.33
CA ASP A 533 14.00 -48.63 -6.72
C ASP A 533 13.91 -49.80 -7.72
N PRO A 534 13.41 -49.54 -8.94
CA PRO A 534 13.34 -50.66 -9.90
C PRO A 534 14.64 -51.40 -10.10
N GLN A 535 15.76 -50.69 -10.20
CA GLN A 535 17.06 -51.33 -10.44
C GLN A 535 17.53 -52.07 -9.20
N TYR A 536 17.31 -51.49 -8.03
CA TYR A 536 17.59 -52.18 -6.79
C TYR A 536 16.81 -53.49 -6.75
N VAL A 537 15.50 -53.42 -6.93
CA VAL A 537 14.63 -54.58 -6.77
C VAL A 537 15.08 -55.68 -7.69
N ASN A 538 15.50 -55.31 -8.89
CA ASN A 538 16.00 -56.29 -9.83
C ASN A 538 17.35 -56.91 -9.40
N GLN A 539 18.27 -56.12 -8.85
CA GLN A 539 19.54 -56.65 -8.37
C GLN A 539 19.28 -57.62 -7.25
N GLN A 540 18.21 -57.41 -6.49
CA GLN A 540 17.87 -58.32 -5.41
C GLN A 540 16.96 -59.48 -5.84
N GLY A 541 16.77 -59.67 -7.14
CA GLY A 541 16.10 -60.86 -7.64
C GLY A 541 14.60 -60.78 -7.75
N ASN A 542 14.05 -59.57 -7.72
CA ASN A 542 12.64 -59.35 -7.95
C ASN A 542 11.74 -60.24 -7.11
N ALA A 543 11.97 -60.30 -5.81
CA ALA A 543 11.09 -61.08 -4.91
C ALA A 543 9.66 -60.53 -4.85
N GLN A 544 9.53 -59.21 -5.01
CA GLN A 544 8.23 -58.60 -5.21
C GLN A 544 8.35 -57.66 -6.38
N LEU A 545 7.24 -57.46 -7.07
CA LEU A 545 7.25 -56.70 -8.30
C LEU A 545 7.35 -55.22 -8.05
N THR A 546 8.37 -54.58 -8.64
CA THR A 546 8.41 -53.11 -8.63
C THR A 546 7.23 -52.50 -9.38
N MET A 547 6.82 -51.29 -8.97
CA MET A 547 5.90 -50.53 -9.80
C MET A 547 6.72 -49.97 -10.96
N ASP A 548 6.01 -49.50 -11.99
CA ASP A 548 6.63 -48.84 -13.13
C ASP A 548 6.00 -47.47 -13.23
N TYR A 549 6.56 -46.53 -12.47
CA TYR A 549 6.06 -45.17 -12.47
C TYR A 549 6.34 -44.47 -13.79
N THR A 550 7.34 -44.90 -14.55
CA THR A 550 7.75 -44.17 -15.75
C THR A 550 6.60 -44.13 -16.74
N VAL A 551 5.82 -45.20 -16.78
CA VAL A 551 4.66 -45.26 -17.66
C VAL A 551 3.46 -44.53 -17.04
N THR A 552 3.24 -44.71 -15.75
CA THR A 552 2.19 -43.98 -15.05
C THR A 552 2.36 -42.44 -15.17
N SER A 553 3.62 -42.01 -15.08
CA SER A 553 4.02 -40.63 -15.24
C SER A 553 3.68 -40.11 -16.64
N GLN A 554 4.02 -40.87 -17.67
CA GLN A 554 3.81 -40.42 -19.02
C GLN A 554 2.33 -40.35 -19.34
N PHE A 555 1.51 -41.21 -18.73
CA PHE A 555 0.08 -41.10 -18.88
C PHE A 555 -0.38 -39.76 -18.35
N GLY A 556 0.14 -39.36 -17.20
CA GLY A 556 -0.18 -38.05 -16.66
C GLY A 556 0.10 -36.92 -17.64
N ASN A 557 1.28 -36.92 -18.25
CA ASN A 557 1.71 -35.81 -19.08
C ASN A 557 1.06 -35.76 -20.42
N SER A 558 0.85 -36.92 -21.03
CA SER A 558 0.38 -37.01 -22.41
C SER A 558 -1.13 -37.25 -22.58
N LEU A 559 -1.83 -37.74 -21.55
CA LEU A 559 -3.25 -38.09 -21.68
C LEU A 559 -4.12 -37.71 -20.49
N THR A 560 -3.68 -38.14 -19.33
CA THR A 560 -4.49 -38.17 -18.15
C THR A 560 -4.66 -36.78 -17.51
N HIS A 561 -3.63 -35.95 -17.56
CA HIS A 561 -3.68 -34.65 -16.88
C HIS A 561 -3.77 -33.46 -17.80
N GLY A 562 -4.72 -32.57 -17.51
CA GLY A 562 -4.79 -31.28 -18.14
C GLY A 562 -5.69 -31.26 -19.34
N ALA A 563 -6.40 -30.15 -19.51
CA ALA A 563 -7.28 -29.97 -20.62
C ALA A 563 -6.57 -29.76 -21.93
N ASN A 564 -5.38 -29.16 -21.91
CA ASN A 564 -4.74 -28.88 -23.19
C ASN A 564 -3.24 -29.18 -23.34
N ASN A 565 -2.37 -28.38 -22.75
CA ASN A 565 -0.97 -28.46 -23.17
C ASN A 565 -0.45 -29.71 -22.57
N ARG A 566 -0.29 -30.73 -23.40
CA ARG A 566 0.05 -32.06 -22.92
C ARG A 566 1.28 -32.48 -23.67
N SER A 567 2.09 -33.34 -23.07
CA SER A 567 3.26 -33.81 -23.78
C SER A 567 2.79 -34.66 -24.94
N ASN A 568 3.53 -34.65 -26.05
CA ASN A 568 3.20 -35.51 -27.16
C ASN A 568 3.20 -37.02 -26.79
N MET A 569 2.39 -37.77 -27.52
CA MET A 569 2.40 -39.22 -27.45
C MET A 569 3.78 -39.76 -27.80
N TRP A 570 4.53 -39.04 -28.64
CA TRP A 570 5.93 -39.37 -28.94
C TRP A 570 6.70 -39.80 -27.72
N TYR A 571 6.43 -39.16 -26.58
CA TYR A 571 7.19 -39.45 -25.36
C TYR A 571 7.02 -40.88 -24.83
N PHE A 572 5.92 -41.54 -25.17
CA PHE A 572 5.75 -42.94 -24.82
C PHE A 572 6.80 -43.85 -25.45
N LEU A 573 7.42 -43.46 -26.56
CA LEU A 573 8.35 -44.35 -27.25
C LEU A 573 9.67 -44.43 -26.53
N ASP A 574 10.13 -43.30 -26.00
CA ASP A 574 11.45 -43.19 -25.43
C ASP A 574 12.50 -43.61 -26.47
N THR A 575 12.59 -42.86 -27.57
CA THR A 575 13.50 -43.23 -28.67
C THR A 575 14.97 -43.17 -28.27
N GLY A 576 15.26 -42.32 -27.29
CA GLY A 576 16.59 -42.25 -26.73
C GLY A 576 17.14 -43.60 -26.30
N TYR A 577 16.24 -44.56 -26.10
CA TYR A 577 16.63 -45.93 -25.82
C TYR A 577 17.65 -46.42 -26.83
N TYR A 578 17.42 -46.10 -28.11
CA TYR A 578 18.35 -46.43 -29.23
C TYR A 578 19.33 -45.29 -29.47
N LEU A 579 20.47 -45.63 -30.07
CA LEU A 579 21.52 -44.65 -30.34
C LEU A 579 21.07 -43.65 -31.37
N ASN A 580 21.31 -42.37 -31.09
CA ASN A 580 20.94 -41.26 -31.98
C ASN A 580 19.45 -41.22 -32.31
N GLY A 581 18.60 -41.70 -31.42
CA GLY A 581 17.18 -41.80 -31.73
C GLY A 581 16.85 -42.49 -33.02
N ASP A 582 17.56 -43.54 -33.38
CA ASP A 582 17.45 -44.14 -34.72
C ASP A 582 16.60 -45.40 -34.68
N LEU A 583 15.54 -45.36 -35.46
CA LEU A 583 14.57 -46.44 -35.50
C LEU A 583 14.80 -47.30 -36.71
N ASN A 584 15.56 -46.81 -37.69
CA ASN A 584 16.01 -47.66 -38.78
C ASN A 584 17.11 -48.61 -38.34
N LYS A 585 18.07 -48.10 -37.59
CA LYS A 585 19.26 -48.87 -37.22
C LYS A 585 19.11 -49.69 -35.91
N LYS A 586 18.43 -49.10 -34.92
CA LYS A 586 18.05 -49.77 -33.66
C LYS A 586 19.21 -50.35 -32.85
N ILE A 587 20.28 -49.59 -32.70
CA ILE A 587 21.39 -49.97 -31.85
C ILE A 587 21.08 -49.45 -30.45
N VAL A 588 21.07 -50.34 -29.46
CA VAL A 588 20.73 -49.95 -28.10
C VAL A 588 21.84 -49.09 -27.53
N ASP A 589 21.45 -48.02 -26.85
CA ASP A 589 22.38 -47.11 -26.22
C ASP A 589 22.73 -47.68 -24.84
N LYS A 590 23.92 -48.24 -24.74
CA LYS A 590 24.39 -48.96 -23.57
C LYS A 590 24.67 -48.02 -22.39
N ASN A 591 24.86 -46.74 -22.66
CA ASN A 591 25.12 -45.73 -21.62
C ASN A 591 24.19 -44.52 -21.81
N ARG A 592 23.44 -44.18 -20.78
CA ARG A 592 22.44 -43.10 -20.85
C ARG A 592 22.50 -42.31 -19.53
N PRO A 593 22.02 -41.05 -19.51
CA PRO A 593 22.01 -40.33 -18.24
C PRO A 593 20.85 -40.69 -17.23
N ASN A 594 20.77 -41.96 -16.80
CA ASN A 594 19.78 -42.42 -15.81
C ASN A 594 18.31 -42.02 -16.13
N SER A 595 17.91 -42.17 -17.39
CA SER A 595 16.61 -41.66 -17.85
C SER A 595 15.91 -42.69 -18.70
N GLY A 596 14.63 -42.47 -18.88
CA GLY A 596 13.84 -43.24 -19.84
C GLY A 596 12.88 -44.18 -19.17
N THR A 597 12.01 -44.75 -20.00
CA THR A 597 10.97 -45.63 -19.52
C THR A 597 11.59 -46.99 -19.27
N LEU A 598 11.01 -47.73 -18.33
CA LEU A 598 11.57 -49.00 -17.83
C LEU A 598 11.67 -50.11 -18.87
N VAL A 599 10.65 -50.18 -19.73
CA VAL A 599 10.54 -51.22 -20.76
C VAL A 599 10.31 -50.57 -22.11
N ASN A 600 11.21 -50.79 -23.05
CA ASN A 600 11.02 -50.18 -24.33
C ASN A 600 10.03 -51.01 -25.14
N ARG A 601 9.15 -50.33 -25.87
CA ARG A 601 8.10 -51.01 -26.61
C ARG A 601 8.01 -50.56 -28.07
N ILE A 602 9.10 -50.02 -28.58
CA ILE A 602 9.12 -49.56 -29.95
C ILE A 602 9.12 -50.78 -30.85
N ALA A 603 10.01 -51.73 -30.56
CA ALA A 603 10.00 -53.05 -31.22
C ALA A 603 10.44 -54.11 -30.24
N ASN A 604 9.51 -54.49 -29.38
CA ASN A 604 9.75 -55.48 -28.33
C ASN A 604 9.45 -56.87 -28.82
N SER A 605 10.49 -57.60 -29.20
CA SER A 605 10.37 -58.97 -29.66
C SER A 605 10.63 -59.99 -28.55
N GLY A 606 10.84 -59.55 -27.31
CA GLY A 606 11.19 -60.45 -26.21
C GLY A 606 12.63 -60.95 -26.24
N ASP A 607 13.51 -60.32 -27.00
CA ASP A 607 14.91 -60.72 -27.10
C ASP A 607 15.79 -60.13 -25.99
N THR A 608 15.41 -58.98 -25.43
CA THR A 608 16.22 -58.38 -24.36
C THR A 608 15.51 -58.49 -23.02
N LYS A 609 16.26 -58.90 -22.01
CA LYS A 609 15.74 -59.07 -20.64
C LYS A 609 15.33 -57.74 -20.09
N VAL A 610 14.23 -57.73 -19.37
CA VAL A 610 13.68 -56.49 -18.87
C VAL A 610 13.10 -56.68 -17.45
N ILE A 611 12.94 -55.61 -16.69
CA ILE A 611 12.64 -55.76 -15.25
C ILE A 611 11.15 -56.01 -14.97
N PRO A 612 10.81 -57.14 -14.36
CA PRO A 612 9.40 -57.44 -14.18
C PRO A 612 8.70 -56.44 -13.29
N ASN A 613 7.46 -56.12 -13.64
CA ASN A 613 6.77 -54.98 -13.04
C ASN A 613 5.24 -54.99 -13.17
N TYR A 614 4.60 -54.27 -12.26
CA TYR A 614 3.20 -53.91 -12.42
C TYR A 614 3.07 -52.44 -12.76
N SER A 615 1.99 -52.08 -13.45
CA SER A 615 1.79 -50.70 -13.87
C SER A 615 0.32 -50.35 -13.75
N PHE A 616 0.06 -49.06 -13.61
CA PHE A 616 -1.31 -48.60 -13.45
C PHE A 616 -1.53 -47.20 -13.94
N VAL A 617 -2.81 -46.89 -14.14
CA VAL A 617 -3.26 -45.56 -14.49
C VAL A 617 -3.63 -44.79 -13.22
N ARG A 618 -4.41 -45.42 -12.34
CA ARG A 618 -4.74 -44.81 -11.05
C ARG A 618 -4.62 -45.79 -9.92
N ALA A 619 -4.71 -45.26 -8.71
CA ALA A 619 -4.68 -46.09 -7.53
C ALA A 619 -5.49 -45.46 -6.43
N HIS A 620 -5.73 -46.24 -5.37
CA HIS A 620 -6.47 -45.74 -4.19
C HIS A 620 -5.82 -44.47 -3.66
N ASP A 621 -4.49 -44.43 -3.84
CA ASP A 621 -3.63 -43.35 -3.43
C ASP A 621 -2.88 -42.68 -4.60
N TYR A 622 -3.44 -42.72 -5.80
CA TYR A 622 -2.86 -41.95 -6.89
C TYR A 622 -3.99 -41.41 -7.73
N ASP A 623 -4.03 -40.09 -7.89
CA ASP A 623 -5.09 -39.38 -8.62
C ASP A 623 -6.49 -39.65 -8.06
N ALA A 624 -6.57 -39.83 -6.76
CA ALA A 624 -7.85 -39.95 -6.09
C ALA A 624 -7.96 -39.00 -4.87
N GLN A 625 -7.09 -39.16 -3.88
CA GLN A 625 -7.22 -38.41 -2.63
C GLN A 625 -7.14 -36.89 -2.84
N ASP A 626 -6.28 -36.43 -3.74
CA ASP A 626 -6.16 -35.00 -3.97
C ASP A 626 -7.36 -34.41 -4.70
N PRO A 627 -7.66 -34.92 -5.90
CA PRO A 627 -8.89 -34.47 -6.53
C PRO A 627 -10.13 -34.51 -5.64
N ILE A 628 -10.38 -35.61 -4.95
CA ILE A 628 -11.60 -35.69 -4.15
C ILE A 628 -11.67 -34.56 -3.10
N ARG A 629 -10.52 -34.18 -2.55
CA ARG A 629 -10.49 -33.09 -1.56
C ARG A 629 -10.54 -31.72 -2.24
N LYS A 630 -9.81 -31.51 -3.34
CA LYS A 630 -9.91 -30.25 -4.11
C LYS A 630 -11.36 -29.95 -4.38
N ALA A 631 -12.13 -30.97 -4.71
CA ALA A 631 -13.55 -30.82 -4.99
C ALA A 631 -14.32 -30.34 -3.77
N MET A 632 -14.04 -30.92 -2.61
CA MET A 632 -14.71 -30.49 -1.37
C MET A 632 -14.31 -29.07 -0.96
N ILE A 633 -13.04 -28.73 -1.17
CA ILE A 633 -12.51 -27.39 -0.90
C ILE A 633 -13.17 -26.36 -1.79
N ASP A 634 -13.23 -26.69 -3.07
CA ASP A 634 -13.76 -25.80 -4.09
C ASP A 634 -15.22 -25.46 -3.83
N HIS A 635 -15.97 -26.36 -3.18
CA HIS A 635 -17.38 -26.15 -2.88
C HIS A 635 -17.62 -25.83 -1.40
N GLY A 636 -16.58 -25.36 -0.73
CA GLY A 636 -16.71 -24.86 0.65
C GLY A 636 -17.06 -25.87 1.73
N ILE A 637 -16.82 -27.15 1.46
CA ILE A 637 -17.16 -28.21 2.39
C ILE A 637 -16.07 -28.35 3.46
N ILE A 638 -14.83 -28.07 3.09
CA ILE A 638 -13.72 -27.98 4.05
C ILE A 638 -12.83 -26.85 3.59
N LYS A 639 -11.88 -26.44 4.43
CA LYS A 639 -10.96 -25.35 4.07
C LYS A 639 -9.61 -25.84 3.60
N ASN A 640 -9.07 -26.83 4.31
CA ASN A 640 -7.73 -27.39 4.01
C ASN A 640 -7.70 -28.87 3.65
N MET A 641 -6.65 -29.30 2.96
CA MET A 641 -6.50 -30.73 2.62
C MET A 641 -6.39 -31.56 3.89
N GLN A 642 -5.78 -30.99 4.93
CA GLN A 642 -5.54 -31.74 6.16
C GLN A 642 -6.72 -31.68 7.10
N ASP A 643 -7.70 -30.90 6.70
CA ASP A 643 -8.89 -30.70 7.48
C ASP A 643 -9.57 -32.03 7.78
N THR A 644 -10.16 -32.12 8.95
CA THR A 644 -11.02 -33.22 9.28
C THR A 644 -12.37 -33.04 8.64
N PHE A 645 -12.88 -34.09 8.01
CA PHE A 645 -14.24 -34.12 7.47
C PHE A 645 -15.02 -35.35 7.92
N THR A 646 -16.34 -35.20 7.93
CA THR A 646 -17.27 -36.21 8.34
C THR A 646 -17.66 -36.98 7.08
N PHE A 647 -18.33 -38.13 7.27
CA PHE A 647 -18.75 -38.94 6.12
C PHE A 647 -19.79 -38.25 5.27
N ASP A 648 -20.71 -37.54 5.90
CA ASP A 648 -21.69 -36.72 5.17
C ASP A 648 -21.02 -35.64 4.35
N GLN A 649 -19.97 -35.06 4.90
CA GLN A 649 -19.21 -34.05 4.18
C GLN A 649 -18.57 -34.69 2.97
N LEU A 650 -18.03 -35.89 3.13
CA LEU A 650 -17.47 -36.64 2.01
C LEU A 650 -18.52 -36.95 0.95
N ALA A 651 -19.71 -37.38 1.36
CA ALA A 651 -20.79 -37.72 0.43
C ALA A 651 -21.23 -36.56 -0.44
N GLN A 652 -21.31 -35.37 0.17
CA GLN A 652 -21.69 -34.15 -0.55
C GLN A 652 -20.67 -33.79 -1.56
N GLY A 653 -19.39 -33.87 -1.16
CA GLY A 653 -18.27 -33.62 -2.06
C GLY A 653 -18.26 -34.60 -3.20
N MET A 654 -18.55 -35.85 -2.88
CA MET A 654 -18.59 -36.90 -3.88
C MET A 654 -19.61 -36.65 -4.99
N GLU A 655 -20.73 -36.02 -4.65
CA GLU A 655 -21.73 -35.69 -5.67
C GLU A 655 -21.18 -34.71 -6.69
N PHE A 656 -20.32 -33.77 -6.26
CA PHE A 656 -19.69 -32.82 -7.19
C PHE A 656 -18.61 -33.51 -8.03
N TYR A 657 -17.88 -34.38 -7.35
CA TYR A 657 -16.84 -35.18 -7.98
C TYR A 657 -17.41 -35.99 -9.13
N TYR A 658 -18.54 -36.65 -8.86
CA TYR A 658 -19.21 -37.49 -9.86
C TYR A 658 -19.72 -36.64 -11.02
N LYS A 659 -20.36 -35.53 -10.69
CA LYS A 659 -20.89 -34.58 -11.68
C LYS A 659 -19.78 -34.11 -12.64
N ASP A 660 -18.60 -33.85 -12.10
CA ASP A 660 -17.44 -33.37 -12.85
C ASP A 660 -16.86 -34.47 -13.71
N GLN A 661 -16.77 -35.66 -13.13
CA GLN A 661 -16.28 -36.86 -13.82
C GLN A 661 -17.10 -37.20 -15.10
N GLU A 662 -18.42 -37.15 -14.98
CA GLU A 662 -19.36 -37.51 -16.06
C GLU A 662 -19.85 -36.30 -16.90
N ASN A 663 -19.14 -35.17 -16.79
CA ASN A 663 -19.57 -33.92 -17.41
C ASN A 663 -19.56 -34.08 -18.92
N PRO A 664 -20.71 -33.87 -19.56
CA PRO A 664 -20.78 -34.07 -21.02
C PRO A 664 -19.95 -33.05 -21.80
N SER A 665 -19.66 -31.90 -21.20
CA SER A 665 -18.79 -30.93 -21.83
C SER A 665 -17.49 -31.60 -22.23
N GLY A 666 -17.02 -32.49 -21.38
CA GLY A 666 -15.75 -33.18 -21.60
C GLY A 666 -14.60 -32.58 -20.83
N PHE A 667 -14.85 -31.44 -20.20
CA PHE A 667 -13.87 -30.76 -19.39
C PHE A 667 -13.99 -31.36 -17.99
N LYS A 668 -12.84 -31.49 -17.33
CA LYS A 668 -12.75 -32.09 -16.03
C LYS A 668 -11.87 -31.19 -15.14
N LYS A 669 -12.39 -30.81 -13.97
CA LYS A 669 -11.68 -29.90 -13.09
C LYS A 669 -10.85 -30.64 -12.05
N TYR A 670 -11.42 -31.72 -11.52
CA TYR A 670 -10.74 -32.55 -10.54
C TYR A 670 -10.28 -33.89 -11.14
N ASN A 671 -11.15 -34.50 -11.95
CA ASN A 671 -10.97 -35.85 -12.49
C ASN A 671 -9.98 -35.91 -13.64
N ASP A 672 -9.55 -37.13 -13.96
CA ASP A 672 -8.59 -37.41 -15.03
C ASP A 672 -9.22 -37.59 -16.41
N TYR A 673 -8.50 -37.07 -17.40
CA TYR A 673 -8.92 -37.13 -18.79
C TYR A 673 -8.45 -38.44 -19.39
N ASN A 674 -9.17 -38.90 -20.41
CA ASN A 674 -8.70 -39.99 -21.29
C ASN A 674 -8.41 -41.32 -20.60
N LEU A 675 -9.19 -41.64 -19.56
CA LEU A 675 -8.98 -42.90 -18.85
C LEU A 675 -9.16 -44.14 -19.72
N PRO A 676 -10.21 -44.19 -20.55
CA PRO A 676 -10.33 -45.29 -21.52
C PRO A 676 -9.08 -45.45 -22.38
N SER A 677 -8.59 -44.35 -22.91
CA SER A 677 -7.47 -44.39 -23.84
C SER A 677 -6.22 -44.86 -23.08
N ALA A 678 -6.06 -44.38 -21.85
CA ALA A 678 -4.98 -44.85 -20.98
C ALA A 678 -5.04 -46.34 -20.66
N TYR A 679 -6.23 -46.86 -20.33
CA TYR A 679 -6.44 -48.30 -20.09
C TYR A 679 -6.17 -49.12 -21.35
N ALA A 680 -6.50 -48.60 -22.52
CA ALA A 680 -6.25 -49.34 -23.75
C ALA A 680 -4.79 -49.57 -23.90
N MET A 681 -3.96 -48.61 -23.49
CA MET A 681 -2.52 -48.81 -23.61
C MET A 681 -2.02 -49.72 -22.51
N LEU A 682 -2.50 -49.47 -21.31
CA LEU A 682 -2.07 -50.25 -20.16
C LEU A 682 -2.31 -51.72 -20.39
N LEU A 683 -3.47 -52.03 -20.95
CA LEU A 683 -3.92 -53.40 -21.06
C LEU A 683 -3.39 -54.15 -22.29
N THR A 684 -2.73 -53.45 -23.20
CA THR A 684 -2.11 -54.08 -24.36
C THR A 684 -0.59 -54.15 -24.29
N ASN A 685 0.01 -53.53 -23.27
CA ASN A 685 1.46 -53.45 -23.22
C ASN A 685 2.09 -54.78 -22.87
N LYS A 686 3.15 -55.11 -23.59
CA LYS A 686 3.95 -56.28 -23.28
C LYS A 686 4.83 -56.01 -22.04
N ASP A 687 5.24 -57.08 -21.36
CA ASP A 687 6.17 -57.02 -20.23
C ASP A 687 5.70 -56.13 -19.08
N THR A 688 4.50 -56.44 -18.60
CA THR A 688 3.95 -55.81 -17.42
C THR A 688 2.74 -56.59 -16.95
N VAL A 689 2.52 -56.55 -15.65
CA VAL A 689 1.30 -56.99 -15.04
C VAL A 689 0.44 -55.78 -14.77
N PRO A 690 -0.55 -55.53 -15.61
CA PRO A 690 -1.34 -54.33 -15.35
C PRO A 690 -2.22 -54.42 -14.11
N ARG A 691 -2.45 -53.27 -13.46
CA ARG A 691 -3.37 -53.18 -12.34
C ARG A 691 -4.50 -52.20 -12.59
N VAL A 692 -5.69 -52.66 -12.25
CA VAL A 692 -6.92 -51.93 -12.51
C VAL A 692 -7.56 -51.42 -11.23
N TYR A 693 -7.96 -50.14 -11.25
CA TYR A 693 -8.38 -49.46 -10.04
C TYR A 693 -9.88 -49.55 -9.96
N TYR A 694 -10.36 -50.09 -8.85
CA TYR A 694 -11.78 -50.14 -8.55
C TYR A 694 -12.50 -48.89 -8.95
N GLY A 695 -11.93 -47.75 -8.60
CA GLY A 695 -12.58 -46.46 -8.81
C GLY A 695 -12.65 -45.93 -10.23
N ASP A 696 -12.01 -46.63 -11.17
CA ASP A 696 -12.21 -46.39 -12.59
C ASP A 696 -13.31 -47.26 -13.14
N MET A 697 -13.67 -48.29 -12.39
CA MET A 697 -14.73 -49.22 -12.76
C MET A 697 -16.03 -48.91 -12.04
N TYR A 698 -15.93 -48.53 -10.77
CA TYR A 698 -17.08 -48.15 -9.97
C TYR A 698 -16.80 -46.85 -9.28
N LEU A 699 -17.84 -46.18 -8.80
CA LEU A 699 -17.68 -44.87 -8.22
C LEU A 699 -16.99 -45.00 -6.88
N GLU A 700 -16.06 -44.09 -6.65
CA GLU A 700 -15.16 -44.15 -5.52
C GLU A 700 -15.82 -43.95 -4.17
N GLY A 701 -16.98 -43.30 -4.14
CA GLY A 701 -17.73 -43.12 -2.91
C GLY A 701 -19.00 -43.97 -2.80
N GLY A 702 -19.75 -43.76 -1.73
CA GLY A 702 -20.94 -44.52 -1.50
C GLY A 702 -20.57 -45.96 -1.25
N GLN A 703 -21.46 -46.85 -1.63
CA GLN A 703 -21.40 -48.23 -1.23
C GLN A 703 -20.57 -49.03 -2.20
N TYR A 704 -20.04 -50.18 -1.78
CA TYR A 704 -19.11 -50.97 -2.62
C TYR A 704 -19.84 -51.48 -3.82
N MET A 705 -19.32 -51.19 -5.01
CA MET A 705 -19.95 -51.62 -6.25
C MET A 705 -21.40 -51.12 -6.39
N GLU A 706 -21.73 -49.98 -5.80
CA GLU A 706 -23.07 -49.43 -5.88
C GLU A 706 -23.44 -49.01 -7.30
N LYS A 707 -22.48 -48.42 -8.01
CA LYS A 707 -22.75 -47.90 -9.34
C LYS A 707 -21.49 -47.87 -10.21
N GLY A 708 -21.56 -48.43 -11.41
CA GLY A 708 -20.43 -48.45 -12.32
C GLY A 708 -20.19 -47.06 -12.83
N THR A 709 -18.98 -46.82 -13.32
CA THR A 709 -18.58 -45.52 -13.83
C THR A 709 -18.89 -45.47 -15.29
N ILE A 710 -18.77 -44.29 -15.89
CA ILE A 710 -19.01 -44.23 -17.34
C ILE A 710 -17.95 -45.01 -18.13
N TYR A 711 -16.78 -45.19 -17.54
CA TYR A 711 -15.71 -45.88 -18.23
C TYR A 711 -15.85 -47.42 -18.20
N ASN A 712 -16.70 -47.95 -17.33
CA ASN A 712 -16.82 -49.40 -17.13
C ASN A 712 -16.96 -50.28 -18.41
N PRO A 713 -17.90 -49.93 -19.31
CA PRO A 713 -18.06 -50.74 -20.50
C PRO A 713 -16.75 -50.90 -21.28
N VAL A 714 -16.07 -49.80 -21.51
CA VAL A 714 -14.90 -49.78 -22.41
C VAL A 714 -13.77 -50.58 -21.80
N ILE A 715 -13.52 -50.33 -20.53
CA ILE A 715 -12.45 -50.99 -19.83
C ILE A 715 -12.77 -52.48 -19.75
N SER A 716 -14.04 -52.84 -19.53
CA SER A 716 -14.45 -54.23 -19.43
C SER A 716 -14.22 -54.96 -20.73
N ALA A 717 -14.49 -54.29 -21.84
CA ALA A 717 -14.24 -54.83 -23.17
C ALA A 717 -12.76 -55.05 -23.42
N LEU A 718 -11.96 -54.05 -23.06
CA LEU A 718 -10.52 -54.14 -23.16
C LEU A 718 -9.99 -55.34 -22.38
N LEU A 719 -10.58 -55.57 -21.21
CA LEU A 719 -10.14 -56.63 -20.33
C LEU A 719 -10.42 -58.02 -20.90
N LYS A 720 -11.60 -58.16 -21.48
CA LYS A 720 -12.01 -59.42 -22.08
C LYS A 720 -11.28 -59.67 -23.38
N ALA A 721 -11.01 -58.60 -24.12
CA ALA A 721 -10.22 -58.68 -25.33
C ALA A 721 -8.76 -59.06 -25.01
N ARG A 722 -8.27 -58.64 -23.85
CA ARG A 722 -6.89 -58.94 -23.49
C ARG A 722 -6.73 -60.44 -23.35
N ILE A 723 -7.75 -61.09 -22.79
CA ILE A 723 -7.72 -62.53 -22.64
C ILE A 723 -7.62 -63.24 -23.99
N LYS A 724 -8.52 -62.83 -24.90
CA LYS A 724 -8.67 -63.40 -26.25
C LYS A 724 -7.53 -63.13 -27.23
N TYR A 725 -7.02 -61.90 -27.25
CA TYR A 725 -6.14 -61.47 -28.31
C TYR A 725 -4.73 -61.05 -27.90
N VAL A 726 -4.49 -60.65 -26.66
CA VAL A 726 -3.21 -60.03 -26.35
C VAL A 726 -2.12 -61.06 -26.12
N SER A 727 -1.20 -61.15 -27.08
CA SER A 727 0.01 -61.93 -26.90
C SER A 727 1.05 -61.59 -27.96
N GLY A 728 2.22 -62.20 -27.82
CA GLY A 728 3.31 -62.02 -28.78
C GLY A 728 3.98 -60.69 -28.68
N GLY A 729 4.79 -60.39 -29.69
CA GLY A 729 5.62 -59.20 -29.68
C GLY A 729 4.82 -57.92 -29.73
N GLN A 730 5.49 -56.80 -29.52
CA GLN A 730 4.85 -55.50 -29.57
C GLN A 730 5.67 -54.53 -30.41
N THR A 731 4.96 -53.59 -31.04
CA THR A 731 5.57 -52.41 -31.59
C THR A 731 4.72 -51.23 -31.23
N MET A 732 5.35 -50.08 -31.26
CA MET A 732 4.71 -48.85 -30.90
C MET A 732 5.41 -47.78 -31.71
N ALA A 733 4.61 -46.90 -32.32
CA ALA A 733 5.12 -45.81 -33.13
C ALA A 733 4.16 -44.62 -33.02
N THR A 734 4.65 -43.44 -33.40
CA THR A 734 3.79 -42.25 -33.43
C THR A 734 4.01 -41.50 -34.71
N ASP A 735 2.98 -40.80 -35.16
CA ASP A 735 3.08 -39.93 -36.30
C ASP A 735 3.71 -38.62 -35.84
N SER A 736 4.98 -38.71 -35.50
CA SER A 736 5.62 -37.66 -34.77
C SER A 736 7.09 -38.00 -34.57
N SER A 737 7.92 -36.96 -34.53
CA SER A 737 9.36 -37.13 -34.43
C SER A 737 9.96 -36.46 -33.18
N GLY A 738 9.13 -35.80 -32.35
CA GLY A 738 9.64 -35.05 -31.21
C GLY A 738 8.58 -34.17 -30.56
N LYS A 739 9.00 -33.09 -29.90
CA LYS A 739 8.07 -32.14 -29.30
C LYS A 739 7.19 -31.44 -30.34
N ASP A 740 7.79 -31.11 -31.48
CA ASP A 740 7.17 -30.18 -32.43
C ASP A 740 6.73 -30.95 -33.64
N LEU A 741 5.59 -30.57 -34.23
CA LEU A 741 4.98 -31.36 -35.29
C LEU A 741 5.10 -30.69 -36.66
N LYS A 742 5.59 -31.43 -37.65
CA LYS A 742 5.58 -30.97 -39.03
C LYS A 742 4.15 -30.92 -39.58
N ASP A 743 4.03 -30.43 -40.82
CA ASP A 743 2.74 -30.13 -41.46
C ASP A 743 1.71 -31.28 -41.47
N GLY A 744 2.07 -32.45 -42.00
CA GLY A 744 1.15 -33.58 -42.02
C GLY A 744 0.91 -34.27 -40.68
N GLU A 745 1.83 -34.05 -39.73
CA GLU A 745 1.95 -34.87 -38.53
C GLU A 745 0.82 -34.69 -37.51
N THR A 746 0.30 -35.83 -37.04
CA THR A 746 -0.87 -35.92 -36.19
C THR A 746 -0.57 -36.19 -34.72
N ASP A 747 0.60 -36.81 -34.47
CA ASP A 747 0.99 -37.28 -33.14
C ASP A 747 0.00 -38.30 -32.59
N LEU A 748 -0.38 -39.23 -33.47
CA LEU A 748 -1.29 -40.29 -33.13
C LEU A 748 -0.43 -41.52 -32.91
N LEU A 749 -0.66 -42.21 -31.80
CA LEU A 749 0.17 -43.34 -31.42
C LEU A 749 -0.44 -44.64 -31.89
N THR A 750 0.39 -45.53 -32.46
CA THR A 750 -0.08 -46.82 -32.94
C THR A 750 0.66 -47.93 -32.24
N SER A 751 -0.08 -48.74 -31.48
CA SER A 751 0.47 -49.83 -30.67
C SER A 751 -0.13 -51.12 -31.18
N VAL A 752 0.72 -52.14 -31.37
CA VAL A 752 0.33 -53.40 -31.99
C VAL A 752 0.86 -54.58 -31.22
N ARG A 753 0.02 -55.60 -31.06
CA ARG A 753 0.47 -56.90 -30.62
C ARG A 753 0.15 -57.93 -31.70
N PHE A 754 1.04 -58.91 -31.89
CA PHE A 754 0.98 -59.78 -33.06
C PHE A 754 0.24 -61.11 -32.91
N GLY A 755 0.16 -61.68 -31.72
CA GLY A 755 -0.36 -63.06 -31.56
C GLY A 755 0.68 -63.94 -30.92
N LYS A 756 0.43 -65.24 -30.71
CA LYS A 756 1.13 -65.97 -29.67
C LYS A 756 2.62 -66.14 -29.87
N GLY A 757 3.01 -66.64 -31.02
CA GLY A 757 4.44 -66.83 -31.22
C GLY A 757 5.06 -65.77 -32.10
N ILE A 758 4.31 -64.73 -32.44
CA ILE A 758 4.79 -63.75 -33.38
C ILE A 758 5.44 -62.61 -32.64
N MET A 759 6.73 -62.40 -32.90
CA MET A 759 7.50 -61.45 -32.15
C MET A 759 7.84 -60.17 -32.90
N THR A 760 7.65 -60.14 -34.22
CA THR A 760 8.13 -59.05 -35.05
C THR A 760 7.13 -58.74 -36.13
N SER A 761 7.21 -57.52 -36.67
CA SER A 761 6.48 -57.11 -37.88
C SER A 761 6.59 -58.09 -39.03
N ASP A 762 7.81 -58.52 -39.33
CA ASP A 762 8.10 -59.25 -40.56
C ASP A 762 8.04 -60.75 -40.41
N GLN A 763 7.95 -61.22 -39.17
CA GLN A 763 7.74 -62.64 -38.92
C GLN A 763 6.38 -63.01 -39.46
N THR A 764 6.38 -64.07 -40.27
CA THR A 764 5.20 -64.56 -40.97
C THR A 764 4.60 -65.80 -40.30
N THR A 765 5.38 -66.51 -39.49
CA THR A 765 4.86 -67.71 -38.85
C THR A 765 5.68 -68.17 -37.63
N THR A 766 5.02 -68.93 -36.76
CA THR A 766 5.62 -69.40 -35.52
C THR A 766 6.70 -70.40 -35.80
N GLN A 767 7.65 -70.53 -34.87
CA GLN A 767 8.74 -71.49 -35.06
C GLN A 767 8.31 -72.93 -34.75
N ASP A 768 7.36 -73.07 -33.82
CA ASP A 768 6.75 -74.38 -33.51
C ASP A 768 5.56 -74.73 -34.41
N ASN A 769 5.32 -73.95 -35.45
CA ASN A 769 4.19 -74.17 -36.37
C ASN A 769 2.78 -74.29 -35.76
N SER A 770 2.57 -73.66 -34.60
CA SER A 770 1.26 -73.55 -34.01
C SER A 770 0.50 -72.44 -34.74
N GLN A 771 -0.82 -72.59 -34.85
CA GLN A 771 -1.65 -71.63 -35.59
C GLN A 771 -2.38 -70.60 -34.74
N ASP A 772 -2.19 -70.62 -33.42
CA ASP A 772 -2.94 -69.75 -32.49
C ASP A 772 -2.90 -68.28 -32.86
N TYR A 773 -1.74 -67.87 -33.38
CA TYR A 773 -1.49 -66.48 -33.73
C TYR A 773 -2.45 -65.85 -34.71
N LYS A 774 -2.97 -66.63 -35.65
CA LYS A 774 -3.73 -66.03 -36.76
C LYS A 774 -4.92 -65.20 -36.29
N ASN A 775 -5.62 -65.65 -35.25
CA ASN A 775 -6.79 -64.92 -34.75
C ASN A 775 -6.53 -64.15 -33.47
N GLN A 776 -5.26 -63.91 -33.21
CA GLN A 776 -4.86 -63.12 -32.06
C GLN A 776 -4.27 -61.81 -32.54
N GLY A 777 -3.78 -61.03 -31.58
CA GLY A 777 -3.16 -59.78 -31.86
C GLY A 777 -4.21 -58.71 -31.73
N ILE A 778 -3.76 -57.46 -31.63
CA ILE A 778 -4.63 -56.31 -31.48
C ILE A 778 -3.92 -55.05 -31.98
N GLY A 779 -4.71 -54.10 -32.49
CA GLY A 779 -4.23 -52.79 -32.94
C GLY A 779 -4.88 -51.68 -32.14
N VAL A 780 -4.05 -50.77 -31.62
CA VAL A 780 -4.52 -49.63 -30.83
C VAL A 780 -4.00 -48.32 -31.39
N ILE A 781 -4.93 -47.38 -31.56
CA ILE A 781 -4.62 -46.04 -32.01
C ILE A 781 -5.15 -45.04 -30.98
N VAL A 782 -4.33 -44.10 -30.53
CA VAL A 782 -4.76 -43.14 -29.52
C VAL A 782 -4.16 -41.76 -29.76
N GLY A 783 -4.98 -40.74 -29.52
CA GLY A 783 -4.60 -39.35 -29.65
C GLY A 783 -4.94 -38.60 -28.39
N ASN A 784 -4.21 -37.49 -28.21
CA ASN A 784 -4.42 -36.60 -27.08
C ASN A 784 -4.94 -35.23 -27.47
N ASN A 785 -5.50 -35.11 -28.66
CA ASN A 785 -5.89 -33.82 -29.23
C ASN A 785 -7.33 -33.89 -29.69
N PRO A 786 -8.26 -33.30 -28.92
CA PRO A 786 -9.68 -33.38 -29.24
C PRO A 786 -10.08 -32.54 -30.43
N ASP A 787 -9.22 -31.60 -30.81
CA ASP A 787 -9.47 -30.75 -31.95
C ASP A 787 -8.69 -31.23 -33.15
N LEU A 788 -8.35 -32.51 -33.17
CA LEU A 788 -7.53 -33.06 -34.23
C LEU A 788 -8.36 -33.19 -35.50
N LYS A 789 -7.85 -32.61 -36.57
CA LYS A 789 -8.43 -32.77 -37.91
C LYS A 789 -7.33 -33.21 -38.89
N LEU A 790 -7.53 -34.30 -39.62
CA LEU A 790 -6.51 -34.75 -40.58
C LEU A 790 -6.55 -33.96 -41.90
N ASN A 791 -5.41 -33.86 -42.59
CA ASN A 791 -5.42 -33.37 -43.97
C ASN A 791 -6.09 -34.41 -44.87
N ASN A 792 -6.66 -34.00 -45.99
CA ASN A 792 -7.41 -34.95 -46.81
C ASN A 792 -6.57 -36.10 -47.36
N ASP A 793 -5.36 -35.77 -47.78
CA ASP A 793 -4.36 -36.75 -48.25
C ASP A 793 -3.88 -37.76 -47.17
N LYS A 794 -3.82 -37.31 -45.91
CA LYS A 794 -3.16 -38.07 -44.81
C LYS A 794 -3.76 -39.45 -44.57
N THR A 795 -2.86 -40.42 -44.39
CA THR A 795 -3.22 -41.78 -44.07
C THR A 795 -2.45 -42.27 -42.85
N ILE A 796 -3.16 -43.00 -41.99
CA ILE A 796 -2.61 -43.51 -40.75
C ILE A 796 -2.72 -45.02 -40.71
N THR A 797 -1.60 -45.65 -40.39
CA THR A 797 -1.45 -47.07 -40.63
C THR A 797 -1.11 -47.87 -39.37
N LEU A 798 -1.80 -48.99 -39.22
CA LEU A 798 -1.51 -49.98 -38.19
C LEU A 798 -0.79 -51.15 -38.83
N HIS A 799 0.49 -51.36 -38.51
CA HIS A 799 1.21 -52.44 -39.13
C HIS A 799 0.95 -53.69 -38.29
N MET A 800 -0.14 -54.37 -38.64
CA MET A 800 -0.60 -55.55 -37.91
C MET A 800 0.34 -56.73 -38.09
N GLY A 801 1.23 -56.63 -39.09
CA GLY A 801 2.33 -57.57 -39.26
C GLY A 801 2.14 -58.48 -40.45
N LYS A 802 3.27 -58.99 -40.94
CA LYS A 802 3.29 -59.89 -42.09
C LYS A 802 2.81 -61.32 -41.75
N ALA A 803 2.50 -61.57 -40.49
CA ALA A 803 1.77 -62.79 -40.11
C ALA A 803 0.25 -62.62 -40.28
N HIS A 804 -0.20 -61.44 -40.74
CA HIS A 804 -1.62 -61.14 -40.88
C HIS A 804 -1.95 -60.48 -42.24
N LYS A 805 -1.37 -61.02 -43.31
CA LYS A 805 -1.59 -60.50 -44.67
C LYS A 805 -3.03 -60.76 -45.08
N ASN A 806 -3.63 -59.77 -45.72
CA ASN A 806 -4.96 -59.90 -46.37
C ASN A 806 -6.11 -60.29 -45.43
N GLN A 807 -5.88 -60.15 -44.14
CA GLN A 807 -6.82 -60.57 -43.12
C GLN A 807 -7.88 -59.50 -42.83
N LEU A 808 -9.09 -59.96 -42.49
CA LEU A 808 -10.16 -59.08 -42.07
C LEU A 808 -10.09 -58.79 -40.60
N TYR A 809 -10.11 -57.50 -40.27
CA TYR A 809 -10.08 -57.01 -38.89
C TYR A 809 -11.39 -56.26 -38.61
N ARG A 810 -11.85 -56.27 -37.36
CA ARG A 810 -13.07 -55.53 -36.94
C ARG A 810 -12.85 -54.73 -35.66
N ALA A 811 -13.56 -53.62 -35.54
CA ALA A 811 -13.34 -52.71 -34.41
C ALA A 811 -13.86 -53.29 -33.09
N LEU A 812 -13.10 -53.08 -32.04
CA LEU A 812 -13.52 -53.35 -30.68
C LEU A 812 -14.09 -52.10 -30.03
N VAL A 813 -13.45 -50.98 -30.37
CA VAL A 813 -13.71 -49.71 -29.72
C VAL A 813 -13.37 -48.57 -30.66
N LEU A 814 -14.31 -47.63 -30.81
CA LEU A 814 -14.14 -46.46 -31.66
C LEU A 814 -14.76 -45.22 -31.04
N SER A 815 -13.96 -44.16 -30.96
CA SER A 815 -14.41 -42.90 -30.40
C SER A 815 -15.20 -42.06 -31.42
N ASN A 816 -16.05 -41.18 -30.91
CA ASN A 816 -16.80 -40.26 -31.75
C ASN A 816 -17.23 -39.09 -30.87
N ASP A 817 -18.02 -38.19 -31.40
CA ASP A 817 -18.21 -36.91 -30.75
C ASP A 817 -19.16 -36.94 -29.55
N SER A 818 -19.91 -38.03 -29.38
CA SER A 818 -20.82 -38.20 -28.24
C SER A 818 -20.37 -39.24 -27.23
N GLY A 819 -19.50 -40.16 -27.64
CA GLY A 819 -18.95 -41.16 -26.73
C GLY A 819 -17.89 -42.04 -27.37
N ILE A 820 -17.80 -43.28 -26.89
CA ILE A 820 -16.97 -44.31 -27.50
C ILE A 820 -17.86 -45.53 -27.66
N ASP A 821 -18.05 -45.96 -28.89
CA ASP A 821 -18.79 -47.17 -29.17
C ASP A 821 -17.95 -48.39 -28.82
N VAL A 822 -18.62 -49.39 -28.27
CA VAL A 822 -18.01 -50.67 -27.90
C VAL A 822 -18.70 -51.80 -28.68
N TYR A 823 -17.92 -52.63 -29.33
CA TYR A 823 -18.50 -53.73 -30.12
C TYR A 823 -18.17 -55.07 -29.48
N ASP A 824 -19.24 -55.78 -29.11
CA ASP A 824 -19.10 -56.98 -28.26
C ASP A 824 -18.74 -58.24 -29.05
N SER A 825 -19.02 -58.24 -30.36
CA SER A 825 -18.75 -59.40 -31.20
C SER A 825 -18.55 -58.98 -32.66
N ASP A 826 -18.02 -59.88 -33.49
CA ASP A 826 -17.62 -59.54 -34.86
C ASP A 826 -18.77 -58.98 -35.69
N ASP A 827 -19.97 -59.52 -35.52
CA ASP A 827 -21.11 -59.17 -36.39
C ASP A 827 -21.58 -57.74 -36.22
N LYS A 828 -21.52 -57.22 -35.00
CA LYS A 828 -22.05 -55.89 -34.71
C LYS A 828 -21.10 -54.75 -35.08
N ALA A 829 -19.90 -55.10 -35.54
CA ALA A 829 -18.85 -54.12 -35.76
C ALA A 829 -18.47 -53.94 -37.23
N PRO A 830 -17.95 -52.74 -37.55
CA PRO A 830 -17.32 -52.49 -38.83
C PRO A 830 -16.06 -53.29 -39.02
N THR A 831 -15.89 -53.82 -40.21
CA THR A 831 -14.67 -54.51 -40.60
C THR A 831 -13.82 -53.66 -41.49
N LEU A 832 -12.59 -54.11 -41.67
CA LEU A 832 -11.65 -53.52 -42.60
C LEU A 832 -10.53 -54.55 -42.77
N ARG A 833 -10.01 -54.69 -43.98
CA ARG A 833 -9.09 -55.76 -44.30
C ARG A 833 -7.69 -55.23 -44.49
N THR A 834 -6.71 -56.01 -44.09
CA THR A 834 -5.32 -55.62 -44.21
C THR A 834 -4.87 -55.91 -45.61
N ASN A 835 -3.84 -55.19 -46.06
CA ASN A 835 -3.32 -55.39 -47.39
C ASN A 835 -2.36 -56.60 -47.44
N ASP A 836 -1.62 -56.70 -48.53
CA ASP A 836 -0.66 -57.78 -48.71
C ASP A 836 0.46 -57.74 -47.67
N ASN A 837 0.93 -56.54 -47.35
CA ASN A 837 1.95 -56.36 -46.32
C ASN A 837 1.45 -56.42 -44.88
N GLY A 838 0.14 -56.47 -44.71
CA GLY A 838 -0.46 -56.66 -43.40
C GLY A 838 -0.82 -55.37 -42.70
N ASP A 839 -0.94 -54.28 -43.45
CA ASP A 839 -1.26 -52.98 -42.87
C ASP A 839 -2.73 -52.64 -43.04
N LEU A 840 -3.35 -52.19 -41.94
CA LEU A 840 -4.65 -51.54 -41.98
C LEU A 840 -4.47 -50.06 -42.27
N ILE A 841 -4.94 -49.60 -43.42
CA ILE A 841 -4.76 -48.19 -43.79
C ILE A 841 -6.01 -47.39 -43.42
N PHE A 842 -5.81 -46.21 -42.84
CA PHE A 842 -6.90 -45.32 -42.43
C PHE A 842 -6.73 -43.95 -43.06
N HIS A 843 -7.85 -43.33 -43.43
CA HIS A 843 -7.83 -42.00 -44.05
C HIS A 843 -8.64 -41.02 -43.20
N LYS A 844 -8.64 -39.75 -43.61
CA LYS A 844 -9.46 -38.75 -42.93
C LYS A 844 -10.90 -39.23 -42.93
N THR A 845 -11.33 -39.72 -44.07
CA THR A 845 -12.68 -40.20 -44.24
C THR A 845 -12.63 -41.70 -44.55
N ASN A 846 -13.44 -42.46 -43.86
CA ASN A 846 -13.45 -43.90 -44.04
C ASN A 846 -14.84 -44.41 -44.27
N THR A 847 -14.97 -45.35 -45.19
CA THR A 847 -16.21 -46.09 -45.36
C THR A 847 -15.90 -47.57 -45.05
N PHE A 848 -16.36 -48.03 -43.89
CA PHE A 848 -16.15 -49.41 -43.48
C PHE A 848 -17.41 -50.18 -43.81
N VAL A 849 -17.26 -51.49 -44.00
CA VAL A 849 -18.45 -52.33 -44.18
C VAL A 849 -18.56 -53.31 -43.02
N LYS A 850 -19.77 -53.53 -42.54
CA LYS A 850 -20.00 -54.62 -41.60
C LYS A 850 -19.82 -55.92 -42.34
N GLN A 851 -19.47 -56.97 -41.60
CA GLN A 851 -19.17 -58.25 -42.24
C GLN A 851 -20.37 -58.75 -43.01
N ASP A 852 -21.57 -58.59 -42.46
CA ASP A 852 -22.76 -58.99 -43.21
C ASP A 852 -23.72 -57.85 -43.50
N GLY A 853 -24.17 -57.18 -42.45
CA GLY A 853 -25.19 -56.12 -42.49
C GLY A 853 -25.12 -54.90 -43.43
N THR A 854 -24.10 -54.06 -43.33
CA THR A 854 -24.15 -52.74 -43.97
C THR A 854 -22.85 -51.95 -44.06
N ILE A 855 -22.91 -50.84 -44.79
CA ILE A 855 -21.85 -49.83 -44.86
C ILE A 855 -21.90 -48.82 -43.68
N ILE A 856 -20.73 -48.47 -43.13
CA ILE A 856 -20.59 -47.49 -42.02
C ILE A 856 -19.60 -46.36 -42.38
N ASN A 857 -19.93 -45.13 -42.00
CA ASN A 857 -19.03 -43.98 -42.21
C ASN A 857 -18.35 -43.55 -40.94
N TYR A 858 -17.06 -43.26 -41.02
CA TYR A 858 -16.27 -42.91 -39.83
C TYR A 858 -15.11 -41.97 -40.14
N GLU A 859 -15.01 -40.89 -39.40
CA GLU A 859 -13.93 -39.94 -39.57
C GLU A 859 -12.83 -40.14 -38.50
N MET A 860 -11.57 -40.16 -38.93
CA MET A 860 -10.42 -40.01 -38.00
C MET A 860 -10.39 -38.56 -37.56
N LYS A 861 -10.98 -38.36 -36.39
CA LYS A 861 -11.34 -37.06 -35.90
C LYS A 861 -11.07 -37.11 -34.41
N GLY A 862 -10.36 -36.13 -33.90
CA GLY A 862 -10.33 -35.97 -32.45
C GLY A 862 -11.74 -35.61 -31.99
N SER A 863 -12.12 -36.11 -30.83
CA SER A 863 -13.45 -35.85 -30.27
C SER A 863 -13.31 -35.29 -28.86
N LEU A 864 -14.40 -34.74 -28.34
CA LEU A 864 -14.42 -34.20 -26.97
C LEU A 864 -15.76 -34.53 -26.35
N ASN A 865 -15.72 -35.33 -25.29
CA ASN A 865 -16.89 -35.68 -24.46
C ASN A 865 -16.42 -36.27 -23.12
N ALA A 866 -17.36 -36.74 -22.30
CA ALA A 866 -17.01 -37.23 -20.96
C ALA A 866 -16.01 -38.38 -20.98
N LEU A 867 -16.04 -39.22 -22.03
CA LEU A 867 -15.15 -40.40 -22.13
C LEU A 867 -13.79 -40.16 -22.85
N ILE A 868 -13.64 -39.05 -23.57
CA ILE A 868 -12.38 -38.80 -24.27
C ILE A 868 -12.12 -37.33 -24.59
N SER A 869 -10.84 -36.97 -24.59
CA SER A 869 -10.33 -35.74 -25.19
C SER A 869 -9.16 -36.16 -26.08
N GLY A 870 -9.51 -36.61 -27.29
CA GLY A 870 -8.55 -37.06 -28.28
C GLY A 870 -9.17 -38.14 -29.16
N TYR A 871 -8.35 -39.06 -29.68
CA TYR A 871 -8.86 -40.19 -30.45
C TYR A 871 -8.58 -41.53 -29.79
N LEU A 872 -9.45 -42.51 -30.05
CA LEU A 872 -9.22 -43.90 -29.64
C LEU A 872 -9.88 -44.93 -30.61
N GLY A 873 -9.06 -45.82 -31.15
CA GLY A 873 -9.54 -46.87 -32.02
C GLY A 873 -8.81 -48.15 -31.73
N VAL A 874 -9.57 -49.22 -31.51
CA VAL A 874 -8.98 -50.52 -31.26
C VAL A 874 -9.58 -51.53 -32.21
N TRP A 875 -8.73 -52.35 -32.81
CA TRP A 875 -9.12 -53.28 -33.85
C TRP A 875 -8.57 -54.68 -33.58
N VAL A 876 -9.40 -55.67 -33.87
CA VAL A 876 -9.09 -57.07 -33.62
C VAL A 876 -9.44 -57.92 -34.84
N PRO A 877 -8.76 -59.06 -34.97
CA PRO A 877 -9.10 -59.94 -36.07
C PRO A 877 -10.47 -60.59 -35.90
N VAL A 878 -11.26 -60.60 -36.97
CA VAL A 878 -12.52 -61.28 -36.95
C VAL A 878 -12.23 -62.76 -36.94
N GLY A 879 -13.20 -63.54 -36.48
CA GLY A 879 -13.11 -64.99 -36.50
C GLY A 879 -12.56 -65.59 -35.22
N ALA A 880 -12.57 -64.81 -34.15
CA ALA A 880 -12.04 -65.29 -32.88
C ALA A 880 -13.04 -66.25 -32.22
N SER A 881 -12.56 -67.42 -31.82
CA SER A 881 -13.33 -68.37 -31.02
C SER A 881 -13.91 -67.75 -29.73
N ASP A 882 -15.00 -68.32 -29.22
CA ASP A 882 -15.64 -67.84 -27.98
C ASP A 882 -14.86 -68.13 -26.72
N SER A 883 -14.12 -69.22 -26.74
CA SER A 883 -13.31 -69.59 -25.61
C SER A 883 -11.84 -69.28 -25.86
N GLN A 884 -11.53 -68.48 -26.90
CA GLN A 884 -10.14 -68.23 -27.27
C GLN A 884 -9.43 -67.57 -26.12
N ASP A 885 -8.24 -68.11 -25.81
CA ASP A 885 -7.42 -67.68 -24.67
C ASP A 885 -5.96 -67.56 -25.11
N ALA A 886 -5.43 -66.34 -25.14
CA ALA A 886 -4.10 -66.05 -25.67
C ALA A 886 -3.03 -66.00 -24.59
N ARG A 887 -3.40 -66.42 -23.40
CA ARG A 887 -2.48 -66.37 -22.27
C ARG A 887 -1.53 -67.53 -22.28
N THR A 888 -0.43 -67.38 -21.57
CA THR A 888 0.54 -68.43 -21.46
C THR A 888 0.51 -68.93 -20.01
N VAL A 889 0.44 -70.23 -19.86
CA VAL A 889 0.53 -70.81 -18.54
C VAL A 889 1.99 -70.78 -18.08
N ALA A 890 2.17 -70.57 -16.78
CA ALA A 890 3.48 -70.58 -16.17
C ALA A 890 4.07 -71.99 -16.06
N THR A 891 5.36 -72.10 -16.35
CA THR A 891 6.06 -73.37 -16.47
C THR A 891 6.62 -73.86 -15.13
N GLU A 892 6.49 -75.16 -14.86
CA GLU A 892 6.98 -75.76 -13.60
C GLU A 892 8.48 -76.03 -13.60
N SER A 893 9.13 -75.89 -14.75
CA SER A 893 10.54 -76.21 -14.90
C SER A 893 11.38 -75.08 -14.34
N SER A 894 12.60 -75.41 -13.91
CA SER A 894 13.57 -74.39 -13.55
C SER A 894 14.13 -73.77 -14.84
N SER A 895 13.35 -72.82 -15.36
CA SER A 895 13.73 -71.97 -16.49
C SER A 895 15.11 -71.25 -16.32
N SER A 896 15.40 -70.78 -15.10
CA SER A 896 16.53 -69.87 -14.83
C SER A 896 17.37 -70.24 -13.62
N ASN A 897 18.69 -70.12 -13.77
CA ASN A 897 19.63 -70.24 -12.66
C ASN A 897 20.04 -68.86 -12.12
N ASP A 898 19.42 -67.79 -12.60
CA ASP A 898 19.79 -66.40 -12.17
C ASP A 898 19.54 -66.04 -10.69
N GLY A 899 18.86 -66.91 -9.95
CA GLY A 899 18.59 -66.70 -8.52
C GLY A 899 17.29 -65.96 -8.29
N SER A 900 16.82 -65.27 -9.33
CA SER A 900 15.64 -64.39 -9.29
C SER A 900 14.33 -65.15 -9.07
N VAL A 901 13.33 -64.45 -8.52
CA VAL A 901 11.99 -64.98 -8.33
C VAL A 901 11.13 -64.71 -9.58
N PHE A 902 10.67 -63.46 -9.77
CA PHE A 902 9.83 -63.12 -10.92
C PHE A 902 10.63 -62.89 -12.21
N HIS A 903 10.00 -63.23 -13.33
CA HIS A 903 10.61 -63.02 -14.63
C HIS A 903 9.56 -62.41 -15.60
N SER A 904 9.91 -61.33 -16.29
CA SER A 904 8.97 -60.75 -17.22
C SER A 904 8.98 -61.63 -18.46
N ASN A 905 7.84 -62.26 -18.70
CA ASN A 905 7.65 -63.07 -19.87
C ASN A 905 6.16 -63.19 -20.13
N ALA A 906 5.79 -63.99 -21.12
CA ALA A 906 4.40 -64.08 -21.56
C ALA A 906 3.50 -64.63 -20.49
N ALA A 907 4.06 -65.48 -19.64
CA ALA A 907 3.30 -66.05 -18.57
C ALA A 907 2.96 -64.98 -17.52
N LEU A 908 3.97 -64.25 -17.08
CA LEU A 908 3.72 -63.21 -16.08
C LEU A 908 2.74 -62.20 -16.64
N ASP A 909 2.91 -61.86 -17.93
CA ASP A 909 2.09 -60.85 -18.60
C ASP A 909 0.64 -61.26 -18.68
N SER A 910 0.37 -62.56 -18.53
CA SER A 910 -0.99 -63.10 -18.58
C SER A 910 -1.82 -62.80 -17.33
N ASN A 911 -1.17 -62.21 -16.32
CA ASN A 911 -1.86 -61.81 -15.10
C ASN A 911 -2.43 -60.41 -15.13
N VAL A 912 -3.41 -60.17 -14.27
CA VAL A 912 -3.99 -58.85 -14.09
C VAL A 912 -4.39 -58.71 -12.62
N ILE A 913 -3.95 -57.63 -11.99
CA ILE A 913 -4.28 -57.37 -10.61
C ILE A 913 -5.42 -56.39 -10.61
N TYR A 914 -6.36 -56.57 -9.69
CA TYR A 914 -7.44 -55.61 -9.49
C TYR A 914 -7.31 -55.04 -8.10
N GLU A 915 -7.06 -53.73 -8.03
CA GLU A 915 -7.01 -53.04 -6.77
C GLU A 915 -8.42 -52.71 -6.39
N GLY A 916 -9.03 -53.56 -5.55
CA GLY A 916 -10.49 -53.58 -5.45
C GLY A 916 -11.08 -52.85 -4.26
N PHE A 917 -10.72 -51.58 -4.13
CA PHE A 917 -11.26 -50.75 -3.08
C PHE A 917 -10.91 -49.33 -3.33
N SER A 918 -11.61 -48.45 -2.62
CA SER A 918 -11.36 -47.02 -2.68
C SER A 918 -11.33 -46.50 -1.25
N ASN A 919 -10.39 -45.59 -0.97
CA ASN A 919 -10.29 -45.04 0.38
C ASN A 919 -11.52 -44.24 0.76
N PHE A 920 -12.36 -43.88 -0.19
CA PHE A 920 -13.45 -42.97 0.09
C PHE A 920 -14.82 -43.65 0.01
N GLN A 921 -14.83 -44.98 0.05
CA GLN A 921 -16.08 -45.72 0.17
C GLN A 921 -16.75 -45.26 1.41
N ALA A 922 -18.07 -45.20 1.36
CA ALA A 922 -18.86 -44.99 2.54
C ALA A 922 -18.82 -46.20 3.47
N MET A 923 -19.22 -46.02 4.72
CA MET A 923 -19.38 -47.13 5.65
C MET A 923 -20.59 -47.94 5.19
N PRO A 924 -20.54 -49.28 5.32
CA PRO A 924 -21.67 -50.10 4.90
C PRO A 924 -22.93 -49.74 5.64
N THR A 925 -23.99 -49.45 4.90
CA THR A 925 -25.28 -49.15 5.51
C THR A 925 -25.87 -50.41 6.17
N SER A 926 -25.51 -51.58 5.64
CA SER A 926 -26.01 -52.83 6.17
C SER A 926 -24.96 -53.93 6.04
N PRO A 927 -25.02 -54.94 6.91
CA PRO A 927 -24.03 -56.03 6.83
C PRO A 927 -23.96 -56.68 5.45
N GLU A 928 -25.07 -56.67 4.72
CA GLU A 928 -25.16 -57.36 3.46
C GLU A 928 -24.36 -56.63 2.38
N GLN A 929 -24.18 -55.31 2.52
CA GLN A 929 -23.46 -54.53 1.50
C GLN A 929 -21.98 -54.28 1.83
N SER A 930 -21.47 -54.97 2.84
CA SER A 930 -20.08 -54.88 3.17
C SER A 930 -19.22 -55.41 2.05
N THR A 931 -18.14 -54.69 1.77
CA THR A 931 -17.26 -55.02 0.67
C THR A 931 -17.01 -56.52 0.50
N ASN A 932 -16.56 -57.18 1.56
CA ASN A 932 -16.14 -58.58 1.45
C ASN A 932 -17.30 -59.57 1.25
N VAL A 933 -18.50 -59.19 1.67
CA VAL A 933 -19.69 -59.99 1.36
C VAL A 933 -19.94 -59.88 -0.14
N VAL A 934 -19.92 -58.66 -0.64
CA VAL A 934 -20.17 -58.41 -2.05
C VAL A 934 -19.12 -59.11 -2.90
N ILE A 935 -17.85 -59.07 -2.48
CA ILE A 935 -16.81 -59.70 -3.28
C ILE A 935 -17.10 -61.19 -3.44
N ALA A 936 -17.58 -61.83 -2.38
CA ALA A 936 -17.94 -63.24 -2.45
C ALA A 936 -19.05 -63.51 -3.47
N THR A 937 -20.15 -62.76 -3.42
CA THR A 937 -21.21 -63.01 -4.38
C THR A 937 -20.76 -62.70 -5.83
N LYS A 938 -19.81 -61.78 -6.02
CA LYS A 938 -19.41 -61.35 -7.37
C LYS A 938 -18.07 -61.90 -7.90
N ALA A 939 -17.45 -62.84 -7.21
CA ALA A 939 -16.15 -63.38 -7.69
C ALA A 939 -16.16 -63.75 -9.17
N ASN A 940 -17.19 -64.48 -9.61
CA ASN A 940 -17.45 -64.78 -11.04
C ASN A 940 -17.08 -63.65 -12.00
N LEU A 941 -17.63 -62.46 -11.76
CA LEU A 941 -17.48 -61.32 -12.65
C LEU A 941 -16.02 -60.94 -12.91
N PHE A 942 -15.15 -61.15 -11.92
CA PHE A 942 -13.74 -60.81 -12.03
C PHE A 942 -12.94 -61.88 -12.72
N LYS A 943 -13.39 -63.13 -12.58
CA LYS A 943 -12.78 -64.24 -13.29
C LYS A 943 -12.87 -63.92 -14.78
N GLU A 944 -14.04 -63.46 -15.21
CA GLU A 944 -14.33 -63.22 -16.63
C GLU A 944 -13.71 -61.95 -17.23
N LEU A 945 -13.20 -61.07 -16.36
CA LEU A 945 -12.37 -59.93 -16.77
C LEU A 945 -10.87 -60.27 -16.81
N GLY A 946 -10.52 -61.48 -16.38
CA GLY A 946 -9.14 -61.96 -16.50
C GLY A 946 -8.27 -61.57 -15.32
N ILE A 947 -8.90 -61.20 -14.20
CA ILE A 947 -8.17 -60.89 -12.99
C ILE A 947 -7.64 -62.19 -12.47
N THR A 948 -6.34 -62.25 -12.23
CA THR A 948 -5.73 -63.41 -11.65
C THR A 948 -5.38 -63.21 -10.18
N SER A 949 -5.26 -61.94 -9.73
CA SER A 949 -5.05 -61.58 -8.29
C SER A 949 -5.87 -60.36 -7.88
N PHE A 950 -6.50 -60.47 -6.73
CA PHE A 950 -7.41 -59.46 -6.22
C PHE A 950 -6.72 -58.77 -5.05
N GLU A 951 -6.38 -57.50 -5.22
CA GLU A 951 -5.73 -56.73 -4.15
C GLU A 951 -6.84 -56.18 -3.31
N LEU A 952 -6.96 -56.73 -2.13
CA LEU A 952 -7.98 -56.30 -1.16
C LEU A 952 -7.40 -55.18 -0.31
N ALA A 953 -8.31 -54.35 0.18
CA ALA A 953 -7.94 -53.30 1.11
C ALA A 953 -7.26 -53.90 2.34
N PRO A 954 -6.54 -53.05 3.08
CA PRO A 954 -5.98 -53.52 4.32
C PRO A 954 -7.12 -53.78 5.29
N GLN A 955 -7.11 -54.96 5.90
CA GLN A 955 -8.25 -55.43 6.65
C GLN A 955 -8.17 -55.14 8.13
N TYR A 956 -7.28 -54.25 8.53
CA TYR A 956 -6.95 -54.11 9.94
C TYR A 956 -7.94 -53.16 10.55
N ARG A 957 -8.20 -53.32 11.85
CA ARG A 957 -9.23 -52.52 12.49
C ARG A 957 -8.81 -51.04 12.61
N SER A 958 -9.71 -50.18 12.14
CA SER A 958 -9.43 -48.75 12.08
C SER A 958 -9.34 -48.14 13.45
N SER A 959 -8.40 -47.20 13.57
CA SER A 959 -8.17 -46.45 14.80
C SER A 959 -9.24 -45.38 14.88
N GLY A 960 -9.91 -45.11 13.77
CA GLY A 960 -11.15 -44.35 13.81
C GLY A 960 -11.03 -42.89 14.19
N ASP A 961 -11.95 -42.45 15.04
CA ASP A 961 -11.94 -41.08 15.56
C ASP A 961 -10.98 -40.87 16.73
N THR A 962 -10.38 -41.93 17.25
CA THR A 962 -9.49 -41.79 18.38
C THR A 962 -8.29 -40.93 18.05
N ASN A 963 -7.94 -40.04 18.98
CA ASN A 963 -6.88 -39.09 18.73
C ASN A 963 -6.32 -38.58 20.07
N TYR A 964 -5.16 -39.08 20.43
CA TYR A 964 -4.56 -38.73 21.71
C TYR A 964 -3.87 -37.36 21.71
N GLY A 965 -3.53 -36.85 20.53
CA GLY A 965 -3.08 -35.47 20.38
C GLY A 965 -2.63 -35.31 18.96
N GLY A 966 -2.42 -34.07 18.52
CA GLY A 966 -1.88 -33.86 17.18
C GLY A 966 -2.94 -34.06 16.13
N MET A 967 -2.55 -34.01 14.85
CA MET A 967 -3.54 -34.02 13.79
C MET A 967 -3.96 -35.47 13.45
N SER A 968 -5.24 -35.71 13.36
CA SER A 968 -5.77 -36.93 12.80
C SER A 968 -5.51 -36.98 11.28
N PHE A 969 -5.44 -38.17 10.69
CA PHE A 969 -5.29 -38.30 9.24
C PHE A 969 -6.52 -38.95 8.62
N LEU A 970 -6.80 -38.69 7.35
CA LEU A 970 -8.06 -39.25 6.75
C LEU A 970 -8.18 -40.78 6.76
N ASP A 971 -7.04 -41.46 6.64
CA ASP A 971 -7.01 -42.91 6.78
C ASP A 971 -7.74 -43.34 8.03
N SER A 972 -7.61 -42.57 9.09
CA SER A 972 -8.12 -42.97 10.38
C SER A 972 -9.60 -42.67 10.46
N PHE A 973 -9.97 -41.45 10.14
CA PHE A 973 -11.37 -41.09 10.32
C PHE A 973 -12.26 -41.59 9.19
N LEU A 974 -11.66 -42.02 8.08
CA LEU A 974 -12.43 -42.70 7.04
C LEU A 974 -12.38 -44.24 7.16
N ASN A 975 -11.72 -44.74 8.20
CA ASN A 975 -11.72 -46.18 8.48
C ASN A 975 -11.25 -47.06 7.34
N ASN A 976 -10.31 -46.57 6.55
CA ASN A 976 -9.95 -47.29 5.35
C ASN A 976 -9.02 -48.42 5.61
N GLY A 977 -8.49 -48.53 6.83
CA GLY A 977 -7.67 -49.72 7.17
C GLY A 977 -6.16 -49.50 7.18
N TYR A 978 -5.70 -48.43 6.55
CA TYR A 978 -4.30 -48.02 6.65
C TYR A 978 -3.92 -47.43 8.01
N ALA A 979 -4.91 -47.00 8.79
CA ALA A 979 -4.66 -46.47 10.14
C ALA A 979 -5.34 -47.38 11.17
N PHE A 980 -4.54 -48.05 11.96
CA PHE A 980 -5.03 -49.11 12.80
C PHE A 980 -4.33 -49.17 14.15
N THR A 981 -5.05 -49.69 15.14
CA THR A 981 -4.52 -49.86 16.52
C THR A 981 -4.02 -51.26 16.75
N ASP A 982 -4.74 -52.25 16.22
CA ASP A 982 -4.40 -53.67 16.37
C ASP A 982 -4.09 -54.32 15.01
N ARG A 983 -2.89 -54.82 14.82
CA ARG A 983 -2.48 -55.30 13.50
C ARG A 983 -3.07 -56.66 13.16
N TYR A 984 -3.48 -57.40 14.17
CA TYR A 984 -3.97 -58.75 13.98
C TYR A 984 -5.49 -58.86 14.06
N ASP A 985 -6.17 -57.77 14.39
CA ASP A 985 -7.62 -57.75 14.42
C ASP A 985 -8.12 -57.38 13.05
N LEU A 986 -8.62 -58.36 12.32
CA LEU A 986 -9.11 -58.15 10.95
C LEU A 986 -10.64 -58.20 10.86
N GLY A 987 -11.31 -57.98 11.99
CA GLY A 987 -12.76 -57.90 12.04
C GLY A 987 -13.41 -58.88 12.99
N PHE A 988 -12.66 -59.29 14.02
CA PHE A 988 -13.21 -60.23 15.00
C PHE A 988 -14.34 -59.61 15.80
N ASN A 989 -15.18 -60.46 16.35
CA ASN A 989 -16.20 -59.99 17.28
C ASN A 989 -15.63 -59.39 18.57
N LYS A 990 -16.39 -58.47 19.15
CA LYS A 990 -16.14 -57.98 20.50
C LYS A 990 -16.06 -59.18 21.43
N ALA A 991 -15.40 -59.02 22.57
CA ALA A 991 -15.23 -60.13 23.50
C ALA A 991 -16.55 -60.50 24.17
N ASP A 992 -17.48 -59.55 24.25
CA ASP A 992 -18.84 -59.82 24.74
C ASP A 992 -19.68 -60.66 23.73
N GLY A 993 -19.15 -60.92 22.54
CA GLY A 993 -19.80 -61.81 21.58
C GLY A 993 -20.39 -61.07 20.40
N ASN A 994 -20.55 -59.77 20.53
CA ASN A 994 -21.23 -59.01 19.49
C ASN A 994 -20.36 -58.83 18.27
N PRO A 995 -20.98 -58.75 17.09
CA PRO A 995 -20.22 -58.48 15.87
C PRO A 995 -19.47 -57.14 15.91
N ASN A 996 -18.35 -57.08 15.18
CA ASN A 996 -17.51 -55.90 15.19
C ASN A 996 -16.74 -55.78 13.88
N PRO A 997 -17.47 -55.58 12.80
CA PRO A 997 -16.82 -55.57 11.50
C PRO A 997 -15.87 -54.39 11.32
N THR A 998 -14.88 -54.55 10.46
CA THR A 998 -14.13 -53.43 9.94
C THR A 998 -15.05 -52.73 8.98
N LYS A 999 -14.51 -51.84 8.16
CA LYS A 999 -15.33 -51.14 7.15
C LYS A 999 -15.74 -52.13 6.08
N TYR A 1000 -15.01 -53.24 6.01
CA TYR A 1000 -15.15 -54.22 4.95
C TYR A 1000 -15.91 -55.51 5.41
N GLY A 1001 -16.19 -55.62 6.70
CA GLY A 1001 -16.96 -56.74 7.26
C GLY A 1001 -16.18 -57.54 8.28
N THR A 1002 -16.80 -58.60 8.78
CA THR A 1002 -16.19 -59.42 9.83
C THR A 1002 -15.04 -60.25 9.28
N ASP A 1003 -14.39 -60.98 10.20
CA ASP A 1003 -13.32 -61.89 9.82
C ASP A 1003 -13.86 -63.07 9.02
N GLN A 1004 -15.07 -63.52 9.33
CA GLN A 1004 -15.69 -64.57 8.53
C GLN A 1004 -15.93 -64.07 7.12
N ASP A 1005 -16.45 -62.85 7.00
CA ASP A 1005 -16.70 -62.27 5.69
C ASP A 1005 -15.43 -62.27 4.86
N LEU A 1006 -14.29 -62.02 5.51
CA LEU A 1006 -13.01 -61.95 4.83
C LEU A 1006 -12.59 -63.32 4.34
N ARG A 1007 -12.63 -64.29 5.23
CA ARG A 1007 -12.28 -65.65 4.85
C ARG A 1007 -13.21 -66.17 3.72
N ASN A 1008 -14.49 -65.78 3.73
CA ASN A 1008 -15.42 -66.18 2.67
C ASN A 1008 -15.09 -65.52 1.37
N ALA A 1009 -14.70 -64.25 1.45
CA ALA A 1009 -14.29 -63.52 0.27
C ALA A 1009 -13.05 -64.14 -0.36
N ILE A 1010 -12.10 -64.53 0.49
CA ILE A 1010 -10.83 -65.09 0.01
C ILE A 1010 -11.08 -66.44 -0.64
N GLU A 1011 -11.91 -67.26 0.01
CA GLU A 1011 -12.24 -68.60 -0.51
C GLU A 1011 -12.97 -68.48 -1.85
N ALA A 1012 -13.98 -67.61 -1.91
CA ALA A 1012 -14.66 -67.30 -3.15
C ALA A 1012 -13.71 -66.96 -4.29
N LEU A 1013 -12.64 -66.23 -4.00
CA LEU A 1013 -11.69 -65.87 -5.04
C LEU A 1013 -10.89 -67.09 -5.50
N HIS A 1014 -10.60 -68.00 -4.58
CA HIS A 1014 -9.89 -69.23 -4.92
C HIS A 1014 -10.76 -70.20 -5.70
N LYS A 1015 -12.01 -70.35 -5.28
CA LYS A 1015 -13.00 -71.04 -6.10
C LYS A 1015 -13.03 -70.52 -7.55
N ASN A 1016 -12.77 -69.22 -7.76
CA ASN A 1016 -12.71 -68.63 -9.11
C ASN A 1016 -11.28 -68.34 -9.61
N GLY A 1017 -10.31 -69.07 -9.06
CA GLY A 1017 -8.96 -69.17 -9.59
C GLY A 1017 -8.18 -67.91 -9.42
N MET A 1018 -8.60 -67.06 -8.50
CA MET A 1018 -7.95 -65.80 -8.28
C MET A 1018 -7.26 -65.82 -6.95
N GLN A 1019 -6.16 -65.10 -6.87
CA GLN A 1019 -5.40 -64.95 -5.65
C GLN A 1019 -5.88 -63.77 -4.84
N ALA A 1020 -5.53 -63.75 -3.56
CA ALA A 1020 -5.89 -62.65 -2.70
C ALA A 1020 -4.64 -62.04 -2.10
N ILE A 1021 -4.54 -60.70 -2.22
CA ILE A 1021 -3.36 -59.97 -1.77
C ILE A 1021 -3.63 -59.29 -0.44
N ALA A 1022 -2.70 -59.49 0.48
CA ALA A 1022 -2.75 -58.84 1.75
C ALA A 1022 -1.92 -57.55 1.68
N ASP A 1023 -2.48 -56.47 2.19
CA ASP A 1023 -1.71 -55.24 2.35
C ASP A 1023 -0.87 -55.33 3.62
N TRP A 1024 0.43 -55.49 3.46
CA TRP A 1024 1.37 -55.53 4.57
C TRP A 1024 1.81 -54.09 4.87
N VAL A 1025 1.49 -53.62 6.09
CA VAL A 1025 1.66 -52.23 6.50
C VAL A 1025 2.55 -52.16 7.74
N PRO A 1026 3.84 -52.33 7.52
CA PRO A 1026 4.76 -52.36 8.61
C PRO A 1026 5.26 -50.99 9.15
N ASP A 1027 5.01 -49.89 8.43
CA ASP A 1027 5.65 -48.62 8.76
C ASP A 1027 5.14 -47.96 10.04
N GLN A 1028 3.85 -48.00 10.28
CA GLN A 1028 3.31 -47.36 11.46
C GLN A 1028 2.09 -48.02 12.09
N ILE A 1029 1.69 -47.46 13.22
CA ILE A 1029 0.52 -47.90 13.93
C ILE A 1029 -0.04 -46.67 14.64
N TYR A 1030 -1.37 -46.61 14.79
CA TYR A 1030 -2.04 -45.38 15.28
C TYR A 1030 -2.64 -45.58 16.66
N ALA A 1031 -2.84 -44.47 17.36
CA ALA A 1031 -3.67 -44.41 18.56
C ALA A 1031 -3.43 -45.50 19.59
N LEU A 1032 -2.22 -45.53 20.15
CA LEU A 1032 -1.85 -46.43 21.26
C LEU A 1032 -2.25 -45.80 22.60
N PRO A 1033 -2.98 -46.53 23.45
CA PRO A 1033 -3.62 -45.90 24.60
C PRO A 1033 -2.75 -45.63 25.82
N GLY A 1034 -1.54 -46.15 25.87
CA GLY A 1034 -0.70 -45.98 27.04
C GLY A 1034 0.40 -44.95 26.85
N LYS A 1035 0.65 -44.13 27.87
CA LYS A 1035 1.66 -43.07 27.79
C LYS A 1035 2.97 -43.48 28.36
N GLU A 1036 4.03 -42.92 27.79
CA GLU A 1036 5.40 -43.15 28.27
C GLU A 1036 6.13 -41.84 28.08
N VAL A 1037 7.25 -41.68 28.78
CA VAL A 1037 8.06 -40.50 28.62
C VAL A 1037 9.24 -40.89 27.76
N VAL A 1038 9.34 -40.27 26.59
CA VAL A 1038 10.49 -40.43 25.71
C VAL A 1038 11.39 -39.20 25.73
N THR A 1039 12.60 -39.39 25.24
CA THR A 1039 13.48 -38.28 24.94
C THR A 1039 13.38 -38.02 23.44
N ALA A 1040 13.00 -36.81 23.07
CA ALA A 1040 12.62 -36.55 21.71
C ALA A 1040 13.34 -35.35 21.12
N THR A 1041 13.62 -35.44 19.82
CA THR A 1041 14.14 -34.33 19.05
C THR A 1041 13.17 -34.04 17.89
N ARG A 1042 12.88 -32.76 17.61
CA ARG A 1042 12.10 -32.36 16.44
C ARG A 1042 12.86 -32.53 15.10
N VAL A 1043 12.25 -33.26 14.17
CA VAL A 1043 12.91 -33.67 12.95
C VAL A 1043 11.99 -33.59 11.76
N ASP A 1044 12.61 -33.53 10.58
CA ASP A 1044 11.93 -33.58 9.29
C ASP A 1044 11.69 -35.04 8.90
N GLU A 1045 11.07 -35.29 7.75
CA GLU A 1045 10.74 -36.66 7.33
C GLU A 1045 11.91 -37.65 7.34
N ARG A 1046 13.13 -37.18 7.06
CA ARG A 1046 14.32 -38.04 7.07
C ARG A 1046 14.96 -38.20 8.43
N GLY A 1047 14.33 -37.68 9.47
CA GLY A 1047 14.89 -37.78 10.80
C GLY A 1047 16.07 -36.86 11.08
N ASN A 1048 16.18 -35.78 10.32
CA ASN A 1048 17.19 -34.78 10.54
C ASN A 1048 16.64 -33.63 11.32
N GLN A 1049 17.38 -33.20 12.31
CA GLN A 1049 16.92 -32.19 13.22
C GLN A 1049 16.62 -30.93 12.42
N LEU A 1050 15.50 -30.28 12.70
CA LEU A 1050 15.20 -29.00 12.03
C LEU A 1050 16.29 -27.99 12.35
N LYS A 1051 16.64 -27.06 11.46
CA LYS A 1051 17.89 -26.28 11.68
C LYS A 1051 17.83 -25.31 12.86
N ASP A 1052 16.70 -24.64 12.99
CA ASP A 1052 16.57 -23.62 14.02
C ASP A 1052 15.56 -24.04 15.08
N THR A 1053 15.79 -25.16 15.74
CA THR A 1053 14.86 -25.64 16.76
C THR A 1053 15.54 -25.82 18.10
N ASP A 1054 14.85 -25.42 19.14
CA ASP A 1054 15.35 -25.68 20.47
C ASP A 1054 14.84 -27.00 20.97
N PHE A 1055 13.95 -27.67 20.23
CA PHE A 1055 13.40 -28.95 20.69
C PHE A 1055 14.40 -30.08 20.40
N VAL A 1056 15.32 -30.30 21.31
CA VAL A 1056 16.41 -31.24 21.11
C VAL A 1056 16.63 -32.01 22.42
N ASN A 1057 16.70 -33.32 22.33
CA ASN A 1057 16.78 -34.18 23.49
C ASN A 1057 15.89 -33.76 24.67
N LEU A 1058 14.67 -33.32 24.43
CA LEU A 1058 13.73 -32.98 25.51
C LEU A 1058 12.80 -34.12 25.87
N LEU A 1059 12.37 -34.13 27.12
CA LEU A 1059 11.49 -35.15 27.59
C LEU A 1059 10.11 -34.78 27.15
N TYR A 1060 9.39 -35.81 26.68
CA TYR A 1060 8.07 -35.66 26.09
C TYR A 1060 7.19 -36.84 26.50
N VAL A 1061 5.91 -36.57 26.69
CA VAL A 1061 4.96 -37.61 26.95
C VAL A 1061 4.37 -38.00 25.62
N ALA A 1062 4.60 -39.25 25.23
CA ALA A 1062 4.09 -39.79 23.95
C ALA A 1062 3.09 -40.88 24.22
N ASN A 1063 2.23 -41.17 23.24
CA ASN A 1063 1.36 -42.35 23.31
C ASN A 1063 1.90 -43.51 22.48
N THR A 1064 2.62 -44.40 23.16
CA THR A 1064 3.44 -45.40 22.51
C THR A 1064 3.14 -46.83 22.95
N LYS A 1065 2.29 -47.01 23.94
CA LYS A 1065 2.13 -48.31 24.55
C LYS A 1065 0.77 -48.91 24.20
N SER A 1066 0.79 -50.13 23.70
CA SER A 1066 -0.40 -50.89 23.29
C SER A 1066 -1.18 -51.35 24.52
N SER A 1067 -2.44 -51.73 24.34
CA SER A 1067 -3.26 -52.22 25.48
C SER A 1067 -2.73 -53.48 26.17
N GLY A 1068 -2.01 -54.33 25.45
CA GLY A 1068 -1.47 -55.56 26.02
C GLY A 1068 -2.51 -56.68 26.18
N VAL A 1069 -3.76 -56.36 25.90
CA VAL A 1069 -4.87 -57.29 25.99
C VAL A 1069 -5.56 -57.42 24.59
N ASP A 1070 -4.93 -56.87 23.57
CA ASP A 1070 -5.47 -56.86 22.21
C ASP A 1070 -5.03 -58.11 21.44
N TYR A 1071 -5.40 -58.21 20.17
CA TYR A 1071 -5.02 -59.39 19.39
C TYR A 1071 -3.51 -59.42 19.22
N GLN A 1072 -2.88 -58.25 19.09
CA GLN A 1072 -1.42 -58.20 19.07
C GLN A 1072 -0.83 -58.96 20.27
N ALA A 1073 -1.56 -58.98 21.38
CA ALA A 1073 -1.13 -59.73 22.54
C ALA A 1073 -1.35 -61.22 22.40
N LYS A 1074 -2.49 -61.59 21.85
CA LYS A 1074 -2.75 -62.99 21.59
C LYS A 1074 -1.79 -63.58 20.59
N TYR A 1075 -1.72 -63.03 19.39
CA TYR A 1075 -0.93 -63.64 18.31
C TYR A 1075 0.55 -63.16 18.18
N GLY A 1076 0.96 -62.17 18.97
CA GLY A 1076 2.31 -61.61 18.84
C GLY A 1076 3.36 -62.69 19.01
N GLY A 1077 4.28 -62.77 18.05
CA GLY A 1077 5.39 -63.73 18.07
C GLY A 1077 5.09 -65.23 18.18
N GLU A 1078 3.83 -65.62 18.11
CA GLU A 1078 3.43 -67.01 18.41
C GLU A 1078 3.93 -68.04 17.43
N PHE A 1079 4.05 -67.63 16.18
CA PHE A 1079 4.36 -68.54 15.08
C PHE A 1079 5.86 -68.64 14.80
N LEU A 1080 6.66 -67.83 15.47
CA LEU A 1080 8.10 -67.80 15.24
C LEU A 1080 8.82 -69.06 15.69
N ASP A 1081 8.42 -69.64 16.82
CA ASP A 1081 9.12 -70.82 17.30
C ASP A 1081 8.93 -71.98 16.33
N LYS A 1082 7.70 -72.20 15.94
CA LYS A 1082 7.39 -73.17 14.89
C LYS A 1082 8.25 -72.95 13.66
N LEU A 1083 8.37 -71.70 13.22
CA LEU A 1083 9.12 -71.32 12.01
C LEU A 1083 10.62 -71.50 12.13
N ARG A 1084 11.19 -71.22 13.30
CA ARG A 1084 12.62 -71.36 13.51
C ARG A 1084 13.01 -72.84 13.47
N GLU A 1085 12.18 -73.67 14.09
CA GLU A 1085 12.34 -75.12 14.04
C GLU A 1085 12.32 -75.64 12.61
N GLU A 1086 11.35 -75.21 11.81
CA GLU A 1086 11.17 -75.71 10.46
C GLU A 1086 12.08 -75.11 9.40
N TYR A 1087 12.51 -73.87 9.56
CA TYR A 1087 13.34 -73.22 8.53
C TYR A 1087 14.46 -72.43 9.19
N PRO A 1088 15.37 -73.12 9.86
CA PRO A 1088 16.39 -72.44 10.66
C PRO A 1088 17.08 -71.25 9.98
N SER A 1089 17.33 -71.35 8.68
CA SER A 1089 18.22 -70.40 8.02
C SER A 1089 17.59 -69.02 7.96
N LEU A 1090 16.26 -68.94 7.94
CA LEU A 1090 15.59 -67.64 8.03
C LEU A 1090 16.05 -66.86 9.27
N PHE A 1091 16.29 -67.57 10.36
CA PHE A 1091 16.66 -66.97 11.62
C PHE A 1091 18.17 -66.88 11.82
N LYS A 1092 18.95 -67.51 10.91
CA LYS A 1092 20.42 -67.44 10.91
C LYS A 1092 21.04 -66.51 9.85
N GLN A 1093 20.28 -66.19 8.80
CA GLN A 1093 20.73 -65.32 7.73
C GLN A 1093 20.85 -63.87 8.19
N ASN A 1094 21.98 -63.21 7.92
CA ASN A 1094 22.14 -61.78 8.26
C ASN A 1094 21.41 -60.85 7.35
N GLN A 1095 20.88 -59.80 7.92
CA GLN A 1095 20.25 -58.70 7.20
C GLN A 1095 21.28 -57.62 6.91
N VAL A 1096 21.08 -56.86 5.84
CA VAL A 1096 22.13 -55.99 5.36
C VAL A 1096 22.33 -54.79 6.24
N SER A 1097 21.23 -54.12 6.57
CA SER A 1097 21.27 -52.85 7.30
C SER A 1097 21.79 -53.01 8.70
N THR A 1098 21.58 -54.15 9.31
CA THR A 1098 21.97 -54.37 10.72
C THR A 1098 23.23 -55.21 10.92
N GLY A 1099 23.64 -55.97 9.91
CA GLY A 1099 24.71 -56.93 10.04
C GLY A 1099 24.31 -58.14 10.87
N GLN A 1100 23.03 -58.18 11.29
CA GLN A 1100 22.55 -59.16 12.27
C GLN A 1100 21.44 -59.96 11.65
N PRO A 1101 21.19 -61.14 12.20
CA PRO A 1101 19.99 -61.83 11.79
C PRO A 1101 18.80 -61.34 12.64
N ILE A 1102 17.59 -61.61 12.16
CA ILE A 1102 16.38 -61.33 12.91
C ILE A 1102 16.39 -62.11 14.21
N ASP A 1103 15.73 -61.54 15.23
CA ASP A 1103 15.83 -62.02 16.61
C ASP A 1103 14.47 -62.39 17.16
N ALA A 1104 14.16 -63.68 17.15
CA ALA A 1104 12.92 -64.20 17.71
C ALA A 1104 13.03 -64.59 19.21
N SER A 1105 14.17 -64.29 19.83
CA SER A 1105 14.39 -64.64 21.25
C SER A 1105 13.49 -63.78 22.14
N THR A 1106 12.96 -62.68 21.59
CA THR A 1106 12.01 -61.81 22.28
C THR A 1106 10.73 -61.63 21.45
N LYS A 1107 9.58 -61.80 22.09
CA LYS A 1107 8.30 -61.69 21.39
C LYS A 1107 7.63 -60.35 21.73
N ILE A 1108 6.90 -59.78 20.77
CA ILE A 1108 6.22 -58.50 20.97
C ILE A 1108 4.72 -58.74 21.13
N LYS A 1109 4.24 -58.84 22.36
CA LYS A 1109 2.78 -58.88 22.63
C LYS A 1109 2.23 -57.48 22.91
N GLN A 1110 3.13 -56.55 23.24
CA GLN A 1110 2.76 -55.19 23.55
C GLN A 1110 3.75 -54.18 22.98
N TRP A 1111 3.24 -53.22 22.22
CA TRP A 1111 4.09 -52.17 21.69
C TRP A 1111 4.46 -51.19 22.78
N SER A 1112 5.63 -50.58 22.63
CA SER A 1112 6.01 -49.51 23.48
C SER A 1112 7.09 -48.74 22.75
N ALA A 1113 7.41 -47.58 23.30
CA ALA A 1113 8.28 -46.63 22.67
C ALA A 1113 9.63 -47.20 22.25
N LYS A 1114 10.15 -48.17 22.99
CA LYS A 1114 11.48 -48.70 22.65
C LYS A 1114 11.56 -49.34 21.27
N TYR A 1115 10.39 -49.68 20.74
CA TYR A 1115 10.30 -50.23 19.42
C TYR A 1115 9.87 -49.21 18.37
N MET A 1116 9.86 -47.93 18.70
CA MET A 1116 9.45 -46.89 17.75
C MET A 1116 10.56 -45.92 17.45
N ASN A 1117 10.55 -45.39 16.24
CA ASN A 1117 11.50 -44.36 15.84
C ASN A 1117 11.03 -43.00 16.25
N GLY A 1118 9.72 -42.81 16.27
CA GLY A 1118 9.17 -41.53 16.67
C GLY A 1118 7.66 -41.44 16.54
N THR A 1119 7.20 -40.20 16.41
CA THR A 1119 5.78 -39.92 16.30
C THR A 1119 5.58 -38.57 15.64
N ASN A 1120 4.42 -38.38 15.07
CA ASN A 1120 3.97 -37.06 14.73
C ASN A 1120 3.78 -36.23 16.00
N ILE A 1121 3.99 -34.93 15.90
CA ILE A 1121 3.89 -34.07 17.05
C ILE A 1121 2.48 -34.17 17.63
N LEU A 1122 2.42 -34.20 18.96
CA LEU A 1122 1.18 -34.43 19.69
C LEU A 1122 0.61 -33.18 20.35
N HIS A 1123 1.22 -32.03 20.09
CA HIS A 1123 0.66 -30.75 20.53
C HIS A 1123 0.66 -30.58 22.04
N ARG A 1124 1.64 -31.18 22.70
CA ARG A 1124 1.67 -31.17 24.15
C ARG A 1124 2.62 -30.15 24.74
N GLY A 1125 3.69 -29.85 24.01
CA GLY A 1125 4.61 -28.79 24.37
C GLY A 1125 5.99 -29.34 24.65
N ALA A 1126 6.99 -28.49 24.49
CA ALA A 1126 8.36 -28.88 24.78
C ALA A 1126 8.63 -29.17 26.28
N TYR A 1127 7.85 -28.52 27.14
CA TYR A 1127 8.09 -28.61 28.57
C TYR A 1127 6.81 -28.92 29.32
N TYR A 1128 6.00 -29.83 28.76
CA TYR A 1128 4.83 -30.38 29.40
C TYR A 1128 5.30 -31.29 30.53
N VAL A 1129 6.46 -31.91 30.34
CA VAL A 1129 7.15 -32.66 31.39
C VAL A 1129 7.91 -31.62 32.20
N LEU A 1130 7.60 -31.53 33.49
CA LEU A 1130 8.04 -30.40 34.30
C LEU A 1130 9.45 -30.53 34.79
N LYS A 1131 10.10 -29.36 34.80
CA LYS A 1131 11.55 -29.21 34.87
C LYS A 1131 11.87 -27.98 35.73
N ASP A 1132 12.97 -27.99 36.44
CA ASP A 1132 13.40 -26.82 37.19
C ASP A 1132 14.37 -26.01 36.31
N TRP A 1133 14.10 -24.73 36.06
CA TRP A 1133 14.91 -23.95 35.13
C TRP A 1133 16.31 -23.76 35.64
N ALA A 1134 16.45 -23.73 36.96
CA ALA A 1134 17.72 -23.38 37.57
C ALA A 1134 18.83 -24.42 37.39
N THR A 1135 18.48 -25.69 37.66
CA THR A 1135 19.40 -26.82 37.54
C THR A 1135 19.22 -27.60 36.26
N ASN A 1136 18.07 -27.37 35.64
CA ASN A 1136 17.62 -28.06 34.44
C ASN A 1136 17.30 -29.54 34.65
N GLN A 1137 17.16 -29.96 35.89
CA GLN A 1137 16.75 -31.31 36.18
C GLN A 1137 15.24 -31.45 36.12
N TYR A 1138 14.75 -32.60 35.69
CA TYR A 1138 13.31 -32.80 35.62
C TYR A 1138 12.85 -33.37 36.94
N PHE A 1139 11.66 -32.99 37.39
CA PHE A 1139 11.13 -33.57 38.63
C PHE A 1139 10.77 -35.03 38.43
N ASN A 1140 10.95 -35.81 39.49
CA ASN A 1140 10.69 -37.24 39.48
C ASN A 1140 10.44 -37.82 40.87
N ILE A 1141 9.63 -38.87 40.93
CA ILE A 1141 9.22 -39.50 42.20
C ILE A 1141 9.14 -41.03 42.13
N ALA A 1142 9.86 -41.63 41.18
CA ALA A 1142 9.73 -43.06 40.91
C ALA A 1142 10.35 -43.90 42.02
N LYS A 1143 11.55 -43.53 42.42
CA LYS A 1143 12.27 -44.24 43.46
C LYS A 1143 12.61 -43.24 44.57
N THR A 1144 12.27 -43.57 45.81
CA THR A 1144 12.58 -42.72 46.98
C THR A 1144 14.06 -42.32 47.16
N ASN A 1145 15.00 -43.11 46.61
CA ASN A 1145 16.44 -42.76 46.65
C ASN A 1145 16.89 -41.61 45.73
N GLU A 1146 16.05 -41.26 44.76
CA GLU A 1146 16.39 -40.26 43.75
C GLU A 1146 15.18 -39.38 43.46
N VAL A 1147 14.52 -38.89 44.52
CA VAL A 1147 13.41 -37.97 44.37
C VAL A 1147 13.93 -36.58 44.01
N PHE A 1148 13.21 -35.87 43.16
CA PHE A 1148 13.46 -34.46 42.91
C PHE A 1148 12.12 -33.77 42.80
N LEU A 1149 11.81 -32.91 43.77
CA LEU A 1149 10.59 -32.08 43.76
C LEU A 1149 10.88 -30.64 44.16
N PRO A 1150 9.95 -29.73 43.89
CA PRO A 1150 10.13 -28.37 44.37
C PRO A 1150 10.12 -28.42 45.87
N LEU A 1151 10.87 -27.57 46.52
CA LEU A 1151 11.06 -27.70 47.94
C LEU A 1151 9.79 -27.38 48.71
N GLN A 1152 8.94 -26.50 48.20
CA GLN A 1152 7.59 -26.25 48.78
C GLN A 1152 6.83 -27.55 49.06
N LEU A 1153 6.90 -28.47 48.11
CA LEU A 1153 6.07 -29.65 48.14
C LEU A 1153 6.61 -30.65 49.13
N GLN A 1154 7.87 -30.46 49.53
CA GLN A 1154 8.45 -31.27 50.59
C GLN A 1154 8.48 -30.54 51.95
N ASN A 1155 7.69 -29.48 52.06
CA ASN A 1155 7.69 -28.63 53.23
C ASN A 1155 9.06 -28.18 53.67
N LYS A 1156 9.82 -27.67 52.73
CA LYS A 1156 11.08 -27.03 53.01
C LYS A 1156 10.95 -25.64 52.47
N ASP A 1157 11.89 -24.78 52.80
CA ASP A 1157 11.80 -23.37 52.44
C ASP A 1157 12.36 -23.14 51.04
N ALA A 1158 11.54 -22.58 50.17
CA ALA A 1158 11.95 -22.28 48.82
C ALA A 1158 12.22 -20.82 48.69
N GLN A 1159 13.47 -20.44 48.52
CA GLN A 1159 13.76 -19.04 48.33
C GLN A 1159 13.95 -18.81 46.89
N THR A 1160 13.46 -17.67 46.42
CA THR A 1160 13.47 -17.39 44.99
C THR A 1160 13.77 -15.94 44.70
N GLY A 1161 14.61 -15.70 43.70
CA GLY A 1161 14.95 -14.35 43.27
C GLY A 1161 16.43 -14.17 43.03
N PHE A 1162 16.78 -12.93 42.71
CA PHE A 1162 18.16 -12.55 42.46
C PHE A 1162 18.74 -11.99 43.74
N ILE A 1163 19.98 -12.33 44.02
CA ILE A 1163 20.64 -11.79 45.19
C ILE A 1163 22.11 -11.51 44.88
N SER A 1164 22.55 -10.30 45.16
CA SER A 1164 23.94 -9.96 44.99
C SER A 1164 24.77 -10.42 46.20
N ASP A 1165 26.02 -10.78 45.92
CA ASP A 1165 27.05 -10.92 46.95
C ASP A 1165 28.36 -10.29 46.42
N ALA A 1166 29.42 -10.39 47.19
CA ALA A 1166 30.66 -9.71 46.85
C ALA A 1166 31.18 -10.13 45.53
N SER A 1167 31.02 -11.42 45.23
CA SER A 1167 31.49 -11.97 43.97
C SER A 1167 30.61 -11.68 42.75
N GLY A 1168 29.29 -11.66 42.91
CA GLY A 1168 28.41 -11.36 41.80
C GLY A 1168 26.97 -11.66 42.14
N VAL A 1169 26.13 -11.86 41.11
CA VAL A 1169 24.69 -12.04 41.32
C VAL A 1169 24.31 -13.50 41.17
N LYS A 1170 23.41 -13.96 42.02
CA LYS A 1170 22.98 -15.34 42.00
C LYS A 1170 21.50 -15.33 41.84
N TYR A 1171 20.93 -16.48 41.51
CA TYR A 1171 19.50 -16.57 41.30
C TYR A 1171 18.96 -17.87 41.80
N TYR A 1172 17.79 -17.80 42.42
CA TYR A 1172 17.10 -18.99 42.90
C TYR A 1172 15.73 -19.11 42.24
N SER A 1173 15.42 -20.31 41.71
CA SER A 1173 14.14 -20.55 41.02
C SER A 1173 12.95 -20.62 41.97
N ILE A 1174 11.73 -20.61 41.43
CA ILE A 1174 10.54 -20.74 42.27
C ILE A 1174 10.57 -21.98 43.14
N SER A 1175 11.24 -23.02 42.70
CA SER A 1175 11.27 -24.24 43.45
C SER A 1175 12.36 -24.22 44.53
N GLY A 1176 13.17 -23.17 44.54
CA GLY A 1176 14.17 -22.98 45.58
C GLY A 1176 15.55 -23.51 45.29
N TYR A 1177 15.90 -23.69 44.02
CA TYR A 1177 17.25 -24.14 43.67
C TYR A 1177 18.10 -23.07 43.01
N GLN A 1178 19.40 -23.11 43.23
CA GLN A 1178 20.30 -22.13 42.66
C GLN A 1178 20.53 -22.39 41.18
N ALA A 1179 20.51 -21.33 40.38
CA ALA A 1179 20.78 -21.41 38.95
C ALA A 1179 22.25 -21.57 38.72
N LYS A 1180 22.60 -22.62 38.01
CA LYS A 1180 23.96 -22.88 37.57
C LYS A 1180 23.93 -23.45 36.16
N ASP A 1181 24.75 -22.86 35.30
CA ASP A 1181 24.97 -23.33 33.95
C ASP A 1181 23.61 -23.36 33.28
N THR A 1182 22.96 -22.20 33.28
CA THR A 1182 21.63 -22.11 32.70
C THR A 1182 21.27 -20.69 32.36
N PHE A 1183 20.37 -20.51 31.41
CA PHE A 1183 19.89 -19.18 31.04
C PHE A 1183 18.62 -18.94 31.84
N ILE A 1184 18.39 -17.70 32.23
CA ILE A 1184 17.26 -17.37 33.08
C ILE A 1184 16.67 -16.07 32.63
N GLU A 1185 15.35 -16.02 32.66
CA GLU A 1185 14.62 -14.84 32.22
C GLU A 1185 13.94 -14.21 33.40
N ASP A 1186 14.11 -12.91 33.57
CA ASP A 1186 13.51 -12.24 34.70
C ASP A 1186 12.08 -11.87 34.36
N GLY A 1187 11.40 -11.25 35.31
CA GLY A 1187 10.01 -10.88 35.12
C GLY A 1187 9.77 -9.75 34.15
N ASN A 1188 10.78 -8.92 33.89
CA ASN A 1188 10.64 -7.91 32.83
C ASN A 1188 11.01 -8.37 31.41
N GLY A 1189 11.41 -9.61 31.27
CA GLY A 1189 11.71 -10.12 29.96
C GLY A 1189 13.19 -10.09 29.61
N ASN A 1190 14.04 -9.63 30.49
CA ASN A 1190 15.47 -9.70 30.23
C ASN A 1190 16.04 -11.11 30.45
N TRP A 1191 17.05 -11.47 29.67
CA TRP A 1191 17.70 -12.76 29.80
C TRP A 1191 19.10 -12.65 30.37
N TYR A 1192 19.48 -13.67 31.13
CA TYR A 1192 20.78 -13.75 31.78
C TYR A 1192 21.39 -15.15 31.63
N TYR A 1193 22.71 -15.24 31.76
CA TYR A 1193 23.35 -16.54 31.82
C TYR A 1193 24.10 -16.68 33.13
N PHE A 1194 23.87 -17.79 33.81
CA PHE A 1194 24.55 -18.12 35.04
C PHE A 1194 25.56 -19.22 34.76
N ASP A 1195 26.82 -18.96 35.13
CA ASP A 1195 27.93 -19.84 34.79
C ASP A 1195 27.90 -21.08 35.67
N LYS A 1196 28.87 -21.97 35.47
CA LYS A 1196 28.95 -23.19 36.26
C LYS A 1196 29.04 -22.89 37.75
N ASP A 1197 29.76 -21.82 38.11
CA ASP A 1197 29.89 -21.40 39.52
C ASP A 1197 28.62 -20.82 40.20
N GLY A 1198 27.59 -20.52 39.43
CA GLY A 1198 26.35 -20.02 39.98
C GLY A 1198 26.18 -18.52 39.92
N TYR A 1199 27.04 -17.86 39.13
CA TYR A 1199 27.10 -16.40 39.04
C TYR A 1199 26.76 -15.89 37.65
N MET A 1200 25.85 -14.92 37.60
CA MET A 1200 25.47 -14.19 36.40
C MET A 1200 26.70 -13.68 35.67
N VAL A 1201 26.73 -13.81 34.37
CA VAL A 1201 27.84 -13.28 33.60
C VAL A 1201 27.57 -11.81 33.30
N ARG A 1202 28.60 -10.97 33.45
CA ARG A 1202 28.47 -9.54 33.18
C ARG A 1202 29.76 -8.92 32.67
N SER A 1203 29.64 -7.90 31.83
CA SER A 1203 30.82 -7.26 31.28
C SER A 1203 31.46 -6.32 32.30
N GLN A 1204 32.79 -6.26 32.30
CA GLN A 1204 33.56 -5.32 33.12
C GLN A 1204 33.99 -4.17 32.21
N GLN A 1205 34.45 -3.05 32.78
CA GLN A 1205 34.95 -1.91 31.97
C GLN A 1205 36.25 -2.32 31.27
N GLY A 1206 36.43 -1.84 30.03
CA GLY A 1206 37.66 -2.04 29.28
C GLY A 1206 37.85 -3.45 28.75
N GLU A 1207 36.86 -4.31 28.97
CA GLU A 1207 36.92 -5.71 28.59
C GLU A 1207 35.86 -6.05 27.55
N ASN A 1208 36.08 -7.16 26.82
CA ASN A 1208 35.16 -7.60 25.80
C ASN A 1208 33.86 -8.17 26.42
N PRO A 1209 32.71 -7.56 26.09
CA PRO A 1209 31.43 -8.03 26.56
C PRO A 1209 30.97 -9.31 25.94
N ILE A 1210 31.56 -9.71 24.83
CA ILE A 1210 31.14 -10.92 24.13
C ILE A 1210 31.67 -12.14 24.84
N ARG A 1211 30.80 -13.07 25.20
CA ARG A 1211 31.26 -14.28 25.83
C ARG A 1211 30.75 -15.52 25.08
N THR A 1212 31.64 -16.52 24.96
CA THR A 1212 31.32 -17.84 24.42
C THR A 1212 30.68 -18.68 25.51
N VAL A 1213 29.52 -19.24 25.25
CA VAL A 1213 28.80 -20.03 26.24
C VAL A 1213 28.69 -21.47 25.76
N GLU A 1214 29.04 -22.42 26.65
CA GLU A 1214 28.82 -23.86 26.46
C GLU A 1214 28.01 -24.37 27.63
N THR A 1215 26.73 -24.66 27.42
CA THR A 1215 25.80 -25.07 28.48
C THR A 1215 25.38 -26.55 28.37
N SER A 1216 24.91 -27.09 29.48
CA SER A 1216 24.12 -28.34 29.52
C SER A 1216 23.09 -28.39 28.39
N VAL A 1217 22.33 -27.32 28.23
CA VAL A 1217 21.43 -27.17 27.08
C VAL A 1217 22.24 -26.70 25.86
N ASN A 1218 22.65 -27.66 25.03
CA ASN A 1218 23.54 -27.46 23.87
C ASN A 1218 23.01 -26.53 22.83
N THR A 1219 21.69 -26.54 22.64
CA THR A 1219 21.11 -25.76 21.59
C THR A 1219 21.38 -24.28 21.81
N ARG A 1220 21.56 -23.88 23.07
CA ARG A 1220 21.86 -22.50 23.37
C ARG A 1220 23.35 -22.11 23.24
N ASN A 1221 24.25 -23.07 22.98
CA ASN A 1221 25.67 -22.75 22.82
C ASN A 1221 25.88 -21.72 21.75
N GLY A 1222 26.82 -20.81 21.97
CA GLY A 1222 27.05 -19.73 21.01
C GLY A 1222 27.73 -18.56 21.67
N ASN A 1223 27.84 -17.46 20.94
CA ASN A 1223 28.45 -16.25 21.45
C ASN A 1223 27.41 -15.22 21.78
N TYR A 1224 27.42 -14.77 23.03
CA TYR A 1224 26.49 -13.78 23.50
C TYR A 1224 27.16 -12.46 23.90
N TYR A 1225 26.33 -11.43 24.02
CA TYR A 1225 26.80 -10.11 24.41
C TYR A 1225 26.09 -9.71 25.70
N PHE A 1226 26.77 -9.86 26.85
CA PHE A 1226 26.20 -9.50 28.15
C PHE A 1226 26.66 -8.12 28.60
N MET A 1227 25.71 -7.34 29.08
CA MET A 1227 25.96 -5.97 29.50
C MET A 1227 26.42 -5.92 30.96
N PRO A 1228 26.75 -4.73 31.47
CA PRO A 1228 27.36 -4.73 32.79
C PRO A 1228 26.37 -5.19 33.83
N ASN A 1229 25.09 -5.00 33.58
CA ASN A 1229 24.07 -5.49 34.52
C ASN A 1229 23.52 -6.86 34.17
N GLY A 1230 24.24 -7.55 33.29
CA GLY A 1230 24.03 -8.96 33.02
C GLY A 1230 23.06 -9.32 31.92
N VAL A 1231 22.41 -8.28 31.38
CA VAL A 1231 21.34 -8.40 30.41
C VAL A 1231 21.97 -8.79 29.12
N GLU A 1232 21.35 -9.76 28.47
CA GLU A 1232 21.82 -10.25 27.19
C GLU A 1232 21.24 -9.36 26.09
N LEU A 1233 22.08 -8.92 25.16
CA LEU A 1233 21.62 -8.16 23.99
C LEU A 1233 20.93 -9.08 22.98
N ARG A 1234 19.78 -8.64 22.49
CA ARG A 1234 18.97 -9.45 21.58
C ARG A 1234 18.42 -8.65 20.39
N LYS A 1235 18.63 -9.16 19.17
CA LYS A 1235 18.10 -8.53 17.99
C LYS A 1235 18.70 -7.13 17.83
N GLY A 1236 20.03 -7.03 17.84
CA GLY A 1236 20.68 -5.74 17.69
C GLY A 1236 22.19 -5.84 17.69
N PHE A 1237 22.83 -4.70 17.44
CA PHE A 1237 24.26 -4.67 17.25
C PHE A 1237 25.01 -4.40 18.53
N GLY A 1238 26.17 -5.01 18.69
CA GLY A 1238 27.02 -4.76 19.86
C GLY A 1238 28.46 -4.52 19.48
N THR A 1239 29.05 -3.45 20.04
CA THR A 1239 30.46 -3.16 19.80
C THR A 1239 31.34 -3.86 20.84
N ASP A 1240 32.49 -4.39 20.44
CA ASP A 1240 33.44 -4.97 21.39
C ASP A 1240 34.38 -3.88 21.88
N ASN A 1241 35.29 -4.21 22.80
CA ASN A 1241 36.30 -3.24 23.31
C ASN A 1241 37.21 -2.58 22.24
N SER A 1242 37.42 -3.26 21.12
CA SER A 1242 38.29 -2.77 20.04
C SER A 1242 37.56 -2.01 18.90
N GLY A 1243 36.27 -1.74 19.04
CA GLY A 1243 35.53 -1.01 18.02
C GLY A 1243 34.84 -1.83 16.94
N ASN A 1244 35.04 -3.14 16.92
CA ASN A 1244 34.37 -4.01 15.93
C ASN A 1244 32.90 -4.19 16.27
N VAL A 1245 32.04 -4.12 15.25
CA VAL A 1245 30.61 -4.32 15.45
C VAL A 1245 30.16 -5.74 15.09
N TYR A 1246 29.31 -6.33 15.92
CA TYR A 1246 28.72 -7.63 15.63
C TYR A 1246 27.20 -7.48 15.75
N TYR A 1247 26.46 -8.50 15.32
CA TYR A 1247 25.00 -8.51 15.48
C TYR A 1247 24.58 -9.79 16.20
N PHE A 1248 23.51 -9.68 16.99
CA PHE A 1248 23.05 -10.77 17.85
C PHE A 1248 21.57 -10.97 17.66
N ASP A 1249 21.14 -12.21 17.50
CA ASP A 1249 19.80 -12.49 16.97
C ASP A 1249 18.69 -12.49 18.03
N ASP A 1250 17.48 -12.90 17.61
CA ASP A 1250 16.28 -12.94 18.47
C ASP A 1250 16.58 -13.50 19.84
N GLN A 1251 17.42 -14.55 19.87
CA GLN A 1251 17.69 -15.30 21.08
C GLN A 1251 19.06 -15.01 21.71
N GLY A 1252 19.72 -13.95 21.28
CA GLY A 1252 20.99 -13.51 21.88
C GLY A 1252 22.25 -13.97 21.18
N LYS A 1253 22.13 -14.92 20.25
CA LYS A 1253 23.28 -15.53 19.58
C LYS A 1253 23.90 -14.61 18.54
N MET A 1254 25.22 -14.66 18.45
CA MET A 1254 25.94 -13.91 17.44
C MET A 1254 25.60 -14.50 16.11
N VAL A 1255 25.55 -13.65 15.09
CA VAL A 1255 25.33 -14.09 13.72
C VAL A 1255 26.61 -13.88 12.90
N ARG A 1256 26.90 -14.87 12.05
CA ARG A 1256 28.09 -14.89 11.22
C ARG A 1256 27.78 -15.22 9.75
N ASP A 1257 28.62 -14.67 8.87
CA ASP A 1257 28.69 -15.10 7.46
C ASP A 1257 27.34 -15.03 6.78
N LYS A 1258 26.76 -13.83 6.78
CA LYS A 1258 25.53 -13.60 6.01
C LYS A 1258 25.10 -12.15 5.99
N TYR A 1259 24.22 -11.86 5.04
CA TYR A 1259 23.63 -10.55 4.95
C TYR A 1259 22.42 -10.52 5.89
N ILE A 1260 22.10 -9.31 6.31
CA ILE A 1260 21.05 -9.09 7.27
C ILE A 1260 20.33 -7.80 6.88
N ASN A 1261 19.00 -7.85 6.87
CA ASN A 1261 18.19 -6.68 6.50
C ASN A 1261 17.46 -6.11 7.71
N ASP A 1262 16.99 -4.90 7.53
CA ASP A 1262 16.54 -4.04 8.60
C ASP A 1262 15.10 -3.66 8.27
N ASP A 1263 14.28 -3.35 9.27
CA ASP A 1263 12.90 -2.87 9.03
C ASP A 1263 12.87 -1.58 8.15
N ALA A 1264 13.92 -0.74 8.20
CA ALA A 1264 14.05 0.47 7.35
C ALA A 1264 14.79 0.23 6.04
N ASN A 1265 15.10 -1.03 5.73
CA ASN A 1265 15.70 -1.39 4.44
C ASN A 1265 17.22 -1.12 4.36
N ASN A 1266 17.86 -1.03 5.52
CA ASN A 1266 19.30 -0.97 5.59
C ASN A 1266 19.85 -2.40 5.54
N PHE A 1267 20.93 -2.57 4.77
CA PHE A 1267 21.52 -3.89 4.62
C PHE A 1267 22.92 -3.92 5.25
N TYR A 1268 23.22 -4.99 5.98
CA TYR A 1268 24.53 -5.17 6.61
C TYR A 1268 25.07 -6.59 6.32
N HIS A 1269 26.39 -6.72 6.28
CA HIS A 1269 27.02 -8.02 6.06
C HIS A 1269 27.90 -8.36 7.23
N LEU A 1270 27.81 -9.63 7.64
CA LEU A 1270 28.62 -10.15 8.72
C LEU A 1270 29.61 -11.17 8.17
N ASN A 1271 30.89 -10.91 8.41
CA ASN A 1271 31.97 -11.80 7.99
C ASN A 1271 31.89 -13.12 8.74
N VAL A 1272 32.83 -14.02 8.49
CA VAL A 1272 32.80 -15.34 9.12
C VAL A 1272 33.15 -15.21 10.60
N ASP A 1273 34.15 -14.39 10.92
CA ASP A 1273 34.52 -14.16 12.31
C ASP A 1273 33.45 -13.38 13.08
N GLY A 1274 32.37 -12.99 12.42
CA GLY A 1274 31.25 -12.31 13.05
C GLY A 1274 31.18 -10.81 12.78
N THR A 1275 32.31 -10.20 12.39
CA THR A 1275 32.38 -8.74 12.29
C THR A 1275 31.53 -8.24 11.15
N MET A 1276 31.17 -6.96 11.21
CA MET A 1276 30.30 -6.35 10.20
C MET A 1276 31.11 -5.51 9.19
N SER A 1277 31.20 -5.97 7.94
CA SER A 1277 31.80 -5.15 6.87
C SER A 1277 30.82 -4.04 6.46
N ARG A 1278 29.54 -4.43 6.34
CA ARG A 1278 28.42 -3.50 5.99
C ARG A 1278 28.56 -2.96 4.57
N LYS B 93 -13.11 -8.94 15.80
CA LYS B 93 -13.34 -8.83 14.32
C LYS B 93 -12.88 -7.48 13.79
N SER B 94 -11.59 -7.20 14.00
CA SER B 94 -10.98 -5.96 13.56
C SER B 94 -9.48 -6.13 13.30
N TYR B 95 -8.96 -5.34 12.37
CA TYR B 95 -7.53 -5.20 12.16
C TYR B 95 -6.99 -4.25 13.20
N VAL B 96 -5.77 -4.47 13.67
CA VAL B 96 -5.03 -3.41 14.34
C VAL B 96 -3.56 -3.42 13.92
N ALA B 97 -3.04 -2.21 13.73
CA ALA B 97 -1.62 -2.00 13.46
C ALA B 97 -0.97 -1.57 14.77
N ASP B 98 0.16 -2.18 15.10
CA ASP B 98 0.89 -1.90 16.34
C ASP B 98 1.86 -0.72 16.19
N SER B 99 2.71 -0.49 17.19
CA SER B 99 3.67 0.62 17.14
C SER B 99 4.61 0.55 15.95
N SER B 100 5.05 -0.67 15.62
CA SER B 100 5.98 -0.92 14.50
C SER B 100 5.30 -0.96 13.13
N GLY B 101 3.98 -0.79 13.08
CA GLY B 101 3.21 -0.90 11.85
C GLY B 101 2.78 -2.31 11.50
N GLN B 102 3.10 -3.28 12.36
CA GLN B 102 2.74 -4.67 12.10
C GLN B 102 1.22 -4.79 12.26
N THR B 103 0.61 -5.64 11.45
CA THR B 103 -0.84 -5.73 11.41
C THR B 103 -1.33 -7.12 11.81
N TYR B 104 -2.29 -7.16 12.72
CA TYR B 104 -2.93 -8.40 13.18
C TYR B 104 -4.40 -8.30 12.86
N TYR B 105 -5.07 -9.44 12.68
CA TYR B 105 -6.53 -9.45 12.66
C TYR B 105 -7.06 -10.36 13.73
N PHE B 106 -7.92 -9.82 14.59
CA PHE B 106 -8.52 -10.56 15.70
C PHE B 106 -9.95 -11.00 15.38
N ASP B 107 -10.21 -12.30 15.57
CA ASP B 107 -11.49 -12.91 15.21
C ASP B 107 -12.53 -12.72 16.32
N GLY B 108 -13.66 -13.44 16.22
CA GLY B 108 -14.71 -13.43 17.24
C GLY B 108 -14.20 -13.89 18.60
N ASN B 109 -13.34 -14.90 18.61
CA ASN B 109 -12.74 -15.42 19.83
C ASN B 109 -11.78 -14.43 20.49
N GLY B 110 -11.18 -13.58 19.67
CA GLY B 110 -10.19 -12.59 20.10
C GLY B 110 -8.77 -13.06 19.82
N GLN B 111 -8.62 -14.35 19.51
CA GLN B 111 -7.31 -14.90 19.22
C GLN B 111 -6.93 -14.42 17.82
N PRO B 112 -5.69 -13.95 17.64
CA PRO B 112 -5.30 -13.40 16.33
C PRO B 112 -5.29 -14.51 15.29
N LEU B 113 -5.75 -14.22 14.08
CA LEU B 113 -5.83 -15.26 13.06
C LEU B 113 -4.41 -15.59 12.60
N ILE B 114 -4.20 -16.86 12.27
CA ILE B 114 -2.90 -17.36 11.85
C ILE B 114 -3.09 -18.19 10.58
N GLY B 115 -2.11 -18.11 9.68
CA GLY B 115 -2.20 -18.84 8.40
C GLY B 115 -3.06 -18.13 7.35
N LEU B 116 -3.42 -18.88 6.29
CA LEU B 116 -4.19 -18.33 5.17
C LEU B 116 -5.60 -18.00 5.60
N GLN B 117 -6.10 -16.83 5.20
CA GLN B 117 -7.41 -16.36 5.62
C GLN B 117 -8.05 -15.49 4.55
N THR B 118 -9.37 -15.53 4.46
CA THR B 118 -10.08 -14.63 3.56
C THR B 118 -10.90 -13.66 4.40
N ILE B 119 -10.70 -12.36 4.18
CA ILE B 119 -11.40 -11.31 4.94
C ILE B 119 -11.95 -10.25 3.97
N ASP B 120 -13.20 -9.81 4.18
CA ASP B 120 -13.90 -8.94 3.21
C ASP B 120 -13.66 -9.44 1.78
N GLY B 121 -13.61 -10.76 1.59
CA GLY B 121 -13.27 -11.37 0.29
C GLY B 121 -11.82 -11.22 -0.18
N ASN B 122 -10.91 -10.85 0.72
CA ASN B 122 -9.49 -10.69 0.39
C ASN B 122 -8.72 -11.86 0.99
N LEU B 123 -7.81 -12.43 0.19
CA LEU B 123 -6.95 -13.50 0.67
C LEU B 123 -5.71 -12.91 1.33
N GLN B 124 -5.42 -13.34 2.55
CA GLN B 124 -4.25 -12.81 3.29
C GLN B 124 -3.53 -13.92 4.04
N TYR B 125 -2.26 -13.68 4.38
CA TYR B 125 -1.48 -14.66 5.16
C TYR B 125 -0.96 -14.09 6.47
N PHE B 126 -0.90 -14.95 7.49
CA PHE B 126 -0.42 -14.55 8.81
C PHE B 126 0.61 -15.54 9.35
N ASN B 127 1.74 -15.04 9.84
CA ASN B 127 2.79 -15.91 10.39
C ASN B 127 2.32 -16.55 11.71
N GLN B 128 3.12 -17.46 12.25
CA GLN B 128 2.74 -18.19 13.46
C GLN B 128 2.56 -17.30 14.70
N GLN B 129 3.10 -16.07 14.66
CA GLN B 129 2.90 -15.09 15.73
C GLN B 129 1.70 -14.17 15.50
N GLY B 130 0.93 -14.42 14.42
CA GLY B 130 -0.29 -13.65 14.11
C GLY B 130 -0.10 -12.39 13.29
N VAL B 131 1.14 -12.18 12.81
CA VAL B 131 1.51 -10.95 12.09
C VAL B 131 1.16 -11.08 10.62
N GLN B 132 0.72 -9.98 10.00
CA GLN B 132 0.31 -10.00 8.59
C GLN B 132 1.50 -9.77 7.67
N ILE B 133 1.68 -10.71 6.75
CA ILE B 133 2.68 -10.59 5.71
C ILE B 133 2.22 -9.59 4.66
N LYS B 134 3.11 -8.64 4.39
CA LYS B 134 2.91 -7.58 3.42
C LYS B 134 4.20 -7.41 2.58
N GLY B 135 4.04 -7.32 1.27
CA GLY B 135 5.16 -7.06 0.37
C GLY B 135 6.13 -8.21 0.29
N GLY B 136 5.62 -9.42 0.07
CA GLY B 136 6.50 -10.55 -0.08
C GLY B 136 5.84 -11.85 -0.48
N PHE B 137 6.67 -12.77 -0.95
CA PHE B 137 6.21 -14.10 -1.31
C PHE B 137 6.08 -14.94 -0.05
N GLN B 138 5.38 -16.06 -0.18
CA GLN B 138 5.14 -16.92 0.96
C GLN B 138 4.70 -18.26 0.44
N ASP B 139 5.02 -19.32 1.17
CA ASP B 139 4.59 -20.65 0.74
C ASP B 139 3.54 -21.15 1.68
N VAL B 140 2.32 -21.24 1.20
CA VAL B 140 1.23 -21.77 1.97
C VAL B 140 0.67 -22.92 1.15
N ASN B 141 0.37 -24.03 1.79
CA ASN B 141 -0.10 -25.18 1.08
C ASN B 141 0.96 -25.56 0.04
N ASN B 142 0.55 -25.81 -1.19
CA ASN B 142 1.52 -26.18 -2.21
C ASN B 142 1.77 -25.05 -3.23
N LYS B 143 1.27 -23.85 -2.91
CA LYS B 143 1.29 -22.75 -3.87
C LYS B 143 1.94 -21.50 -3.29
N ARG B 144 2.89 -20.92 -4.00
CA ARG B 144 3.59 -19.71 -3.56
C ARG B 144 2.75 -18.49 -3.91
N ILE B 145 2.54 -17.57 -2.98
CA ILE B 145 1.67 -16.42 -3.21
C ILE B 145 2.36 -15.12 -2.81
N TYR B 146 2.23 -14.11 -3.67
CA TYR B 146 2.71 -12.78 -3.29
C TYR B 146 1.58 -11.97 -2.64
N PHE B 147 1.91 -11.23 -1.58
CA PHE B 147 0.94 -10.43 -0.83
C PHE B 147 1.36 -8.99 -0.89
N ALA B 148 0.40 -8.13 -1.15
CA ALA B 148 0.65 -6.76 -1.57
C ALA B 148 1.26 -5.90 -0.46
N PRO B 149 2.07 -4.91 -0.84
CA PRO B 149 2.75 -4.00 0.09
C PRO B 149 1.89 -3.40 1.23
N ASN B 150 0.72 -2.90 0.91
CA ASN B 150 -0.08 -2.17 1.88
C ASN B 150 -1.24 -2.99 2.36
N THR B 151 -2.02 -3.51 1.44
CA THR B 151 -3.19 -4.30 1.81
C THR B 151 -2.76 -5.68 2.29
N GLY B 152 -1.72 -6.21 1.69
CA GLY B 152 -1.29 -7.56 1.97
C GLY B 152 -2.14 -8.54 1.22
N ASN B 153 -3.01 -8.01 0.36
CA ASN B 153 -3.93 -8.87 -0.38
C ASN B 153 -3.18 -9.69 -1.42
N ALA B 154 -3.67 -10.89 -1.69
CA ALA B 154 -3.02 -11.76 -2.68
C ALA B 154 -3.16 -11.16 -4.09
N VAL B 155 -2.05 -11.12 -4.83
CA VAL B 155 -2.00 -10.63 -6.21
C VAL B 155 -0.93 -11.32 -7.03
N ALA B 156 -1.09 -11.25 -8.34
CA ALA B 156 -0.11 -11.78 -9.25
C ALA B 156 1.20 -11.01 -9.13
N ASN B 157 2.30 -11.75 -9.28
CA ASN B 157 3.61 -11.13 -9.28
C ASN B 157 4.61 -12.02 -10.00
N THR B 158 5.75 -11.43 -10.32
CA THR B 158 6.81 -12.14 -10.99
C THR B 158 8.05 -12.12 -10.16
N GLU B 159 8.80 -13.20 -10.21
CA GLU B 159 10.10 -13.29 -9.58
C GLU B 159 11.07 -13.94 -10.56
N ILE B 160 12.36 -13.78 -10.32
CA ILE B 160 13.39 -14.35 -11.21
C ILE B 160 13.95 -15.66 -10.62
N ILE B 161 13.60 -16.78 -11.23
CA ILE B 161 14.05 -18.12 -10.81
C ILE B 161 15.20 -18.51 -11.75
N ASN B 162 16.33 -18.94 -11.20
CA ASN B 162 17.58 -19.03 -11.98
C ASN B 162 17.83 -17.67 -12.59
N GLY B 163 17.99 -17.60 -13.92
CA GLY B 163 18.13 -16.32 -14.61
C GLY B 163 16.92 -15.91 -15.44
N LYS B 164 15.83 -16.67 -15.34
CA LYS B 164 14.62 -16.46 -16.14
C LYS B 164 13.45 -15.92 -15.29
N LEU B 165 12.82 -14.83 -15.73
CA LEU B 165 11.65 -14.31 -15.05
C LEU B 165 10.54 -15.37 -15.10
N GLN B 166 9.83 -15.53 -13.99
CA GLN B 166 8.68 -16.44 -13.89
C GLN B 166 7.50 -15.66 -13.36
N GLY B 167 6.31 -16.20 -13.57
CA GLY B 167 5.10 -15.50 -13.20
C GLY B 167 4.30 -16.30 -12.22
N ARG B 168 3.72 -15.58 -11.26
CA ARG B 168 2.93 -16.19 -10.21
C ARG B 168 1.59 -15.47 -10.18
N ASP B 169 0.50 -16.23 -10.15
CA ASP B 169 -0.84 -15.62 -10.10
C ASP B 169 -1.30 -15.37 -8.65
N ALA B 170 -2.56 -14.97 -8.49
CA ALA B 170 -3.13 -14.63 -7.19
C ALA B 170 -3.33 -15.85 -6.29
N ASN B 171 -3.58 -17.03 -6.87
CA ASN B 171 -3.75 -18.26 -6.09
C ASN B 171 -2.44 -18.98 -5.78
N GLY B 172 -1.33 -18.41 -6.24
CA GLY B 172 -0.01 -18.97 -5.95
C GLY B 172 0.48 -20.01 -6.94
N ASN B 173 -0.32 -20.27 -7.97
CA ASN B 173 0.09 -21.13 -9.06
C ASN B 173 0.94 -20.38 -10.07
N GLN B 174 2.00 -21.06 -10.55
CA GLN B 174 2.82 -20.53 -11.62
C GLN B 174 1.97 -20.44 -12.88
N VAL B 175 2.24 -19.43 -13.71
CA VAL B 175 1.44 -19.20 -14.91
C VAL B 175 2.11 -19.78 -16.15
N LYS B 176 1.28 -20.48 -16.92
CA LYS B 176 1.66 -21.10 -18.17
C LYS B 176 0.55 -20.68 -19.20
N ASN B 177 0.96 -20.34 -20.42
CA ASN B 177 0.03 -20.01 -21.51
C ASN B 177 -0.95 -18.96 -21.09
N ALA B 178 -0.46 -17.80 -20.70
CA ALA B 178 -1.33 -16.72 -20.35
C ALA B 178 -0.57 -15.46 -20.00
N PHE B 179 -1.33 -14.38 -20.00
CA PHE B 179 -0.88 -13.08 -19.56
C PHE B 179 -1.01 -13.02 -18.05
N SER B 180 -0.02 -12.42 -17.37
CA SER B 180 -0.07 -12.20 -15.93
C SER B 180 0.69 -10.92 -15.59
N LYS B 181 0.24 -10.21 -14.56
CA LYS B 181 0.92 -8.96 -14.19
C LYS B 181 2.02 -9.14 -13.12
N ASP B 182 2.72 -8.04 -12.86
CA ASP B 182 3.56 -7.88 -11.68
C ASP B 182 3.07 -6.66 -10.90
N VAL B 183 3.54 -6.54 -9.66
CA VAL B 183 3.06 -5.50 -8.76
C VAL B 183 3.20 -4.11 -9.36
N ALA B 184 4.29 -3.86 -10.07
CA ALA B 184 4.53 -2.53 -10.66
C ALA B 184 3.44 -2.09 -11.67
N GLY B 185 2.86 -3.06 -12.36
CA GLY B 185 1.79 -2.80 -13.31
C GLY B 185 2.03 -3.34 -14.71
N ASN B 186 3.20 -3.94 -14.93
CA ASN B 186 3.56 -4.49 -16.22
C ASN B 186 2.86 -5.81 -16.48
N THR B 187 2.41 -6.02 -17.71
CA THR B 187 1.89 -7.32 -18.09
C THR B 187 2.93 -8.08 -18.91
N PHE B 188 3.00 -9.38 -18.70
CA PHE B 188 3.88 -10.27 -19.47
C PHE B 188 3.04 -11.38 -20.04
N TYR B 189 3.62 -12.15 -20.94
CA TYR B 189 2.95 -13.36 -21.38
C TYR B 189 3.92 -14.49 -21.12
N PHE B 190 3.40 -15.61 -20.63
CA PHE B 190 4.23 -16.77 -20.35
C PHE B 190 3.72 -17.96 -21.15
N ASP B 191 4.64 -18.64 -21.83
CA ASP B 191 4.28 -19.73 -22.75
C ASP B 191 3.98 -21.03 -21.99
N ALA B 192 3.71 -22.11 -22.74
CA ALA B 192 3.44 -23.42 -22.16
C ALA B 192 4.54 -23.90 -21.21
N ASN B 193 5.79 -23.59 -21.51
CA ASN B 193 6.90 -23.95 -20.63
C ASN B 193 7.21 -22.93 -19.53
N GLY B 194 6.29 -21.99 -19.29
CA GLY B 194 6.40 -21.04 -18.18
C GLY B 194 7.28 -19.83 -18.41
N VAL B 195 7.98 -19.80 -19.55
CA VAL B 195 9.00 -18.79 -19.84
C VAL B 195 8.36 -17.57 -20.46
N MET B 196 8.82 -16.40 -20.03
CA MET B 196 8.26 -15.14 -20.51
C MET B 196 8.58 -14.96 -21.98
N LEU B 197 7.62 -14.41 -22.73
CA LEU B 197 7.84 -14.13 -24.12
C LEU B 197 8.25 -12.68 -24.36
N THR B 198 8.90 -12.51 -25.51
CA THR B 198 9.48 -11.25 -25.96
C THR B 198 9.12 -11.01 -27.43
N GLY B 199 9.17 -9.75 -27.83
CA GLY B 199 8.88 -9.37 -29.22
C GLY B 199 7.43 -9.47 -29.69
N LEU B 200 7.26 -9.44 -31.01
CA LEU B 200 5.94 -9.50 -31.63
C LEU B 200 5.39 -10.94 -31.51
N GLN B 201 4.21 -11.09 -30.92
CA GLN B 201 3.64 -12.42 -30.70
C GLN B 201 2.18 -12.48 -31.09
N THR B 202 1.83 -13.52 -31.82
CA THR B 202 0.44 -13.73 -32.21
C THR B 202 -0.12 -14.79 -31.31
N ILE B 203 -1.16 -14.47 -30.55
CA ILE B 203 -1.80 -15.48 -29.72
C ILE B 203 -3.32 -15.39 -29.84
N SER B 204 -3.97 -16.56 -29.90
CA SER B 204 -5.43 -16.66 -30.08
C SER B 204 -5.93 -15.76 -31.21
N GLY B 205 -5.26 -15.80 -32.35
CA GLY B 205 -5.68 -15.00 -33.51
C GLY B 205 -5.55 -13.49 -33.39
N LYS B 206 -4.76 -13.01 -32.43
CA LYS B 206 -4.46 -11.57 -32.29
C LYS B 206 -2.99 -11.35 -32.00
N THR B 207 -2.49 -10.17 -32.36
CA THR B 207 -1.08 -9.86 -32.30
C THR B 207 -0.77 -8.77 -31.29
N TYR B 208 0.17 -9.07 -30.40
CA TYR B 208 0.59 -8.20 -29.30
C TYR B 208 2.07 -7.90 -29.48
N TYR B 209 2.49 -6.73 -29.00
CA TYR B 209 3.90 -6.39 -29.05
C TYR B 209 4.48 -6.35 -27.66
N LEU B 210 5.44 -7.22 -27.38
CA LEU B 210 6.14 -7.22 -26.10
C LEU B 210 7.55 -6.69 -26.34
N ASP B 211 8.00 -5.76 -25.52
CA ASP B 211 9.32 -5.16 -25.73
C ASP B 211 10.41 -6.10 -25.22
N GLU B 212 11.67 -5.68 -25.32
CA GLU B 212 12.85 -6.47 -24.89
C GLU B 212 12.71 -7.00 -23.44
N GLN B 213 12.15 -6.18 -22.57
CA GLN B 213 11.89 -6.57 -21.19
C GLN B 213 10.68 -7.50 -20.98
N GLY B 214 9.91 -7.76 -22.03
CA GLY B 214 8.74 -8.65 -21.96
C GLY B 214 7.45 -7.92 -21.60
N HIS B 215 7.51 -6.59 -21.54
CA HIS B 215 6.37 -5.74 -21.18
C HIS B 215 5.42 -5.64 -22.35
N LEU B 216 4.15 -5.90 -22.10
CA LEU B 216 3.11 -5.74 -23.10
C LEU B 216 2.90 -4.27 -23.30
N ARG B 217 2.96 -3.83 -24.54
CA ARG B 217 2.85 -2.41 -24.86
C ARG B 217 1.45 -2.06 -25.36
N LYS B 218 0.79 -1.13 -24.68
CA LYS B 218 -0.54 -0.68 -25.06
C LYS B 218 -0.43 0.74 -25.53
N ASN B 219 -1.37 1.16 -26.37
CA ASN B 219 -1.35 2.49 -26.97
C ASN B 219 0.03 2.79 -27.58
N TYR B 220 0.42 1.90 -28.50
CA TYR B 220 1.74 1.89 -29.10
C TYR B 220 1.57 1.73 -30.59
N ALA B 221 2.08 2.69 -31.35
CA ALA B 221 2.01 2.64 -32.79
C ALA B 221 3.36 2.26 -33.36
N GLY B 222 3.37 1.43 -34.38
CA GLY B 222 4.61 1.21 -35.10
C GLY B 222 4.44 0.30 -36.28
N THR B 223 5.44 0.27 -37.14
CA THR B 223 5.38 -0.51 -38.36
C THR B 223 6.52 -1.49 -38.41
N PHE B 224 6.41 -2.54 -37.61
CA PHE B 224 7.47 -3.53 -37.52
C PHE B 224 7.16 -4.81 -38.29
N ASN B 225 6.00 -4.85 -38.93
CA ASN B 225 5.69 -5.96 -39.86
C ASN B 225 5.95 -5.61 -41.33
N ASN B 226 6.69 -4.51 -41.51
CA ASN B 226 6.78 -3.79 -42.77
C ASN B 226 5.38 -3.33 -43.17
N GLN B 227 4.56 -3.14 -42.13
CA GLN B 227 3.21 -2.66 -42.24
C GLN B 227 2.81 -1.98 -40.93
N PHE B 228 2.04 -0.91 -41.02
CA PHE B 228 1.59 -0.17 -39.82
C PHE B 228 0.74 -1.05 -38.92
N MET B 229 0.88 -0.84 -37.61
CA MET B 229 0.05 -1.54 -36.64
C MET B 229 -0.05 -0.76 -35.35
N TYR B 230 -1.26 -0.46 -34.92
CA TYR B 230 -1.49 0.25 -33.63
C TYR B 230 -1.97 -0.75 -32.61
N PHE B 231 -1.30 -0.79 -31.48
CA PHE B 231 -1.66 -1.70 -30.41
C PHE B 231 -2.57 -1.03 -29.39
N ASP B 232 -3.75 -1.63 -29.26
CA ASP B 232 -4.88 -1.14 -28.49
C ASP B 232 -4.51 -0.53 -27.13
N ALA B 233 -5.20 0.54 -26.74
CA ALA B 233 -5.03 1.08 -25.38
C ALA B 233 -5.67 0.17 -24.35
N ASP B 234 -6.72 -0.56 -24.74
CA ASP B 234 -7.38 -1.54 -23.88
C ASP B 234 -6.57 -2.79 -23.57
N THR B 235 -6.34 -3.62 -24.59
CA THR B 235 -5.73 -4.94 -24.40
C THR B 235 -4.36 -5.13 -25.07
N GLY B 236 -3.91 -4.12 -25.81
CA GLY B 236 -2.66 -4.21 -26.56
C GLY B 236 -2.74 -4.96 -27.87
N ALA B 237 -3.96 -5.26 -28.32
CA ALA B 237 -4.15 -6.08 -29.52
C ALA B 237 -4.03 -5.22 -30.73
N GLY B 238 -3.27 -5.71 -31.69
CA GLY B 238 -2.95 -4.95 -32.88
C GLY B 238 -4.13 -4.75 -33.78
N LYS B 239 -4.38 -3.50 -34.14
CA LYS B 239 -5.32 -3.16 -35.14
C LYS B 239 -4.51 -2.59 -36.27
N THR B 240 -5.14 -2.59 -37.42
CA THR B 240 -4.50 -2.02 -38.57
C THR B 240 -4.71 -0.47 -38.65
N ALA B 241 -5.62 0.07 -37.83
CA ALA B 241 -5.94 1.51 -37.78
C ALA B 241 -6.35 2.07 -39.10
N ILE B 242 -7.09 1.21 -39.81
CA ILE B 242 -7.58 1.51 -41.15
C ILE B 242 -9.01 2.00 -41.11
N GLU B 243 -9.83 1.42 -40.24
CA GLU B 243 -11.22 1.88 -40.08
C GLU B 243 -11.33 3.23 -39.43
N TYR B 244 -12.06 4.13 -40.06
CA TYR B 244 -12.34 5.43 -39.44
C TYR B 244 -13.16 5.21 -38.16
N GLN B 245 -12.81 5.89 -37.07
CA GLN B 245 -13.53 5.77 -35.79
C GLN B 245 -14.57 6.87 -35.53
N PHE B 246 -14.66 7.88 -36.40
CA PHE B 246 -15.70 8.86 -36.28
C PHE B 246 -16.99 8.23 -36.74
N ASP B 247 -18.05 8.51 -36.01
CA ASP B 247 -19.35 7.84 -36.22
C ASP B 247 -20.41 8.82 -36.72
N GLN B 248 -20.01 9.98 -37.22
CA GLN B 248 -20.95 11.04 -37.62
C GLN B 248 -20.73 11.50 -39.09
N GLY B 249 -21.62 11.05 -39.98
CA GLY B 249 -21.52 11.35 -41.42
C GLY B 249 -22.11 12.71 -41.65
N LEU B 250 -21.93 13.26 -42.85
CA LEU B 250 -22.34 14.64 -43.11
C LEU B 250 -23.85 14.69 -43.15
N VAL B 251 -24.46 15.47 -42.27
CA VAL B 251 -25.93 15.57 -42.24
C VAL B 251 -26.38 16.99 -42.24
N SER B 252 -27.56 17.21 -42.80
CA SER B 252 -28.08 18.54 -42.93
C SER B 252 -28.96 18.76 -41.73
N GLN B 253 -28.93 19.95 -41.18
CA GLN B 253 -29.65 20.20 -39.96
C GLN B 253 -30.94 20.95 -40.21
N SER B 254 -31.04 21.63 -41.34
CA SER B 254 -32.19 22.48 -41.58
C SER B 254 -33.44 21.64 -41.72
N ASN B 255 -34.54 22.18 -41.23
CA ASN B 255 -35.83 21.55 -41.31
C ASN B 255 -36.92 22.60 -41.14
N GLU B 256 -38.16 22.19 -40.82
CA GLU B 256 -39.27 23.13 -40.73
C GLU B 256 -39.13 24.16 -39.59
N ASN B 257 -38.32 23.88 -38.59
CA ASN B 257 -38.16 24.82 -37.50
C ASN B 257 -37.07 25.84 -37.73
N THR B 258 -36.20 25.60 -38.70
CA THR B 258 -35.06 26.49 -38.90
C THR B 258 -35.45 27.96 -39.13
N PRO B 259 -36.36 28.22 -40.09
CA PRO B 259 -36.73 29.62 -40.33
C PRO B 259 -37.46 30.29 -39.17
N HIS B 260 -38.06 29.50 -38.30
CA HIS B 260 -38.69 30.05 -37.10
C HIS B 260 -37.64 30.46 -36.04
N ASN B 261 -36.70 29.56 -35.77
CA ASN B 261 -35.70 29.83 -34.75
C ASN B 261 -34.55 30.71 -35.21
N ALA B 262 -34.45 31.01 -36.50
CA ALA B 262 -33.41 31.91 -36.98
C ALA B 262 -33.54 33.27 -36.35
N ALA B 263 -32.43 33.99 -36.31
CA ALA B 263 -32.39 35.29 -35.69
C ALA B 263 -33.22 36.23 -36.51
N LYS B 264 -33.98 37.06 -35.82
CA LYS B 264 -34.72 38.16 -36.43
C LYS B 264 -33.80 39.11 -37.17
N SER B 265 -32.64 39.35 -36.61
CA SER B 265 -31.75 40.42 -37.06
C SER B 265 -30.32 40.00 -36.79
N TYR B 266 -29.38 40.46 -37.59
CA TYR B 266 -27.96 40.14 -37.35
C TYR B 266 -27.21 41.38 -36.81
N ASP B 267 -27.57 41.75 -35.59
CA ASP B 267 -27.03 42.95 -34.96
C ASP B 267 -27.33 43.01 -33.46
N LYS B 268 -26.93 44.10 -32.81
CA LYS B 268 -27.03 44.18 -31.36
C LYS B 268 -28.46 44.21 -30.85
N SER B 269 -29.43 44.51 -31.70
CA SER B 269 -30.82 44.47 -31.27
C SER B 269 -31.19 43.08 -30.81
N SER B 270 -30.94 42.11 -31.70
CA SER B 270 -31.45 40.77 -31.55
C SER B 270 -30.51 39.85 -30.80
N PHE B 271 -29.32 40.36 -30.46
CA PHE B 271 -28.32 39.55 -29.76
C PHE B 271 -27.72 40.22 -28.53
N GLU B 272 -27.87 39.59 -27.37
CA GLU B 272 -27.17 40.04 -26.20
C GLU B 272 -25.68 39.81 -26.43
N ASN B 273 -24.86 40.85 -26.24
CA ASN B 273 -23.45 40.74 -26.57
C ASN B 273 -22.54 41.60 -25.71
N VAL B 274 -21.25 41.43 -25.91
CA VAL B 274 -20.26 42.27 -25.30
C VAL B 274 -19.34 42.68 -26.43
N ASP B 275 -19.23 43.99 -26.67
CA ASP B 275 -18.38 44.54 -27.72
C ASP B 275 -18.57 43.82 -29.05
N GLY B 276 -19.79 43.37 -29.31
CA GLY B 276 -20.12 42.66 -30.56
C GLY B 276 -20.08 41.14 -30.46
N TYR B 277 -19.31 40.61 -29.52
CA TYR B 277 -19.11 39.16 -29.45
C TYR B 277 -20.24 38.49 -28.68
N LEU B 278 -20.34 37.17 -28.82
CA LEU B 278 -21.40 36.41 -28.13
C LEU B 278 -20.81 35.58 -27.02
N THR B 279 -21.68 35.18 -26.10
CA THR B 279 -21.25 34.40 -24.95
C THR B 279 -22.14 33.20 -24.78
N ALA B 280 -21.71 32.28 -23.93
CA ALA B 280 -22.46 31.07 -23.70
C ALA B 280 -23.88 31.35 -23.22
N ASP B 281 -24.03 32.40 -22.43
CA ASP B 281 -25.33 32.72 -21.84
C ASP B 281 -25.99 33.89 -22.58
N THR B 282 -25.52 34.16 -23.78
CA THR B 282 -26.25 35.01 -24.71
C THR B 282 -27.66 34.48 -24.95
N TRP B 283 -28.60 35.41 -24.94
CA TRP B 283 -29.91 35.19 -25.43
C TRP B 283 -30.08 36.03 -26.70
N TYR B 284 -30.94 35.57 -27.59
CA TYR B 284 -31.19 36.26 -28.86
C TYR B 284 -32.68 36.28 -29.16
N ARG B 285 -33.06 37.02 -30.20
CA ARG B 285 -34.45 37.16 -30.60
C ARG B 285 -34.75 36.29 -31.82
N PRO B 286 -35.44 35.14 -31.64
CA PRO B 286 -35.78 34.35 -32.83
C PRO B 286 -36.85 35.03 -33.69
N THR B 287 -36.86 34.73 -34.98
CA THR B 287 -37.87 35.30 -35.86
C THR B 287 -39.26 35.05 -35.28
N ASP B 288 -39.53 33.80 -34.93
CA ASP B 288 -40.80 33.39 -34.35
C ASP B 288 -40.60 32.63 -33.06
N ILE B 289 -41.71 32.49 -32.34
CA ILE B 289 -41.74 31.83 -31.04
C ILE B 289 -42.80 30.74 -31.03
N LEU B 290 -42.43 29.54 -30.59
CA LEU B 290 -43.39 28.44 -30.43
C LEU B 290 -44.16 28.65 -29.13
N LYS B 291 -45.04 29.65 -29.09
CA LYS B 291 -45.69 29.98 -27.83
C LYS B 291 -46.44 28.76 -27.32
N ASN B 292 -46.25 28.48 -26.03
CA ASN B 292 -46.96 27.41 -25.34
C ASN B 292 -46.71 26.02 -25.92
N GLY B 293 -45.75 25.93 -26.84
CA GLY B 293 -45.50 24.69 -27.56
C GLY B 293 -46.55 24.37 -28.61
N ASP B 294 -47.34 25.34 -29.04
CA ASP B 294 -48.47 25.07 -29.96
C ASP B 294 -48.31 25.74 -31.30
N THR B 295 -48.23 27.06 -31.26
CA THR B 295 -48.33 27.88 -32.45
C THR B 295 -47.16 28.83 -32.52
N TRP B 296 -46.55 28.82 -33.70
CA TRP B 296 -45.50 29.74 -34.03
C TRP B 296 -46.10 31.15 -34.19
N THR B 297 -45.53 32.11 -33.49
CA THR B 297 -45.97 33.49 -33.58
C THR B 297 -44.77 34.43 -33.68
N ALA B 298 -44.92 35.51 -34.44
CA ALA B 298 -43.83 36.46 -34.63
C ALA B 298 -43.35 36.92 -33.27
N SER B 299 -42.07 37.25 -33.17
CA SER B 299 -41.50 37.70 -31.90
C SER B 299 -41.61 39.19 -31.71
N THR B 300 -41.85 39.63 -30.49
CA THR B 300 -41.69 41.03 -30.11
C THR B 300 -40.35 41.28 -29.45
N GLU B 301 -39.84 42.50 -29.58
CA GLU B 301 -38.50 42.87 -29.13
C GLU B 301 -38.13 42.34 -27.72
N THR B 302 -39.10 42.18 -26.83
CA THR B 302 -38.84 41.58 -25.50
C THR B 302 -38.73 40.04 -25.48
N ASP B 303 -39.23 39.36 -26.51
CA ASP B 303 -39.23 37.88 -26.55
C ASP B 303 -37.85 37.28 -26.89
N MET B 304 -36.97 37.28 -25.90
CA MET B 304 -35.60 36.86 -26.08
C MET B 304 -35.50 35.43 -25.63
N ARG B 305 -34.64 34.66 -26.26
CA ARG B 305 -34.49 33.25 -25.91
C ARG B 305 -33.02 32.91 -25.85
N PRO B 306 -32.66 31.91 -25.04
CA PRO B 306 -31.26 31.54 -24.92
C PRO B 306 -30.73 30.90 -26.19
N LEU B 307 -29.54 31.32 -26.60
CA LEU B 307 -28.88 30.74 -27.75
C LEU B 307 -28.74 29.23 -27.62
N LEU B 308 -28.52 28.74 -26.40
CA LEU B 308 -28.39 27.31 -26.15
C LEU B 308 -29.68 26.49 -26.32
N MET B 309 -30.81 27.15 -26.55
CA MET B 309 -32.06 26.44 -26.86
C MET B 309 -32.04 25.91 -28.27
N THR B 310 -31.22 26.54 -29.10
CA THR B 310 -31.22 26.35 -30.53
C THR B 310 -29.85 25.98 -31.13
N TRP B 311 -28.75 26.36 -30.49
CA TRP B 311 -27.42 26.14 -31.07
C TRP B 311 -26.47 25.67 -30.01
N TRP B 312 -25.44 24.95 -30.42
CA TRP B 312 -24.42 24.48 -29.48
C TRP B 312 -23.06 24.54 -30.16
N PRO B 313 -21.99 24.75 -29.39
CA PRO B 313 -20.65 24.79 -30.01
C PRO B 313 -20.15 23.47 -30.54
N ASP B 314 -20.68 22.36 -30.01
CA ASP B 314 -20.26 20.99 -30.36
C ASP B 314 -21.27 19.98 -29.79
N LYS B 315 -21.16 18.73 -30.19
CA LYS B 315 -22.13 17.75 -29.73
C LYS B 315 -22.01 17.43 -28.25
N GLN B 316 -20.79 17.40 -27.72
CA GLN B 316 -20.60 17.13 -26.29
C GLN B 316 -21.46 18.09 -25.47
N THR B 317 -21.34 19.38 -25.79
CA THR B 317 -22.07 20.42 -25.11
C THR B 317 -23.56 20.29 -25.34
N GLN B 318 -23.95 20.01 -26.57
CA GLN B 318 -25.35 19.78 -26.87
C GLN B 318 -25.91 18.65 -26.01
N ALA B 319 -25.16 17.55 -25.91
CA ALA B 319 -25.64 16.39 -25.18
C ALA B 319 -25.76 16.74 -23.72
N ASN B 320 -24.85 17.57 -23.24
CA ASN B 320 -24.89 17.92 -21.84
C ASN B 320 -26.06 18.83 -21.53
N TYR B 321 -26.32 19.77 -22.44
CA TYR B 321 -27.47 20.64 -22.30
C TYR B 321 -28.73 19.82 -22.20
N LEU B 322 -28.86 18.83 -23.07
CA LEU B 322 -30.07 18.01 -23.09
C LEU B 322 -30.22 17.23 -21.80
N ASN B 323 -29.12 16.66 -21.31
CA ASN B 323 -29.17 15.91 -20.08
C ASN B 323 -29.51 16.79 -18.88
N PHE B 324 -28.96 17.99 -18.86
CA PHE B 324 -29.17 18.92 -17.74
C PHE B 324 -30.62 19.40 -17.65
N MET B 325 -31.18 19.81 -18.78
CA MET B 325 -32.54 20.31 -18.84
C MET B 325 -33.54 19.20 -18.55
N SER B 326 -33.28 18.01 -19.08
CA SER B 326 -34.03 16.80 -18.74
C SER B 326 -34.16 16.59 -17.23
N SER B 327 -33.07 16.79 -16.51
CA SER B 327 -33.02 16.54 -15.08
C SER B 327 -33.88 17.45 -14.30
N LYS B 328 -34.28 18.55 -14.91
CA LYS B 328 -35.10 19.55 -14.25
C LYS B 328 -36.59 19.42 -14.56
N GLY B 329 -37.00 18.23 -15.00
CA GLY B 329 -38.40 17.90 -15.23
C GLY B 329 -38.89 18.15 -16.65
N LEU B 330 -38.00 18.61 -17.55
CA LEU B 330 -38.36 19.13 -18.90
C LEU B 330 -38.49 18.04 -19.96
N GLY B 331 -38.06 16.82 -19.64
CA GLY B 331 -38.31 15.69 -20.50
C GLY B 331 -37.87 14.39 -19.87
N ILE B 332 -37.95 13.34 -20.66
CA ILE B 332 -37.41 12.03 -20.27
C ILE B 332 -35.96 12.31 -19.90
N THR B 333 -35.54 11.89 -18.70
CA THR B 333 -34.14 12.09 -18.31
C THR B 333 -33.27 11.22 -19.20
N THR B 334 -32.23 11.82 -19.76
CA THR B 334 -31.49 11.17 -20.81
C THR B 334 -30.03 11.11 -20.46
N THR B 335 -29.41 10.02 -20.86
CA THR B 335 -27.97 9.94 -20.95
C THR B 335 -27.64 10.09 -22.42
N TYR B 336 -27.30 11.27 -22.84
CA TYR B 336 -26.83 11.44 -24.19
C TYR B 336 -25.32 11.65 -24.16
N THR B 337 -24.63 11.23 -25.21
CA THR B 337 -23.19 11.46 -25.33
C THR B 337 -22.89 12.21 -26.61
N ALA B 338 -21.66 12.66 -26.76
CA ALA B 338 -21.21 13.22 -28.01
C ALA B 338 -21.28 12.19 -29.11
N ALA B 339 -21.24 10.92 -28.73
CA ALA B 339 -21.37 9.85 -29.71
C ALA B 339 -22.78 9.67 -30.28
N THR B 340 -23.80 10.15 -29.55
CA THR B 340 -25.19 10.13 -30.02
C THR B 340 -25.28 10.85 -31.36
N SER B 341 -26.17 10.38 -32.23
CA SER B 341 -26.24 10.96 -33.57
C SER B 341 -26.71 12.40 -33.50
N GLN B 342 -26.28 13.20 -34.46
CA GLN B 342 -26.63 14.61 -34.49
C GLN B 342 -28.14 14.79 -34.59
N LYS B 343 -28.76 13.93 -35.41
CA LYS B 343 -30.19 14.00 -35.68
C LYS B 343 -30.97 13.77 -34.40
N THR B 344 -30.56 12.77 -33.65
CA THR B 344 -31.23 12.47 -32.40
C THR B 344 -31.15 13.62 -31.44
N LEU B 345 -29.98 14.23 -31.32
CA LEU B 345 -29.77 15.32 -30.37
C LEU B 345 -30.61 16.53 -30.76
N ASN B 346 -30.64 16.83 -32.06
CA ASN B 346 -31.44 17.95 -32.56
C ASN B 346 -32.94 17.76 -32.32
N ASP B 347 -33.44 16.53 -32.54
CA ASP B 347 -34.84 16.18 -32.24
C ASP B 347 -35.14 16.34 -30.76
N ALA B 348 -34.19 15.94 -29.94
CA ALA B 348 -34.34 16.02 -28.51
C ALA B 348 -34.28 17.44 -28.05
N ALA B 349 -33.51 18.27 -28.73
CA ALA B 349 -33.45 19.67 -28.40
C ALA B 349 -34.81 20.32 -28.63
N PHE B 350 -35.50 19.90 -29.68
CA PHE B 350 -36.80 20.46 -30.00
C PHE B 350 -37.86 20.04 -28.99
N VAL B 351 -37.86 18.79 -28.54
CA VAL B 351 -38.83 18.39 -27.50
C VAL B 351 -38.57 19.14 -26.21
N ILE B 352 -37.31 19.46 -25.95
CA ILE B 352 -36.98 20.32 -24.81
C ILE B 352 -37.45 21.75 -25.08
N GLN B 353 -37.29 22.26 -26.31
CA GLN B 353 -37.72 23.62 -26.62
C GLN B 353 -39.20 23.72 -26.37
N THR B 354 -39.96 22.74 -26.85
CA THR B 354 -41.40 22.67 -26.61
C THR B 354 -41.71 22.76 -25.11
N ALA B 355 -41.13 21.86 -24.34
CA ALA B 355 -41.33 21.85 -22.90
C ALA B 355 -40.99 23.19 -22.28
N ILE B 356 -39.95 23.85 -22.81
CA ILE B 356 -39.54 25.17 -22.29
C ILE B 356 -40.64 26.21 -22.48
N GLU B 357 -41.23 26.25 -23.66
CA GLU B 357 -42.23 27.26 -23.95
C GLU B 357 -43.47 27.04 -23.12
N GLN B 358 -43.70 25.80 -22.71
CA GLN B 358 -44.83 25.47 -21.84
C GLN B 358 -44.67 25.99 -20.43
N GLN B 359 -43.47 25.83 -19.88
CA GLN B 359 -43.21 26.35 -18.55
C GLN B 359 -43.04 27.88 -18.57
N ILE B 360 -42.79 28.46 -19.74
CA ILE B 360 -42.78 29.92 -19.87
C ILE B 360 -44.21 30.44 -19.82
N SER B 361 -45.13 29.77 -20.51
CA SER B 361 -46.56 30.11 -20.42
C SER B 361 -47.13 29.87 -19.02
N LEU B 362 -46.78 28.74 -18.43
CA LEU B 362 -47.28 28.38 -17.10
C LEU B 362 -46.83 29.40 -16.04
N LYS B 363 -45.54 29.76 -16.06
CA LYS B 363 -44.99 30.71 -15.09
C LYS B 363 -45.13 32.20 -15.51
N LYS B 364 -45.40 32.47 -16.79
CA LYS B 364 -45.39 33.83 -17.38
C LYS B 364 -44.12 34.61 -17.09
N SER B 365 -43.01 33.90 -17.12
CA SER B 365 -41.72 34.43 -16.71
C SER B 365 -40.65 33.66 -17.48
N THR B 366 -39.50 34.29 -17.66
CA THR B 366 -38.33 33.63 -18.17
C THR B 366 -37.17 33.66 -17.18
N GLU B 367 -37.38 34.20 -15.96
CA GLU B 367 -36.30 34.28 -14.99
C GLU B 367 -35.84 32.91 -14.52
N TRP B 368 -36.79 31.99 -14.41
CA TRP B 368 -36.48 30.60 -14.08
C TRP B 368 -35.49 30.00 -15.09
N LEU B 369 -35.65 30.38 -16.36
CA LEU B 369 -34.79 29.90 -17.42
C LEU B 369 -33.41 30.56 -17.37
N ARG B 370 -33.38 31.87 -17.10
CA ARG B 370 -32.11 32.59 -16.92
C ARG B 370 -31.21 31.84 -15.94
N ASP B 371 -31.82 31.42 -14.84
CA ASP B 371 -31.12 30.72 -13.76
C ASP B 371 -30.69 29.32 -14.18
N ALA B 372 -31.56 28.66 -14.94
CA ALA B 372 -31.24 27.34 -15.47
C ALA B 372 -30.04 27.37 -16.44
N ILE B 373 -30.03 28.36 -17.33
CA ILE B 373 -28.93 28.50 -18.29
C ILE B 373 -27.63 28.88 -17.55
N ASP B 374 -27.70 29.87 -16.66
CA ASP B 374 -26.52 30.29 -15.87
C ASP B 374 -25.84 29.13 -15.22
N SER B 375 -26.66 28.30 -14.56
CA SER B 375 -26.19 27.10 -13.85
C SER B 375 -25.55 26.13 -14.79
N PHE B 376 -26.24 25.83 -15.89
CA PHE B 376 -25.77 24.88 -16.85
C PHE B 376 -24.44 25.32 -17.44
N VAL B 377 -24.34 26.58 -17.78
CA VAL B 377 -23.14 27.08 -18.40
C VAL B 377 -21.91 26.86 -17.52
N LYS B 378 -22.04 27.04 -16.22
CA LYS B 378 -20.88 26.93 -15.34
C LYS B 378 -20.47 25.47 -15.14
N THR B 379 -21.39 24.54 -15.44
CA THR B 379 -21.12 23.09 -15.52
C THR B 379 -20.02 22.73 -16.51
N GLN B 380 -19.91 23.48 -17.59
CA GLN B 380 -19.01 23.14 -18.66
C GLN B 380 -17.61 23.69 -18.49
N ALA B 381 -16.60 22.84 -18.64
CA ALA B 381 -15.20 23.21 -18.44
C ALA B 381 -14.70 24.38 -19.30
N ASN B 382 -15.11 24.43 -20.55
CA ASN B 382 -14.81 25.59 -21.38
C ASN B 382 -15.42 26.91 -20.92
N TRP B 383 -16.47 26.81 -20.10
CA TRP B 383 -17.12 27.98 -19.54
C TRP B 383 -16.97 28.13 -18.01
N ASN B 384 -15.91 27.54 -17.45
CA ASN B 384 -15.59 27.76 -16.05
C ASN B 384 -14.07 27.72 -15.79
N LYS B 385 -13.67 27.75 -14.52
CA LYS B 385 -12.27 27.92 -14.19
C LYS B 385 -11.35 26.76 -14.53
N GLN B 386 -11.94 25.62 -14.89
CA GLN B 386 -11.14 24.47 -15.24
C GLN B 386 -10.29 24.72 -16.43
N THR B 387 -10.75 25.59 -17.33
CA THR B 387 -9.93 25.98 -18.46
C THR B 387 -9.15 27.27 -18.20
N GLU B 388 -9.07 27.69 -16.93
CA GLU B 388 -8.33 28.90 -16.53
C GLU B 388 -7.01 28.63 -15.76
N ASP B 389 -6.73 27.36 -15.55
CA ASP B 389 -5.50 26.97 -14.86
C ASP B 389 -5.32 27.65 -13.50
N GLU B 390 -6.35 27.59 -12.66
CA GLU B 390 -6.27 28.06 -11.29
C GLU B 390 -4.98 27.56 -10.67
N ALA B 391 -4.21 28.46 -10.05
CA ALA B 391 -2.99 28.13 -9.30
C ALA B 391 -2.89 29.04 -8.05
N PHE B 392 -2.13 28.60 -7.05
CA PHE B 392 -2.05 29.32 -5.78
C PHE B 392 -0.64 29.61 -5.32
N ASP B 393 0.35 29.48 -6.17
CA ASP B 393 1.70 29.71 -5.68
C ASP B 393 2.05 31.16 -5.92
N GLY B 394 2.88 31.71 -5.05
CA GLY B 394 3.16 33.14 -5.05
C GLY B 394 1.90 33.93 -4.72
N LEU B 395 1.83 35.16 -5.21
CA LEU B 395 0.70 36.04 -4.94
C LEU B 395 -0.60 35.51 -5.53
N GLN B 396 -0.49 34.55 -6.42
CA GLN B 396 -1.65 33.83 -6.93
C GLN B 396 -2.44 33.18 -5.78
N TRP B 397 -1.75 32.93 -4.67
CA TRP B 397 -2.37 32.46 -3.42
C TRP B 397 -3.60 33.25 -3.03
N LEU B 398 -3.66 34.53 -3.39
CA LEU B 398 -4.73 35.39 -2.92
C LEU B 398 -6.02 35.07 -3.58
N GLN B 399 -6.01 35.04 -4.92
CA GLN B 399 -7.24 34.91 -5.69
C GLN B 399 -7.31 33.88 -6.82
N GLY B 400 -6.24 33.12 -7.01
CA GLY B 400 -6.31 31.97 -7.87
C GLY B 400 -5.64 32.11 -9.21
N GLY B 401 -5.08 33.28 -9.52
CA GLY B 401 -4.29 33.45 -10.76
C GLY B 401 -4.67 34.67 -11.57
N PHE B 402 -3.83 35.03 -12.52
CA PHE B 402 -4.00 36.30 -13.20
C PHE B 402 -4.01 36.13 -14.70
N LEU B 403 -4.75 37.03 -15.34
CA LEU B 403 -4.71 37.23 -16.80
C LEU B 403 -4.09 38.58 -17.13
N ALA B 404 -3.12 38.60 -18.03
CA ALA B 404 -2.56 39.85 -18.53
C ALA B 404 -3.30 40.23 -19.82
N TYR B 405 -3.76 41.47 -19.91
CA TYR B 405 -4.41 41.93 -21.14
C TYR B 405 -3.38 42.28 -22.21
N GLN B 406 -3.76 42.08 -23.48
CA GLN B 406 -2.88 42.25 -24.61
C GLN B 406 -3.34 43.32 -25.56
N ASP B 407 -2.36 43.93 -26.23
CA ASP B 407 -2.62 44.96 -27.23
C ASP B 407 -2.98 44.28 -28.55
N ASP B 408 -4.28 44.24 -28.88
CA ASP B 408 -4.74 43.47 -30.05
C ASP B 408 -5.74 44.33 -30.83
N SER B 409 -5.19 45.23 -31.62
CA SER B 409 -5.98 46.14 -32.45
C SER B 409 -6.95 45.43 -33.42
N HIS B 410 -6.63 44.24 -33.90
CA HIS B 410 -7.52 43.60 -34.87
C HIS B 410 -8.84 43.08 -34.26
N ARG B 411 -8.78 42.43 -33.11
CA ARG B 411 -10.00 41.83 -32.53
C ARG B 411 -10.63 42.63 -31.39
N THR B 412 -9.82 43.40 -30.69
CA THR B 412 -10.25 43.96 -29.41
C THR B 412 -9.61 45.34 -29.20
N PRO B 413 -9.94 46.27 -30.09
CA PRO B 413 -9.21 47.54 -30.20
C PRO B 413 -9.52 48.51 -29.08
N ASN B 414 -10.71 48.42 -28.49
CA ASN B 414 -11.05 49.29 -27.34
C ASN B 414 -10.18 48.98 -26.15
N THR B 415 -9.62 47.80 -26.15
CA THR B 415 -8.82 47.29 -25.08
C THR B 415 -7.31 47.54 -25.31
N ASP B 416 -6.93 48.10 -26.46
CA ASP B 416 -5.53 48.33 -26.78
C ASP B 416 -5.00 49.45 -25.88
N SER B 417 -3.80 49.26 -25.35
CA SER B 417 -3.19 50.20 -24.40
C SER B 417 -2.21 51.19 -25.03
N GLY B 418 -2.16 51.26 -26.35
CA GLY B 418 -1.26 52.20 -27.00
C GLY B 418 0.19 51.86 -26.70
N ASN B 419 0.49 50.56 -26.66
CA ASN B 419 1.83 50.06 -26.40
C ASN B 419 2.43 50.48 -25.07
N ASN B 420 1.59 50.44 -24.06
CA ASN B 420 2.02 50.69 -22.69
C ASN B 420 2.14 49.36 -21.99
N ARG B 421 1.49 49.23 -20.84
CA ARG B 421 1.52 47.99 -20.05
C ARG B 421 2.89 47.40 -19.74
N LYS B 422 3.84 48.25 -19.39
CA LYS B 422 5.12 47.77 -18.86
C LYS B 422 4.91 47.16 -17.47
N LEU B 423 5.22 45.87 -17.36
CA LEU B 423 4.89 45.16 -16.12
C LEU B 423 6.09 45.06 -15.20
N GLY B 424 5.85 45.17 -13.90
CA GLY B 424 6.87 44.87 -12.88
C GLY B 424 7.98 45.90 -12.79
N ARG B 425 7.67 47.16 -13.02
CA ARG B 425 8.69 48.19 -12.92
C ARG B 425 8.88 48.67 -11.48
N GLN B 426 9.06 47.73 -10.56
CA GLN B 426 9.29 48.06 -9.16
C GLN B 426 10.62 48.80 -9.06
N PRO B 427 10.96 49.32 -7.87
CA PRO B 427 12.13 50.18 -7.80
C PRO B 427 13.41 49.54 -8.37
N ILE B 428 13.68 48.29 -7.99
CA ILE B 428 14.91 47.66 -8.46
C ILE B 428 14.82 47.33 -9.92
N ASN B 429 13.62 47.38 -10.51
CA ASN B 429 13.44 47.09 -11.94
C ASN B 429 12.74 48.20 -12.69
N ILE B 430 12.94 49.44 -12.23
CA ILE B 430 12.25 50.57 -12.81
C ILE B 430 12.55 50.74 -14.29
N ASP B 431 13.75 50.34 -14.73
CA ASP B 431 14.12 50.45 -16.16
C ASP B 431 13.93 49.16 -16.97
N GLY B 432 13.28 48.15 -16.41
CA GLY B 432 13.12 46.85 -17.09
C GLY B 432 14.36 45.97 -17.16
N SER B 433 15.49 46.41 -16.60
CA SER B 433 16.75 45.69 -16.80
C SER B 433 16.82 44.35 -16.13
N LYS B 434 15.89 44.08 -15.21
CA LYS B 434 15.79 42.75 -14.59
C LYS B 434 14.53 41.98 -15.02
N ASP B 435 13.96 42.32 -16.19
CA ASP B 435 12.72 41.71 -16.68
C ASP B 435 12.79 40.20 -16.82
N THR B 436 13.96 39.67 -17.15
CA THR B 436 14.11 38.22 -17.37
C THR B 436 14.46 37.40 -16.10
N THR B 437 14.62 38.09 -14.97
CA THR B 437 14.96 37.44 -13.67
C THR B 437 13.79 37.57 -12.67
N ASP B 438 13.99 37.04 -11.47
CA ASP B 438 13.01 37.19 -10.39
C ASP B 438 12.99 38.62 -9.86
N GLY B 439 13.94 39.44 -10.29
CA GLY B 439 13.96 40.86 -9.95
C GLY B 439 12.92 41.68 -10.69
N LYS B 440 12.25 41.09 -11.67
CA LYS B 440 11.06 41.71 -12.23
C LYS B 440 9.98 41.71 -11.17
N GLY B 441 9.32 42.84 -11.04
CA GLY B 441 8.35 43.04 -9.99
C GLY B 441 7.12 42.22 -10.20
N SER B 442 6.55 41.76 -9.11
CA SER B 442 5.24 41.11 -9.13
C SER B 442 4.14 42.14 -9.36
N GLU B 443 3.87 42.51 -10.62
CA GLU B 443 2.93 43.59 -10.95
C GLU B 443 1.49 43.28 -10.53
N PHE B 444 1.17 41.99 -10.49
CA PHE B 444 -0.18 41.54 -10.25
C PHE B 444 -0.29 41.13 -8.82
N LEU B 445 -1.26 41.72 -8.13
CA LEU B 445 -1.48 41.42 -6.72
C LEU B 445 -2.93 41.05 -6.48
N LEU B 446 -3.83 42.00 -6.74
CA LEU B 446 -5.25 41.78 -6.49
C LEU B 446 -6.13 42.50 -7.51
N ALA B 447 -7.33 41.95 -7.67
CA ALA B 447 -8.39 42.53 -8.48
C ALA B 447 -7.95 42.94 -9.90
N ASN B 448 -8.34 44.14 -10.32
CA ASN B 448 -7.95 44.67 -11.61
C ASN B 448 -6.73 45.50 -11.41
N ASP B 449 -5.62 45.13 -12.03
CA ASP B 449 -4.38 45.82 -11.76
C ASP B 449 -4.31 46.96 -12.78
N ILE B 450 -4.19 48.16 -12.24
CA ILE B 450 -4.14 49.41 -13.01
C ILE B 450 -2.78 49.58 -13.66
N ASP B 451 -2.79 49.99 -14.93
CA ASP B 451 -1.57 50.23 -15.71
C ASP B 451 -0.91 51.57 -15.37
N ASN B 452 -0.14 51.59 -14.29
CA ASN B 452 0.56 52.78 -13.86
C ASN B 452 1.83 53.07 -14.65
N SER B 453 2.07 52.35 -15.75
CA SER B 453 3.16 52.67 -16.66
C SER B 453 2.69 53.55 -17.82
N ASN B 454 1.40 53.81 -17.82
CA ASN B 454 0.77 54.65 -18.85
C ASN B 454 0.76 56.12 -18.40
N PRO B 455 1.43 57.02 -19.16
CA PRO B 455 1.49 58.41 -18.72
C PRO B 455 0.13 59.02 -18.39
N ILE B 456 -0.91 58.66 -19.13
CA ILE B 456 -2.24 59.18 -18.87
C ILE B 456 -2.73 58.75 -17.49
N VAL B 457 -2.48 57.48 -17.15
CA VAL B 457 -2.87 56.96 -15.86
C VAL B 457 -2.03 57.58 -14.74
N GLN B 458 -0.73 57.79 -15.00
CA GLN B 458 0.14 58.46 -14.02
C GLN B 458 -0.41 59.83 -13.65
N ALA B 459 -0.89 60.59 -14.63
CA ALA B 459 -1.48 61.91 -14.39
C ALA B 459 -2.69 61.80 -13.51
N GLU B 460 -3.50 60.78 -13.76
CA GLU B 460 -4.71 60.56 -12.98
C GLU B 460 -4.41 60.21 -11.55
N GLN B 461 -3.34 59.47 -11.34
CA GLN B 461 -2.94 59.15 -9.97
C GLN B 461 -2.50 60.41 -9.20
N LEU B 462 -1.92 61.37 -9.91
CA LEU B 462 -1.52 62.66 -9.30
C LEU B 462 -2.72 63.49 -8.96
N ASN B 463 -3.70 63.50 -9.86
CA ASN B 463 -4.99 64.11 -9.59
C ASN B 463 -5.57 63.56 -8.32
N TRP B 464 -5.59 62.24 -8.19
CA TRP B 464 -6.15 61.63 -7.01
C TRP B 464 -5.37 62.06 -5.77
N LEU B 465 -4.06 62.07 -5.91
CA LEU B 465 -3.18 62.46 -4.83
C LEU B 465 -3.48 63.87 -4.38
N HIS B 466 -3.71 64.76 -5.35
CA HIS B 466 -4.01 66.14 -5.05
C HIS B 466 -5.33 66.22 -4.32
N TYR B 467 -6.29 65.46 -4.80
CA TYR B 467 -7.60 65.44 -4.20
C TYR B 467 -7.52 65.05 -2.74
N LEU B 468 -6.65 64.09 -2.41
CA LEU B 468 -6.53 63.66 -1.03
C LEU B 468 -5.85 64.72 -0.16
N MET B 469 -4.80 65.33 -0.69
CA MET B 469 -4.01 66.31 0.05
C MET B 469 -4.78 67.61 0.22
N ASN B 470 -5.85 67.77 -0.57
CA ASN B 470 -6.76 68.90 -0.43
C ASN B 470 -8.18 68.45 -0.23
N PHE B 471 -8.36 67.29 0.39
CA PHE B 471 -9.69 66.72 0.49
C PHE B 471 -10.66 67.67 1.16
N GLY B 472 -10.27 68.22 2.30
CA GLY B 472 -11.09 69.16 3.05
C GLY B 472 -11.43 70.45 2.30
N SER B 473 -10.45 71.04 1.61
CA SER B 473 -10.68 72.24 0.82
C SER B 473 -11.74 71.97 -0.25
N ILE B 474 -11.64 70.80 -0.88
CA ILE B 474 -12.44 70.53 -2.05
C ILE B 474 -13.86 70.11 -1.71
N THR B 475 -14.02 69.28 -0.68
CA THR B 475 -15.32 68.68 -0.35
C THR B 475 -16.10 69.38 0.78
N GLY B 476 -15.43 70.21 1.60
CA GLY B 476 -16.11 70.97 2.67
C GLY B 476 -15.70 72.43 2.80
N ASN B 477 -14.99 72.91 1.78
CA ASN B 477 -14.35 74.19 1.82
C ASN B 477 -13.69 74.51 3.17
N ASN B 478 -13.04 73.50 3.76
CA ASN B 478 -12.39 73.55 5.09
C ASN B 478 -10.86 73.28 5.00
N ASP B 479 -10.04 74.32 4.90
CA ASP B 479 -8.57 74.15 4.77
C ASP B 479 -7.88 73.52 5.99
N ASN B 480 -8.62 73.21 7.05
CA ASN B 480 -8.09 72.46 8.19
C ASN B 480 -8.46 70.96 8.19
N ALA B 481 -9.16 70.50 7.16
CA ALA B 481 -9.60 69.12 7.11
C ALA B 481 -8.87 68.39 5.99
N ASN B 482 -7.60 68.72 5.77
CA ASN B 482 -6.82 68.12 4.68
C ASN B 482 -5.79 67.13 5.19
N PHE B 483 -5.59 66.03 4.46
CA PHE B 483 -4.52 65.09 4.77
C PHE B 483 -3.16 65.77 4.61
N ASP B 484 -2.20 65.40 5.44
CA ASP B 484 -0.88 66.05 5.39
C ASP B 484 0.16 65.20 4.70
N GLY B 485 -0.02 63.88 4.67
CA GLY B 485 1.00 62.99 4.13
C GLY B 485 0.39 61.70 3.66
N ILE B 486 1.21 60.82 3.12
CA ILE B 486 0.71 59.61 2.47
C ILE B 486 1.47 58.34 2.84
N ARG B 487 0.74 57.23 2.76
CA ARG B 487 1.31 55.89 2.80
C ARG B 487 1.14 55.36 1.40
N VAL B 488 2.21 54.87 0.79
CA VAL B 488 2.12 54.32 -0.57
C VAL B 488 1.94 52.81 -0.45
N ASP B 489 0.73 52.33 -0.76
CA ASP B 489 0.38 50.91 -0.65
C ASP B 489 0.99 50.13 -1.81
N ALA B 490 1.65 49.02 -1.51
CA ALA B 490 2.05 48.06 -2.54
C ALA B 490 3.05 48.65 -3.55
N VAL B 491 4.12 49.19 -3.02
CA VAL B 491 5.15 49.84 -3.81
C VAL B 491 5.77 48.91 -4.88
N ASP B 492 6.03 47.67 -4.50
CA ASP B 492 6.73 46.73 -5.37
C ASP B 492 5.80 46.13 -6.45
N ASN B 493 4.49 46.36 -6.31
CA ASN B 493 3.50 45.89 -7.29
C ASN B 493 3.00 46.92 -8.33
N VAL B 494 3.71 48.04 -8.44
CA VAL B 494 3.36 49.13 -9.35
C VAL B 494 4.63 49.69 -9.97
N ASP B 495 4.42 50.56 -10.94
CA ASP B 495 5.50 51.29 -11.58
C ASP B 495 6.10 52.29 -10.58
N ALA B 496 7.40 52.18 -10.35
CA ALA B 496 8.09 53.01 -9.38
C ALA B 496 8.11 54.50 -9.74
N ASP B 497 7.71 54.86 -10.95
CA ASP B 497 7.55 56.26 -11.29
C ASP B 497 6.63 56.95 -10.30
N LEU B 498 5.63 56.25 -9.78
CA LEU B 498 4.68 56.86 -8.85
C LEU B 498 5.33 57.46 -7.62
N LEU B 499 6.49 56.95 -7.24
CA LEU B 499 7.22 57.51 -6.10
C LEU B 499 7.77 58.91 -6.44
N LYS B 500 8.32 59.03 -7.65
CA LYS B 500 8.89 60.29 -8.12
C LYS B 500 7.79 61.30 -8.30
N ILE B 501 6.68 60.86 -8.88
CA ILE B 501 5.51 61.72 -9.11
C ILE B 501 5.00 62.29 -7.79
N ALA B 502 4.81 61.43 -6.80
CA ALA B 502 4.41 61.85 -5.47
C ALA B 502 5.46 62.73 -4.78
N GLY B 503 6.72 62.33 -4.84
CA GLY B 503 7.82 63.11 -4.22
C GLY B 503 7.91 64.53 -4.77
N ASP B 504 7.95 64.62 -6.10
CA ASP B 504 8.02 65.89 -6.79
C ASP B 504 6.84 66.80 -6.55
N TYR B 505 5.65 66.21 -6.42
CA TYR B 505 4.42 66.96 -6.09
C TYR B 505 4.56 67.64 -4.74
N PHE B 506 4.96 66.89 -3.74
CA PHE B 506 5.21 67.45 -2.41
C PHE B 506 6.31 68.50 -2.41
N LYS B 507 7.33 68.31 -3.24
CA LYS B 507 8.39 69.30 -3.35
C LYS B 507 7.83 70.61 -3.89
N ALA B 508 7.06 70.49 -4.96
CA ALA B 508 6.47 71.65 -5.62
C ALA B 508 5.51 72.42 -4.72
N LEU B 509 4.61 71.71 -4.04
CA LEU B 509 3.53 72.35 -3.28
C LEU B 509 3.86 72.71 -1.88
N TYR B 510 4.79 71.99 -1.25
CA TYR B 510 5.11 72.23 0.17
C TYR B 510 6.61 72.49 0.46
N GLY B 511 7.42 72.53 -0.59
CA GLY B 511 8.85 72.81 -0.46
C GLY B 511 9.50 71.90 0.55
N THR B 512 9.24 70.61 0.42
CA THR B 512 9.72 69.62 1.36
C THR B 512 11.23 69.46 1.26
N ASP B 513 11.81 69.80 0.11
CA ASP B 513 13.26 69.75 -0.07
C ASP B 513 13.99 70.97 0.50
N LYS B 514 13.25 71.92 1.08
CA LYS B 514 13.81 73.19 1.57
C LYS B 514 14.31 73.09 2.99
N SER B 515 13.55 72.41 3.83
CA SER B 515 13.87 72.38 5.23
C SER B 515 13.32 71.13 5.87
N ASP B 516 13.86 70.81 7.04
CA ASP B 516 13.33 69.71 7.83
C ASP B 516 11.93 70.01 8.37
N ALA B 517 11.61 71.28 8.61
CA ALA B 517 10.28 71.65 9.13
C ALA B 517 9.20 71.43 8.09
N ASN B 518 9.51 71.77 6.83
CA ASN B 518 8.60 71.54 5.74
C ASN B 518 8.42 70.06 5.47
N ALA B 519 9.55 69.36 5.39
CA ALA B 519 9.56 67.93 5.15
C ALA B 519 8.73 67.22 6.19
N ASN B 520 9.03 67.50 7.45
CA ASN B 520 8.42 66.79 8.57
C ASN B 520 6.98 67.18 8.83
N LYS B 521 6.51 68.28 8.24
CA LYS B 521 5.08 68.68 8.32
C LYS B 521 4.19 67.78 7.47
N HIS B 522 4.81 67.02 6.59
CA HIS B 522 4.09 66.12 5.71
C HIS B 522 4.75 64.73 5.73
N LEU B 523 4.82 64.13 6.92
CA LEU B 523 5.32 62.79 7.08
C LEU B 523 4.64 61.82 6.14
N SER B 524 5.47 61.07 5.41
CA SER B 524 5.02 60.15 4.35
C SER B 524 5.84 58.85 4.35
N ILE B 525 5.15 57.71 4.28
CA ILE B 525 5.78 56.39 4.41
C ILE B 525 5.49 55.50 3.22
N LEU B 526 6.27 54.46 3.08
CA LEU B 526 6.17 53.52 1.99
C LEU B 526 5.96 52.13 2.55
N GLU B 527 5.10 51.34 1.91
CA GLU B 527 5.03 49.90 2.14
C GLU B 527 5.95 49.28 1.07
N ASP B 528 7.25 49.22 1.38
CA ASP B 528 8.27 48.83 0.41
C ASP B 528 9.03 47.62 0.94
N TRP B 529 8.53 46.44 0.64
CA TRP B 529 9.02 45.23 1.30
C TRP B 529 10.37 44.70 0.81
N ASN B 530 10.72 44.92 -0.45
CA ASN B 530 11.94 44.35 -0.96
C ASN B 530 13.13 44.83 -0.16
N GLY B 531 14.01 43.92 0.19
CA GLY B 531 15.17 44.24 0.98
C GLY B 531 16.17 45.15 0.30
N LYS B 532 16.04 45.38 -1.02
CA LYS B 532 16.89 46.34 -1.74
C LYS B 532 16.24 47.72 -1.96
N ASP B 533 15.01 47.90 -1.48
CA ASP B 533 14.28 49.18 -1.57
C ASP B 533 14.88 50.31 -0.71
N PRO B 534 15.30 50.02 0.55
CA PRO B 534 15.88 51.09 1.34
C PRO B 534 16.98 51.84 0.63
N GLN B 535 17.87 51.15 -0.07
CA GLN B 535 19.01 51.79 -0.71
C GLN B 535 18.55 52.57 -1.91
N TYR B 536 17.61 52.01 -2.67
CA TYR B 536 16.98 52.73 -3.77
C TYR B 536 16.39 54.03 -3.24
N VAL B 537 15.54 53.93 -2.22
CA VAL B 537 14.82 55.08 -1.71
C VAL B 537 15.78 56.18 -1.30
N ASN B 538 16.88 55.79 -0.70
CA ASN B 538 17.91 56.75 -0.28
C ASN B 538 18.64 57.38 -1.47
N GLN B 539 18.94 56.62 -2.52
CA GLN B 539 19.54 57.19 -3.72
C GLN B 539 18.60 58.18 -4.37
N GLN B 540 17.29 57.98 -4.22
CA GLN B 540 16.29 58.93 -4.76
C GLN B 540 15.92 60.08 -3.80
N GLY B 541 16.66 60.26 -2.72
CA GLY B 541 16.50 61.42 -1.84
C GLY B 541 15.46 61.30 -0.74
N ASN B 542 15.02 60.09 -0.45
CA ASN B 542 14.10 59.84 0.65
C ASN B 542 12.85 60.71 0.64
N ALA B 543 12.16 60.81 -0.49
CA ALA B 543 10.91 61.60 -0.55
C ALA B 543 9.80 61.01 0.32
N GLN B 544 9.81 59.70 0.47
CA GLN B 544 8.96 59.05 1.46
C GLN B 544 9.82 58.08 2.23
N LEU B 545 9.45 57.85 3.48
CA LEU B 545 10.28 57.06 4.37
C LEU B 545 10.19 55.59 4.06
N THR B 546 11.33 54.94 3.82
CA THR B 546 11.36 53.48 3.73
C THR B 546 10.98 52.82 5.06
N MET B 547 10.42 51.62 4.99
CA MET B 547 10.30 50.82 6.21
C MET B 547 11.68 50.26 6.55
N ASP B 548 11.84 49.76 7.78
CA ASP B 548 13.09 49.08 8.21
C ASP B 548 12.72 47.68 8.66
N TYR B 549 12.64 46.78 7.68
CA TYR B 549 12.26 45.42 7.97
C TYR B 549 13.37 44.69 8.77
N THR B 550 14.62 45.14 8.69
CA THR B 550 15.72 44.40 9.29
C THR B 550 15.48 44.29 10.79
N VAL B 551 14.93 45.35 11.37
CA VAL B 551 14.63 45.36 12.80
C VAL B 551 13.32 44.63 13.10
N THR B 552 12.30 44.83 12.28
CA THR B 552 11.05 44.09 12.44
C THR B 552 11.30 42.56 12.37
N SER B 553 12.19 42.18 11.46
CA SER B 553 12.55 40.79 11.26
C SER B 553 13.23 40.24 12.51
N GLN B 554 14.17 40.99 13.06
CA GLN B 554 14.93 40.53 14.20
C GLN B 554 14.04 40.39 15.41
N PHE B 555 12.99 41.21 15.50
CA PHE B 555 12.01 41.06 16.58
C PHE B 555 11.32 39.71 16.44
N GLY B 556 10.96 39.36 15.22
CA GLY B 556 10.38 38.05 14.97
C GLY B 556 11.26 36.93 15.47
N ASN B 557 12.55 36.98 15.13
CA ASN B 557 13.44 35.87 15.45
C ASN B 557 13.85 35.76 16.90
N SER B 558 14.10 36.89 17.53
CA SER B 558 14.64 36.92 18.88
C SER B 558 13.60 37.08 20.02
N LEU B 559 12.39 37.57 19.73
CA LEU B 559 11.39 37.90 20.78
C LEU B 559 9.97 37.52 20.44
N THR B 560 9.52 37.99 19.30
CA THR B 560 8.12 38.03 18.93
C THR B 560 7.58 36.66 18.50
N HIS B 561 8.40 35.84 17.83
CA HIS B 561 7.91 34.55 17.32
C HIS B 561 8.50 33.33 18.03
N GLY B 562 7.60 32.41 18.40
CA GLY B 562 7.99 31.10 18.88
C GLY B 562 8.12 31.04 20.39
N ALA B 563 7.67 29.91 20.95
CA ALA B 563 7.72 29.69 22.38
C ALA B 563 9.13 29.47 22.86
N ASN B 564 10.01 28.91 22.03
CA ASN B 564 11.36 28.60 22.53
C ASN B 564 12.57 28.94 21.64
N ASN B 565 12.81 28.20 20.57
CA ASN B 565 14.10 28.32 19.92
C ASN B 565 14.11 29.60 19.18
N ARG B 566 14.80 30.59 19.72
CA ARG B 566 14.74 31.96 19.24
C ARG B 566 16.15 32.38 19.02
N SER B 567 16.38 33.31 18.10
CA SER B 567 17.72 33.82 17.90
C SER B 567 18.11 34.61 19.12
N ASN B 568 19.39 34.59 19.47
CA ASN B 568 19.86 35.41 20.59
C ASN B 568 19.62 36.91 20.35
N MET B 569 19.48 37.61 21.47
CA MET B 569 19.42 39.07 21.43
C MET B 569 20.71 39.65 20.82
N TRP B 570 21.83 38.93 20.93
CA TRP B 570 23.07 39.28 20.25
C TRP B 570 22.86 39.74 18.81
N TYR B 571 21.92 39.11 18.12
CA TYR B 571 21.71 39.46 16.70
C TYR B 571 21.22 40.89 16.49
N PHE B 572 20.60 41.51 17.48
CA PHE B 572 20.22 42.92 17.36
C PHE B 572 21.42 43.85 17.19
N LEU B 573 22.61 43.42 17.60
CA LEU B 573 23.76 44.31 17.50
C LEU B 573 24.33 44.44 16.09
N ASP B 574 24.35 43.34 15.33
CA ASP B 574 25.02 43.32 14.03
C ASP B 574 26.49 43.77 14.17
N THR B 575 27.27 42.98 14.91
CA THR B 575 28.66 43.33 15.19
C THR B 575 29.55 43.34 13.93
N GLY B 576 29.18 42.55 12.93
CA GLY B 576 29.87 42.59 11.65
C GLY B 576 30.06 44.00 11.10
N TYR B 577 29.20 44.93 11.54
CA TYR B 577 29.31 46.34 11.19
C TYR B 577 30.74 46.85 11.39
N TYR B 578 31.35 46.45 12.51
CA TYR B 578 32.77 46.75 12.83
C TYR B 578 33.71 45.69 12.31
N LEU B 579 34.97 46.07 12.09
CA LEU B 579 35.98 45.16 11.56
C LEU B 579 36.28 44.08 12.55
N ASN B 580 36.32 42.83 12.07
CA ASN B 580 36.61 41.64 12.91
C ASN B 580 35.62 41.45 14.08
N GLY B 581 34.39 41.91 13.97
CA GLY B 581 33.46 41.92 15.10
C GLY B 581 34.03 42.52 16.37
N ASP B 582 34.81 43.60 16.30
CA ASP B 582 35.56 44.11 17.46
C ASP B 582 34.89 45.33 18.08
N LEU B 583 34.54 45.17 19.35
CA LEU B 583 33.79 46.17 20.09
C LEU B 583 34.70 46.97 20.99
N ASN B 584 35.90 46.49 21.23
CA ASN B 584 36.89 47.32 21.87
C ASN B 584 37.48 48.37 20.93
N LYS B 585 37.75 47.99 19.69
CA LYS B 585 38.47 48.85 18.74
C LYS B 585 37.50 49.71 17.90
N LYS B 586 36.38 49.13 17.49
CA LYS B 586 35.28 49.83 16.79
C LYS B 586 35.65 50.54 15.50
N ILE B 587 36.39 49.86 14.64
CA ILE B 587 36.72 50.37 13.32
C ILE B 587 35.62 49.90 12.37
N VAL B 588 34.96 50.84 11.70
CA VAL B 588 33.85 50.51 10.81
C VAL B 588 34.39 49.77 9.60
N ASP B 589 33.69 48.71 9.20
CA ASP B 589 34.09 47.90 8.07
C ASP B 589 33.57 48.63 6.83
N LYS B 590 34.51 49.23 6.09
CA LYS B 590 34.22 50.10 4.98
C LYS B 590 33.63 49.35 3.76
N ASN B 591 33.85 48.05 3.66
CA ASN B 591 33.27 47.22 2.60
C ASN B 591 32.58 45.99 3.19
N ARG B 592 31.31 45.80 2.85
CA ARG B 592 30.56 44.63 3.28
C ARG B 592 29.68 44.17 2.13
N PRO B 593 29.23 42.90 2.17
CA PRO B 593 28.38 42.43 1.06
C PRO B 593 26.88 42.80 1.18
N ASN B 594 26.56 44.09 1.23
CA ASN B 594 25.17 44.58 1.28
C ASN B 594 24.32 43.89 2.35
N SER B 595 24.86 43.76 3.57
CA SER B 595 24.20 42.98 4.63
C SER B 595 24.19 43.64 6.00
N GLY B 596 23.24 43.19 6.81
CA GLY B 596 23.11 43.60 8.20
C GLY B 596 21.86 44.40 8.47
N THR B 597 21.79 44.95 9.67
CA THR B 597 20.69 45.82 10.04
C THR B 597 20.92 47.23 9.48
N LEU B 598 19.85 47.96 9.19
CA LEU B 598 19.92 49.26 8.51
C LEU B 598 20.70 50.33 9.24
N VAL B 599 20.53 50.35 10.55
CA VAL B 599 21.10 51.38 11.40
C VAL B 599 21.81 50.71 12.55
N ASN B 600 23.11 50.93 12.67
CA ASN B 600 23.83 50.32 13.75
C ASN B 600 23.59 51.11 15.03
N ARG B 601 23.40 50.39 16.13
CA ARG B 601 23.06 51.02 17.39
C ARG B 601 23.95 50.57 18.55
N ILE B 602 25.13 50.02 18.21
CA ILE B 602 26.04 49.51 19.23
C ILE B 602 26.61 50.71 19.95
N ALA B 603 27.08 51.68 19.18
CA ALA B 603 27.48 52.99 19.72
C ALA B 603 27.16 54.10 18.72
N ASN B 604 25.89 54.45 18.67
CA ASN B 604 25.39 55.45 17.74
C ASN B 604 25.46 56.83 18.34
N SER B 605 26.50 57.59 17.96
CA SER B 605 26.69 58.96 18.42
C SER B 605 26.15 60.00 17.43
N GLY B 606 25.51 59.58 16.35
CA GLY B 606 25.04 60.50 15.31
C GLY B 606 26.13 61.04 14.40
N ASP B 607 27.29 60.41 14.43
CA ASP B 607 28.43 60.84 13.61
C ASP B 607 28.36 60.32 12.16
N THR B 608 27.69 59.19 11.93
CA THR B 608 27.58 58.65 10.58
C THR B 608 26.16 58.82 10.04
N LYS B 609 26.07 59.29 8.80
CA LYS B 609 24.80 59.49 8.11
C LYS B 609 24.13 58.14 7.88
N VAL B 610 22.82 58.08 8.07
CA VAL B 610 22.12 56.82 8.02
C VAL B 610 20.75 57.01 7.33
N ILE B 611 20.13 55.93 6.85
CA ILE B 611 18.93 56.06 6.00
C ILE B 611 17.62 56.29 6.79
N PRO B 612 16.93 57.40 6.56
CA PRO B 612 15.76 57.69 7.38
C PRO B 612 14.65 56.69 7.14
N ASN B 613 13.95 56.35 8.21
CA ASN B 613 13.06 55.23 8.17
C ASN B 613 12.03 55.21 9.26
N TYR B 614 10.95 54.49 9.01
CA TYR B 614 10.02 54.10 10.06
C TYR B 614 10.15 52.60 10.36
N SER B 615 9.80 52.20 11.57
CA SER B 615 9.91 50.80 11.95
C SER B 615 8.73 50.42 12.79
N PHE B 616 8.44 49.13 12.83
CA PHE B 616 7.32 48.65 13.62
C PHE B 616 7.47 47.23 14.10
N VAL B 617 6.65 46.89 15.09
CA VAL B 617 6.57 45.53 15.62
C VAL B 617 5.46 44.77 14.88
N ARG B 618 4.28 45.40 14.77
CA ARG B 618 3.17 44.82 14.01
C ARG B 618 2.52 45.85 13.12
N ALA B 619 1.65 45.35 12.26
CA ALA B 619 0.90 46.21 11.36
C ALA B 619 -0.47 45.58 11.06
N HIS B 620 -1.36 46.37 10.44
CA HIS B 620 -2.68 45.88 10.03
C HIS B 620 -2.55 44.66 9.15
N ASP B 621 -1.44 44.64 8.39
CA ASP B 621 -1.06 43.57 7.50
C ASP B 621 0.26 42.85 7.87
N TYR B 622 0.65 42.83 9.15
CA TYR B 622 1.83 42.06 9.55
C TYR B 622 1.56 41.50 10.91
N ASP B 623 1.67 40.19 11.02
CA ASP B 623 1.36 39.43 12.23
C ASP B 623 -0.08 39.63 12.72
N ALA B 624 -1.00 39.86 11.80
CA ALA B 624 -2.42 39.99 12.16
C ALA B 624 -3.31 39.08 11.31
N GLN B 625 -3.30 39.30 10.00
CA GLN B 625 -4.23 38.57 9.11
C GLN B 625 -4.05 37.06 9.16
N ASP B 626 -2.80 36.61 9.23
CA ASP B 626 -2.54 35.17 9.26
C ASP B 626 -2.95 34.53 10.59
N PRO B 627 -2.39 35.01 11.71
CA PRO B 627 -2.87 34.49 12.99
C PRO B 627 -4.38 34.50 13.16
N ILE B 628 -5.04 35.60 12.83
CA ILE B 628 -6.48 35.69 13.04
C ILE B 628 -7.22 34.59 12.26
N ARG B 629 -6.71 34.25 11.08
CA ARG B 629 -7.33 33.20 10.28
C ARG B 629 -6.91 31.81 10.78
N LYS B 630 -5.64 31.61 11.09
CA LYS B 630 -5.18 30.35 11.67
C LYS B 630 -6.07 29.97 12.84
N ALA B 631 -6.42 30.96 13.65
CA ALA B 631 -7.30 30.75 14.80
C ALA B 631 -8.67 30.25 14.35
N MET B 632 -9.25 30.87 13.32
CA MET B 632 -10.57 30.46 12.83
C MET B 632 -10.55 29.07 12.22
N ILE B 633 -9.47 28.78 11.51
CA ILE B 633 -9.24 27.46 10.90
C ILE B 633 -9.11 26.39 11.98
N ASP B 634 -8.29 26.69 12.98
CA ASP B 634 -7.98 25.76 14.04
C ASP B 634 -9.25 25.37 14.82
N HIS B 635 -10.25 26.27 14.88
CA HIS B 635 -11.51 26.02 15.60
C HIS B 635 -12.67 25.71 14.65
N GLY B 636 -12.36 25.30 13.42
CA GLY B 636 -13.35 24.81 12.46
C GLY B 636 -14.34 25.84 11.96
N ILE B 637 -14.00 27.12 12.07
CA ILE B 637 -14.90 28.18 11.63
C ILE B 637 -14.81 28.37 10.11
N ILE B 638 -13.64 28.15 9.55
CA ILE B 638 -13.46 28.11 8.10
C ILE B 638 -12.50 26.97 7.80
N LYS B 639 -12.37 26.60 6.53
CA LYS B 639 -11.41 25.58 6.13
C LYS B 639 -10.10 26.13 5.57
N ASN B 640 -10.17 27.16 4.73
CA ASN B 640 -8.99 27.73 4.10
C ASN B 640 -8.75 29.19 4.41
N MET B 641 -7.52 29.65 4.25
CA MET B 641 -7.19 31.06 4.43
C MET B 641 -7.95 31.94 3.44
N GLN B 642 -8.18 31.44 2.24
CA GLN B 642 -8.86 32.21 1.19
C GLN B 642 -10.37 32.12 1.30
N ASP B 643 -10.82 31.29 2.23
CA ASP B 643 -12.21 31.08 2.44
C ASP B 643 -12.92 32.41 2.71
N THR B 644 -14.14 32.53 2.23
CA THR B 644 -15.02 33.62 2.61
C THR B 644 -15.59 33.37 3.99
N PHE B 645 -15.52 34.37 4.84
CA PHE B 645 -16.18 34.31 6.13
C PHE B 645 -17.08 35.52 6.35
N THR B 646 -18.07 35.32 7.19
CA THR B 646 -19.02 36.32 7.54
C THR B 646 -18.50 37.06 8.77
N PHE B 647 -19.10 38.20 9.10
CA PHE B 647 -18.66 38.99 10.26
C PHE B 647 -18.86 38.24 11.57
N ASP B 648 -19.96 37.49 11.69
CA ASP B 648 -20.21 36.63 12.86
C ASP B 648 -19.17 35.57 13.00
N GLN B 649 -18.75 35.03 11.88
CA GLN B 649 -17.70 34.04 11.88
C GLN B 649 -16.41 34.66 12.39
N LEU B 650 -16.14 35.89 11.95
CA LEU B 650 -14.98 36.63 12.42
C LEU B 650 -15.06 36.87 13.92
N ALA B 651 -16.22 37.27 14.42
CA ALA B 651 -16.39 37.56 15.85
C ALA B 651 -16.14 36.36 16.74
N GLN B 652 -16.59 35.18 16.30
CA GLN B 652 -16.38 33.92 17.03
C GLN B 652 -14.94 33.56 17.11
N GLY B 653 -14.25 33.69 15.97
CA GLY B 653 -12.82 33.46 15.89
C GLY B 653 -12.07 34.43 16.78
N MET B 654 -12.49 35.68 16.75
CA MET B 654 -11.87 36.69 17.55
C MET B 654 -11.89 36.35 19.03
N GLU B 655 -12.95 35.70 19.51
CA GLU B 655 -13.04 35.35 20.92
C GLU B 655 -11.95 34.36 21.32
N PHE B 656 -11.59 33.44 20.41
CA PHE B 656 -10.51 32.50 20.65
C PHE B 656 -9.15 33.23 20.56
N TYR B 657 -9.04 34.15 19.61
CA TYR B 657 -7.83 34.95 19.40
C TYR B 657 -7.50 35.72 20.64
N TYR B 658 -8.52 36.37 21.21
CA TYR B 658 -8.38 37.13 22.44
C TYR B 658 -8.01 36.22 23.62
N LYS B 659 -8.70 35.09 23.75
CA LYS B 659 -8.45 34.10 24.79
C LYS B 659 -6.99 33.61 24.77
N ASP B 660 -6.44 33.40 23.57
CA ASP B 660 -5.05 32.95 23.35
C ASP B 660 -4.05 34.05 23.65
N GLN B 661 -4.37 35.27 23.21
CA GLN B 661 -3.55 36.46 23.45
C GLN B 661 -3.33 36.73 24.95
N GLU B 662 -4.41 36.64 25.74
CA GLU B 662 -4.40 36.95 27.17
C GLU B 662 -4.21 35.71 28.06
N ASN B 663 -3.77 34.60 27.48
CA ASN B 663 -3.63 33.33 28.20
C ASN B 663 -2.62 33.48 29.33
N PRO B 664 -3.05 33.25 30.58
CA PRO B 664 -2.16 33.42 31.74
C PRO B 664 -1.00 32.43 31.75
N SER B 665 -1.18 31.28 31.11
CA SER B 665 -0.10 30.31 30.99
C SER B 665 1.14 31.01 30.45
N GLY B 666 0.93 31.93 29.51
CA GLY B 666 2.01 32.65 28.85
C GLY B 666 2.37 32.08 27.50
N PHE B 667 1.76 30.95 27.16
CA PHE B 667 1.95 30.31 25.87
C PHE B 667 0.93 30.95 24.91
N LYS B 668 1.36 31.12 23.67
CA LYS B 668 0.56 31.76 22.62
C LYS B 668 0.65 30.93 21.35
N LYS B 669 -0.50 30.55 20.80
CA LYS B 669 -0.53 29.69 19.62
C LYS B 669 -0.58 30.49 18.32
N TYR B 670 -1.38 31.56 18.32
CA TYR B 670 -1.55 32.43 17.15
C TYR B 670 -0.83 33.76 17.36
N ASN B 671 -0.94 34.30 18.57
CA ASN B 671 -0.46 35.64 18.91
C ASN B 671 1.03 35.71 19.12
N ASP B 672 1.55 36.93 19.13
CA ASP B 672 2.97 37.21 19.30
C ASP B 672 3.42 37.32 20.75
N TYR B 673 4.62 36.81 21.00
CA TYR B 673 5.23 36.84 22.32
C TYR B 673 5.97 38.15 22.51
N ASN B 674 6.11 38.56 23.76
CA ASN B 674 7.04 39.65 24.15
C ASN B 674 6.79 41.04 23.52
N LEU B 675 5.51 41.36 23.25
CA LEU B 675 5.19 42.64 22.61
C LEU B 675 5.61 43.86 23.40
N PRO B 676 5.36 43.87 24.73
CA PRO B 676 5.91 44.92 25.59
C PRO B 676 7.42 45.09 25.43
N SER B 677 8.15 44.00 25.48
CA SER B 677 9.60 44.04 25.41
C SER B 677 10.04 44.57 24.02
N ALA B 678 9.34 44.12 22.98
CA ALA B 678 9.57 44.64 21.63
C ALA B 678 9.32 46.14 21.52
N TYR B 679 8.21 46.61 22.07
CA TYR B 679 7.89 48.03 22.04
C TYR B 679 8.91 48.82 22.79
N ALA B 680 9.42 48.27 23.88
CA ALA B 680 10.39 49.01 24.68
C ALA B 680 11.60 49.31 23.82
N MET B 681 11.95 48.39 22.93
CA MET B 681 13.11 48.61 22.08
C MET B 681 12.76 49.53 20.95
N LEU B 682 11.61 49.30 20.36
CA LEU B 682 11.16 50.10 19.24
C LEU B 682 11.16 51.57 19.61
N LEU B 683 10.65 51.84 20.80
CA LEU B 683 10.35 53.21 21.22
C LEU B 683 11.55 53.93 21.80
N THR B 684 12.66 53.22 22.01
CA THR B 684 13.88 53.86 22.51
C THR B 684 14.97 53.99 21.46
N ASN B 685 14.75 53.40 20.29
CA ASN B 685 15.79 53.37 19.28
C ASN B 685 16.02 54.72 18.64
N LYS B 686 17.30 55.07 18.49
CA LYS B 686 17.70 56.27 17.77
C LYS B 686 17.55 56.05 16.25
N ASP B 687 17.40 57.14 15.51
CA ASP B 687 17.38 57.15 14.05
C ASP B 687 16.27 56.28 13.49
N THR B 688 15.06 56.56 13.93
CA THR B 688 13.86 55.90 13.38
C THR B 688 12.66 56.69 13.85
N VAL B 689 11.65 56.68 13.00
CA VAL B 689 10.31 57.10 13.38
C VAL B 689 9.50 55.84 13.70
N PRO B 690 9.31 55.54 14.97
CA PRO B 690 8.55 54.33 15.28
C PRO B 690 7.07 54.44 14.94
N ARG B 691 6.48 53.30 14.56
CA ARG B 691 5.05 53.22 14.33
C ARG B 691 4.35 52.19 15.22
N VAL B 692 3.23 52.63 15.77
CA VAL B 692 2.50 51.85 16.75
C VAL B 692 1.19 51.35 16.17
N TYR B 693 0.91 50.06 16.40
CA TYR B 693 -0.24 49.39 15.79
C TYR B 693 -1.43 49.41 16.73
N TYR B 694 -2.53 49.97 16.24
CA TYR B 694 -3.79 50.02 16.96
C TYR B 694 -4.07 48.72 17.71
N GLY B 695 -3.84 47.60 17.05
CA GLY B 695 -4.18 46.29 17.61
C GLY B 695 -3.30 45.73 18.69
N ASP B 696 -2.20 46.42 18.98
CA ASP B 696 -1.40 46.15 20.17
C ASP B 696 -1.86 46.99 21.34
N MET B 697 -2.63 48.03 21.06
CA MET B 697 -3.18 48.92 22.07
C MET B 697 -4.64 48.57 22.40
N TYR B 698 -5.41 48.21 21.37
CA TYR B 698 -6.79 47.82 21.54
C TYR B 698 -7.02 46.53 20.80
N LEU B 699 -8.12 45.86 21.11
CA LEU B 699 -8.40 44.56 20.52
C LEU B 699 -8.77 44.73 19.06
N GLU B 700 -8.23 43.86 18.23
CA GLU B 700 -8.31 43.99 16.77
C GLU B 700 -9.70 43.82 16.17
N GLY B 701 -10.57 43.13 16.90
CA GLY B 701 -11.95 42.96 16.49
C GLY B 701 -12.96 43.78 17.27
N GLY B 702 -14.24 43.59 16.95
CA GLY B 702 -15.29 44.35 17.58
C GLY B 702 -15.18 45.81 17.20
N GLN B 703 -15.61 46.68 18.11
CA GLN B 703 -15.82 48.09 17.81
C GLN B 703 -14.55 48.88 18.00
N TYR B 704 -14.43 50.03 17.36
CA TYR B 704 -13.18 50.81 17.41
C TYR B 704 -12.92 51.30 18.81
N MET B 705 -11.75 51.00 19.35
CA MET B 705 -11.40 51.38 20.72
C MET B 705 -12.36 50.82 21.80
N GLU B 706 -13.00 49.68 21.53
CA GLU B 706 -13.95 49.08 22.47
C GLU B 706 -13.31 48.60 23.77
N LYS B 707 -12.13 48.02 23.66
CA LYS B 707 -11.45 47.45 24.82
C LYS B 707 -9.94 47.42 24.64
N GLY B 708 -9.19 47.98 25.60
CA GLY B 708 -7.74 48.01 25.53
C GLY B 708 -7.22 46.62 25.72
N THR B 709 -6.00 46.38 25.25
CA THR B 709 -5.36 45.05 25.30
C THR B 709 -4.62 44.96 26.60
N ILE B 710 -4.11 43.78 26.93
CA ILE B 710 -3.34 43.68 28.16
C ILE B 710 -2.03 44.47 28.07
N TYR B 711 -1.54 44.71 26.86
CA TYR B 711 -0.29 45.42 26.68
C TYR B 711 -0.43 46.97 26.82
N ASN B 712 -1.65 47.48 26.75
CA ASN B 712 -1.89 48.94 26.70
C ASN B 712 -1.16 49.77 27.77
N PRO B 713 -1.29 49.38 29.05
CA PRO B 713 -0.62 50.17 30.10
C PRO B 713 0.89 50.36 29.85
N VAL B 714 1.57 49.26 29.51
CA VAL B 714 3.01 49.26 29.40
C VAL B 714 3.46 50.10 28.23
N ILE B 715 2.79 49.90 27.12
CA ILE B 715 3.13 50.60 25.89
C ILE B 715 2.85 52.09 26.07
N SER B 716 1.75 52.40 26.75
CA SER B 716 1.37 53.79 26.98
C SER B 716 2.42 54.49 27.83
N ALA B 717 2.94 53.77 28.82
CA ALA B 717 3.99 54.30 29.68
C ALA B 717 5.25 54.57 28.89
N LEU B 718 5.62 53.60 28.05
CA LEU B 718 6.79 53.73 27.19
C LEU B 718 6.66 54.95 26.27
N LEU B 719 5.45 55.19 25.79
CA LEU B 719 5.20 56.28 24.86
C LEU B 719 5.37 57.62 25.52
N LYS B 720 4.86 57.72 26.75
CA LYS B 720 4.94 58.96 27.51
C LYS B 720 6.34 59.22 27.99
N ALA B 721 7.02 58.14 28.35
CA ALA B 721 8.41 58.21 28.73
C ALA B 721 9.29 58.63 27.54
N ARG B 722 8.89 58.25 26.33
CA ARG B 722 9.66 58.61 25.15
C ARG B 722 9.68 60.13 24.99
N ILE B 723 8.56 60.78 25.25
CA ILE B 723 8.47 62.21 25.16
C ILE B 723 9.44 62.88 26.15
N LYS B 724 9.36 62.43 27.40
CA LYS B 724 10.11 62.98 28.55
C LYS B 724 11.61 62.75 28.52
N TYR B 725 12.02 61.52 28.18
CA TYR B 725 13.40 61.09 28.37
C TYR B 725 14.21 60.71 27.12
N VAL B 726 13.56 60.35 26.02
CA VAL B 726 14.30 59.77 24.91
C VAL B 726 14.96 60.84 24.06
N SER B 727 16.28 60.94 24.20
CA SER B 727 17.07 61.75 23.28
C SER B 727 18.54 61.44 23.39
N GLY B 728 19.33 62.08 22.52
CA GLY B 728 20.79 61.90 22.47
C GLY B 728 21.25 60.58 21.89
N GLY B 729 22.52 60.29 22.09
CA GLY B 729 23.13 59.11 21.52
C GLY B 729 22.56 57.82 22.08
N GLN B 730 22.94 56.71 21.46
CA GLN B 730 22.51 55.39 21.88
C GLN B 730 23.68 54.44 21.97
N THR B 731 23.56 53.48 22.88
CA THR B 731 24.40 52.29 22.87
C THR B 731 23.52 51.08 23.11
N MET B 732 24.04 49.95 22.68
CA MET B 732 23.32 48.70 22.78
C MET B 732 24.38 47.62 22.88
N ALA B 733 24.20 46.72 23.84
CA ALA B 733 25.12 45.62 24.06
C ALA B 733 24.36 44.39 24.54
N THR B 734 24.97 43.21 24.47
CA THR B 734 24.37 42.00 25.05
C THR B 734 25.38 41.23 25.83
N ASP B 735 24.91 40.52 26.85
CA ASP B 735 25.77 39.63 27.62
C ASP B 735 25.95 38.34 26.84
N SER B 736 26.68 38.44 25.75
CA SER B 736 26.68 37.41 24.77
C SER B 736 27.66 37.75 23.66
N SER B 737 28.25 36.73 23.07
CA SER B 737 29.26 36.90 22.02
C SER B 737 28.86 36.29 20.66
N GLY B 738 27.70 35.64 20.56
CA GLY B 738 27.35 34.88 19.35
C GLY B 738 26.13 34.01 19.55
N LYS B 739 25.99 32.94 18.76
CA LYS B 739 24.88 32.00 18.92
C LYS B 739 24.90 31.26 20.28
N ASP B 740 26.09 30.90 20.75
CA ASP B 740 26.23 29.94 21.86
C ASP B 740 26.77 30.65 23.09
N LEU B 741 26.32 30.27 24.27
CA LEU B 741 26.58 31.06 25.49
C LEU B 741 27.57 30.38 26.43
N LYS B 742 28.59 31.11 26.83
CA LYS B 742 29.51 30.65 27.88
C LYS B 742 28.84 30.58 29.26
N ASP B 743 29.59 30.12 30.24
CA ASP B 743 29.11 29.81 31.59
C ASP B 743 28.31 30.92 32.29
N GLY B 744 28.90 32.10 32.44
CA GLY B 744 28.21 33.21 33.11
C GLY B 744 27.13 33.90 32.27
N GLU B 745 27.18 33.70 30.95
CA GLU B 745 26.47 34.56 29.98
C GLU B 745 24.95 34.37 29.96
N THR B 746 24.24 35.50 29.96
CA THR B 746 22.79 35.56 30.09
C THR B 746 22.04 35.84 28.78
N ASP B 747 22.73 36.48 27.84
CA ASP B 747 22.14 36.98 26.60
C ASP B 747 21.03 37.98 26.89
N LEU B 748 21.34 38.88 27.81
CA LEU B 748 20.42 39.94 28.18
C LEU B 748 20.91 41.21 27.46
N LEU B 749 20.00 41.89 26.79
CA LEU B 749 20.35 43.06 25.99
C LEU B 749 20.18 44.34 26.81
N THR B 750 21.15 45.23 26.72
CA THR B 750 21.10 46.52 27.43
C THR B 750 21.17 47.66 26.41
N SER B 751 20.11 48.47 26.35
CA SER B 751 19.98 49.58 25.42
C SER B 751 19.87 50.84 26.23
N VAL B 752 20.61 51.88 25.85
CA VAL B 752 20.71 53.14 26.63
C VAL B 752 20.59 54.34 25.73
N ARG B 753 19.86 55.36 26.19
CA ARG B 753 19.90 56.69 25.58
C ARG B 753 20.35 57.70 26.63
N PHE B 754 21.13 58.70 26.22
CA PHE B 754 21.86 59.53 27.17
C PHE B 754 21.19 60.86 27.60
N GLY B 755 20.35 61.47 26.77
CA GLY B 755 19.83 62.82 27.02
C GLY B 755 20.17 63.73 25.86
N LYS B 756 19.82 65.00 25.91
CA LYS B 756 19.66 65.76 24.66
C LYS B 756 20.92 65.95 23.80
N GLY B 757 21.97 66.45 24.41
CA GLY B 757 23.17 66.70 23.65
C GLY B 757 24.24 65.68 23.88
N ILE B 758 23.90 64.60 24.60
CA ILE B 758 24.89 63.61 24.99
C ILE B 758 24.91 62.47 23.97
N MET B 759 26.04 62.29 23.29
CA MET B 759 26.12 61.38 22.18
C MET B 759 26.91 60.12 22.49
N THR B 760 27.63 60.09 23.61
CA THR B 760 28.56 59.00 23.92
C THR B 760 28.52 58.65 25.40
N SER B 761 28.97 57.43 25.72
CA SER B 761 29.23 56.98 27.09
C SER B 761 30.05 57.98 27.89
N ASP B 762 31.15 58.46 27.30
CA ASP B 762 32.17 59.22 28.03
C ASP B 762 32.00 60.70 27.99
N GLN B 763 31.10 61.18 27.12
CA GLN B 763 30.75 62.58 27.12
C GLN B 763 30.07 62.93 28.44
N THR B 764 30.59 63.97 29.09
CA THR B 764 30.14 64.41 30.43
C THR B 764 29.21 65.63 30.35
N THR B 765 29.26 66.38 29.24
CA THR B 765 28.43 67.59 29.11
C THR B 765 28.25 68.06 27.66
N THR B 766 27.17 68.81 27.44
CA THR B 766 26.79 69.31 26.13
C THR B 766 27.79 70.36 25.61
N GLN B 767 27.87 70.50 24.28
CA GLN B 767 28.75 71.52 23.67
C GLN B 767 28.14 72.92 23.71
N ASP B 768 26.82 73.01 23.64
CA ASP B 768 26.10 74.28 23.81
C ASP B 768 25.80 74.62 25.29
N ASN B 769 26.33 73.86 26.25
CA ASN B 769 26.10 74.11 27.69
C ASN B 769 24.63 74.18 28.16
N SER B 770 23.74 73.52 27.44
CA SER B 770 22.35 73.34 27.87
C SER B 770 22.31 72.23 28.92
N GLN B 771 21.39 72.34 29.88
CA GLN B 771 21.30 71.37 31.00
C GLN B 771 20.24 70.27 30.84
N ASP B 772 19.51 70.27 29.73
CA ASP B 772 18.37 69.39 29.55
C ASP B 772 18.70 67.93 29.77
N TYR B 773 19.92 67.57 29.40
CA TYR B 773 20.36 66.18 29.45
C TYR B 773 20.31 65.51 30.82
N LYS B 774 20.55 66.27 31.88
CA LYS B 774 20.71 65.64 33.21
C LYS B 774 19.51 64.76 33.63
N ASN B 775 18.29 65.19 33.33
CA ASN B 775 17.10 64.41 33.70
C ASN B 775 16.46 63.66 32.56
N GLN B 776 17.24 63.47 31.52
CA GLN B 776 16.79 62.73 30.39
C GLN B 776 17.56 61.43 30.32
N GLY B 777 17.33 60.68 29.25
CA GLY B 777 17.99 59.41 29.02
C GLY B 777 17.15 58.30 29.59
N ILE B 778 17.44 57.07 29.18
CA ILE B 778 16.68 55.92 29.61
C ILE B 778 17.52 54.67 29.49
N GLY B 779 17.25 53.70 30.35
CA GLY B 779 17.92 52.40 30.30
C GLY B 779 16.92 51.26 30.10
N VAL B 780 17.23 50.37 29.17
CA VAL B 780 16.37 49.23 28.86
C VAL B 780 17.14 47.94 28.91
N ILE B 781 16.57 46.96 29.61
CA ILE B 781 17.11 45.63 29.70
C ILE B 781 16.04 44.64 29.28
N VAL B 782 16.37 43.73 28.36
CA VAL B 782 15.38 42.77 27.85
C VAL B 782 15.98 41.39 27.58
N GLY B 783 15.21 40.36 27.91
CA GLY B 783 15.63 38.97 27.72
C GLY B 783 14.56 38.21 26.98
N ASN B 784 14.99 37.12 26.33
CA ASN B 784 14.08 36.26 25.57
C ASN B 784 13.98 34.88 26.16
N ASN B 785 14.38 34.72 27.42
CA ASN B 785 14.48 33.42 28.05
C ASN B 785 13.68 33.45 29.35
N PRO B 786 12.48 32.84 29.36
CA PRO B 786 11.61 32.86 30.54
C PRO B 786 12.09 31.96 31.67
N ASP B 787 13.00 31.05 31.37
CA ASP B 787 13.57 30.18 32.38
C ASP B 787 14.95 30.69 32.79
N LEU B 788 15.21 32.00 32.64
CA LEU B 788 16.52 32.56 32.90
C LEU B 788 16.75 32.67 34.40
N LYS B 789 17.86 32.09 34.87
CA LYS B 789 18.30 32.22 36.27
C LYS B 789 19.76 32.66 36.29
N LEU B 790 20.09 33.72 37.01
CA LEU B 790 21.48 34.18 37.08
C LEU B 790 22.32 33.37 38.08
N ASN B 791 23.64 33.29 37.86
CA ASN B 791 24.55 32.76 38.90
C ASN B 791 24.63 33.79 40.02
N ASN B 792 24.92 33.36 41.25
CA ASN B 792 24.90 34.33 42.35
C ASN B 792 25.92 35.46 42.20
N ASP B 793 27.12 35.10 41.73
CA ASP B 793 28.21 36.05 41.46
C ASP B 793 27.89 37.07 40.35
N LYS B 794 27.07 36.68 39.36
CA LYS B 794 26.80 37.48 38.15
C LYS B 794 26.18 38.84 38.42
N THR B 795 26.66 39.85 37.70
CA THR B 795 26.10 41.20 37.77
C THR B 795 25.85 41.74 36.37
N ILE B 796 24.76 42.49 36.24
CA ILE B 796 24.37 43.05 34.94
C ILE B 796 24.35 44.57 35.05
N THR B 797 24.96 45.23 34.06
CA THR B 797 25.22 46.66 34.15
C THR B 797 24.62 47.47 33.01
N LEU B 798 23.97 48.57 33.39
CA LEU B 798 23.51 49.55 32.42
C LEU B 798 24.46 50.73 32.45
N HIS B 799 25.17 50.98 31.34
CA HIS B 799 26.12 52.10 31.32
C HIS B 799 25.35 53.35 30.89
N MET B 800 24.79 54.02 31.89
CA MET B 800 23.96 55.20 31.69
C MET B 800 24.77 56.40 31.23
N GLY B 801 26.08 56.33 31.40
CA GLY B 801 27.02 57.30 30.83
C GLY B 801 27.66 58.19 31.85
N LYS B 802 28.81 58.74 31.50
CA LYS B 802 29.57 59.63 32.38
C LYS B 802 28.94 61.04 32.50
N ALA B 803 27.86 61.30 31.76
CA ALA B 803 27.05 62.49 31.98
C ALA B 803 26.03 62.28 33.12
N HIS B 804 26.02 61.08 33.72
CA HIS B 804 25.06 60.74 34.79
C HIS B 804 25.73 60.04 35.96
N LYS B 805 26.86 60.59 36.39
CA LYS B 805 27.59 60.05 37.54
C LYS B 805 26.77 60.25 38.80
N ASN B 806 26.76 59.23 39.66
CA ASN B 806 26.21 59.30 41.03
C ASN B 806 24.73 59.65 41.11
N GLN B 807 24.05 59.52 39.99
CA GLN B 807 22.66 59.94 39.86
C GLN B 807 21.69 58.84 40.30
N LEU B 808 20.56 59.27 40.87
CA LEU B 808 19.49 58.36 41.27
C LEU B 808 18.57 58.11 40.10
N TYR B 809 18.34 56.82 39.84
CA TYR B 809 17.45 56.34 38.78
C TYR B 809 16.29 55.56 39.42
N ARG B 810 15.12 55.59 38.79
CA ARG B 810 13.94 54.83 39.26
C ARG B 810 13.28 54.05 38.12
N ALA B 811 12.68 52.91 38.47
CA ALA B 811 12.10 52.02 37.47
C ALA B 811 10.81 52.58 36.85
N LEU B 812 10.68 52.40 35.55
CA LEU B 812 9.46 52.70 34.84
C LEU B 812 8.63 51.44 34.71
N VAL B 813 9.33 50.33 34.50
CA VAL B 813 8.71 49.08 34.12
C VAL B 813 9.61 47.93 34.54
N LEU B 814 9.02 46.96 35.24
CA LEU B 814 9.73 45.78 35.75
C LEU B 814 8.87 44.52 35.67
N SER B 815 9.42 43.48 35.05
CA SER B 815 8.72 42.21 34.88
C SER B 815 8.80 41.36 36.12
N ASN B 816 7.84 40.47 36.25
CA ASN B 816 7.81 39.51 37.33
C ASN B 816 6.93 38.32 36.91
N ASP B 817 6.71 37.37 37.81
CA ASP B 817 6.14 36.08 37.42
C ASP B 817 4.64 36.10 37.15
N SER B 818 3.96 37.17 37.56
CA SER B 818 2.52 37.32 37.30
C SER B 818 2.19 38.42 36.27
N GLY B 819 3.10 39.37 36.04
CA GLY B 819 2.92 40.41 35.02
C GLY B 819 4.14 41.32 34.84
N ILE B 820 3.87 42.57 34.47
CA ILE B 820 4.87 43.60 34.42
C ILE B 820 4.30 44.80 35.17
N ASP B 821 4.97 45.22 36.23
CA ASP B 821 4.58 46.41 36.98
C ASP B 821 4.95 47.67 36.20
N VAL B 822 4.06 48.66 36.26
CA VAL B 822 4.26 49.95 35.62
C VAL B 822 4.28 51.03 36.69
N TYR B 823 5.30 51.88 36.70
CA TYR B 823 5.37 52.95 37.69
C TYR B 823 5.17 54.33 37.04
N ASP B 824 4.13 55.02 37.49
CA ASP B 824 3.66 56.24 36.83
C ASP B 824 4.42 57.51 37.23
N SER B 825 5.06 57.48 38.39
CA SER B 825 5.80 58.63 38.90
C SER B 825 6.94 58.19 39.85
N ASP B 826 7.86 59.10 40.14
CA ASP B 826 9.09 58.75 40.88
C ASP B 826 8.81 58.16 42.26
N ASP B 827 7.78 58.67 42.95
CA ASP B 827 7.50 58.25 44.33
C ASP B 827 7.05 56.78 44.46
N LYS B 828 6.29 56.28 43.49
CA LYS B 828 5.73 54.94 43.58
C LYS B 828 6.70 53.82 43.18
N ALA B 829 7.89 54.20 42.72
CA ALA B 829 8.83 53.25 42.15
C ALA B 829 10.07 53.06 42.99
N PRO B 830 10.70 51.89 42.86
CA PRO B 830 12.03 51.63 43.41
C PRO B 830 13.10 52.48 42.74
N THR B 831 14.02 52.99 43.55
CA THR B 831 15.18 53.73 43.05
C THR B 831 16.44 52.88 43.13
N LEU B 832 17.47 53.35 42.44
CA LEU B 832 18.79 52.78 42.48
C LEU B 832 19.72 53.83 41.89
N ARG B 833 20.91 53.96 42.46
CA ARG B 833 21.80 55.05 42.11
C ARG B 833 22.98 54.55 41.30
N THR B 834 23.43 55.38 40.36
CA THR B 834 24.56 55.04 39.53
C THR B 834 25.85 55.33 40.30
N ASN B 835 26.91 54.64 39.92
CA ASN B 835 28.20 54.82 40.55
C ASN B 835 28.93 56.05 39.99
N ASP B 836 30.19 56.18 40.34
CA ASP B 836 31.04 57.28 39.87
C ASP B 836 31.19 57.29 38.35
N ASN B 837 31.31 56.11 37.77
CA ASN B 837 31.40 55.94 36.33
C ASN B 837 30.07 56.03 35.57
N GLY B 838 28.97 56.05 36.32
CA GLY B 838 27.63 56.23 35.75
C GLY B 838 26.91 54.94 35.43
N ASP B 839 27.36 53.82 36.00
CA ASP B 839 26.75 52.52 35.72
C ASP B 839 25.81 52.04 36.82
N LEU B 840 24.60 51.66 36.44
CA LEU B 840 23.66 50.99 37.34
C LEU B 840 24.00 49.51 37.40
N ILE B 841 24.39 49.01 38.56
CA ILE B 841 24.76 47.60 38.69
C ILE B 841 23.58 46.78 39.22
N PHE B 842 23.37 45.62 38.61
CA PHE B 842 22.29 44.70 39.01
C PHE B 842 22.86 43.32 39.31
N HIS B 843 22.28 42.67 40.32
CA HIS B 843 22.71 41.33 40.73
C HIS B 843 21.54 40.35 40.59
N LYS B 844 21.82 39.08 40.83
CA LYS B 844 20.77 38.06 40.85
C LYS B 844 19.68 38.48 41.84
N THR B 845 20.12 38.93 43.00
CA THR B 845 19.23 39.39 44.04
C THR B 845 19.47 40.89 44.28
N ASN B 846 18.39 41.66 44.31
CA ASN B 846 18.50 43.10 44.48
C ASN B 846 17.62 43.58 45.61
N THR B 847 18.13 44.52 46.40
CA THR B 847 17.30 45.22 47.36
C THR B 847 17.30 46.72 46.99
N PHE B 848 16.18 47.18 46.41
CA PHE B 848 16.02 48.57 46.01
C PHE B 848 15.29 49.31 47.11
N VAL B 849 15.53 50.60 47.22
CA VAL B 849 14.75 51.42 48.16
C VAL B 849 13.89 52.40 47.40
N LYS B 850 12.65 52.60 47.84
CA LYS B 850 11.82 53.69 47.34
C LYS B 850 12.39 55.01 47.83
N GLN B 851 12.15 56.07 47.09
CA GLN B 851 12.79 57.34 47.43
C GLN B 851 12.35 57.80 48.80
N ASP B 852 11.08 57.58 49.13
CA ASP B 852 10.58 57.94 50.44
C ASP B 852 10.11 56.75 51.27
N GLY B 853 9.09 56.05 50.77
CA GLY B 853 8.39 54.96 51.47
C GLY B 853 9.11 53.77 52.13
N THR B 854 9.84 52.96 51.36
CA THR B 854 10.27 51.65 51.86
C THR B 854 11.32 50.90 51.03
N ILE B 855 11.80 49.79 51.59
CA ILE B 855 12.68 48.82 50.90
C ILE B 855 11.88 47.83 49.99
N ILE B 856 12.39 47.53 48.79
CA ILE B 856 11.79 46.55 47.84
C ILE B 856 12.79 45.44 47.42
N ASN B 857 12.32 44.18 47.35
CA ASN B 857 13.14 43.04 46.89
C ASN B 857 12.80 42.59 45.47
N TYR B 858 13.82 42.35 44.65
CA TYR B 858 13.60 42.05 43.23
C TYR B 858 14.69 41.15 42.65
N GLU B 859 14.27 40.07 42.00
CA GLU B 859 15.20 39.15 41.35
C GLU B 859 15.30 39.38 39.83
N MET B 860 16.52 39.47 39.31
CA MET B 860 16.76 39.37 37.87
C MET B 860 16.50 37.93 37.49
N LYS B 861 15.29 37.73 36.99
CA LYS B 861 14.70 36.42 36.82
C LYS B 861 13.92 36.49 35.52
N GLY B 862 14.12 35.52 34.64
CA GLY B 862 13.20 35.39 33.51
C GLY B 862 11.84 34.98 34.05
N SER B 863 10.77 35.50 33.46
CA SER B 863 9.41 35.19 33.90
C SER B 863 8.60 34.68 32.74
N LEU B 864 7.46 34.07 33.05
CA LEU B 864 6.56 33.57 32.01
C LEU B 864 5.12 33.85 32.41
N ASN B 865 4.44 34.68 31.60
CA ASN B 865 3.04 35.01 31.76
C ASN B 865 2.49 35.62 30.46
N ALA B 866 1.24 36.09 30.48
CA ALA B 866 0.63 36.66 29.28
C ALA B 866 1.38 37.85 28.68
N LEU B 867 2.05 38.66 29.52
CA LEU B 867 2.76 39.86 29.05
C LEU B 867 4.26 39.67 28.69
N ILE B 868 4.86 38.54 29.09
CA ILE B 868 6.26 38.31 28.79
C ILE B 868 6.68 36.82 28.81
N SER B 869 7.64 36.51 27.94
CA SER B 869 8.43 35.27 28.01
C SER B 869 9.90 35.68 27.93
N GLY B 870 10.44 36.09 29.08
CA GLY B 870 11.81 36.59 29.23
C GLY B 870 11.89 37.63 30.33
N TYR B 871 12.82 38.57 30.21
CA TYR B 871 12.94 39.68 31.17
C TYR B 871 12.67 41.03 30.51
N LEU B 872 12.19 41.98 31.31
CA LEU B 872 12.07 43.40 30.92
C LEU B 872 12.22 44.37 32.10
N GLY B 873 13.21 45.26 32.01
CA GLY B 873 13.41 46.31 33.00
C GLY B 873 13.73 47.63 32.30
N VAL B 874 13.02 48.68 32.68
CA VAL B 874 13.29 50.00 32.14
C VAL B 874 13.44 50.97 33.27
N TRP B 875 14.48 51.81 33.19
CA TRP B 875 14.87 52.73 34.26
C TRP B 875 15.07 54.13 33.75
N VAL B 876 14.61 55.10 34.54
CA VAL B 876 14.68 56.52 34.20
C VAL B 876 15.23 57.35 35.36
N PRO B 877 15.85 58.50 35.04
CA PRO B 877 16.34 59.35 36.11
C PRO B 877 15.17 59.96 36.89
N VAL B 878 15.28 59.93 38.22
CA VAL B 878 14.29 60.58 39.07
C VAL B 878 14.48 62.07 38.92
N GLY B 879 13.43 62.81 39.23
CA GLY B 879 13.48 64.27 39.20
C GLY B 879 13.06 64.87 37.87
N ALA B 880 12.34 64.10 37.07
CA ALA B 880 11.88 64.61 35.79
C ALA B 880 10.67 65.52 36.01
N SER B 881 10.73 66.71 35.44
CA SER B 881 9.59 67.64 35.41
C SER B 881 8.33 67.00 34.79
N ASP B 882 7.15 67.49 35.16
CA ASP B 882 5.89 66.97 34.59
C ASP B 882 5.63 67.36 33.16
N SER B 883 6.18 68.50 32.72
CA SER B 883 6.05 68.94 31.33
C SER B 883 7.36 68.73 30.56
N GLN B 884 8.28 67.94 31.12
CA GLN B 884 9.58 67.72 30.47
C GLN B 884 9.37 67.11 29.09
N ASP B 885 10.06 67.70 28.10
CA ASP B 885 9.95 67.33 26.71
C ASP B 885 11.35 67.27 26.10
N ALA B 886 11.77 66.06 25.71
CA ALA B 886 13.12 65.81 25.20
C ALA B 886 13.21 65.86 23.68
N ARG B 887 12.14 66.29 23.04
CA ARG B 887 12.10 66.30 21.59
C ARG B 887 12.82 67.48 20.99
N THR B 888 13.16 67.39 19.74
CA THR B 888 13.83 68.47 19.05
C THR B 888 12.85 68.98 18.02
N VAL B 889 12.70 70.29 17.98
CA VAL B 889 11.88 70.88 16.93
C VAL B 889 12.66 70.89 15.61
N ALA B 890 11.93 70.72 14.52
CA ALA B 890 12.52 70.77 13.20
C ALA B 890 12.86 72.21 12.77
N THR B 891 14.01 72.35 12.14
CA THR B 891 14.59 73.64 11.82
C THR B 891 14.16 74.15 10.45
N GLU B 892 13.87 75.44 10.38
CA GLU B 892 13.39 76.06 9.13
C GLU B 892 14.51 76.36 8.14
N SER B 893 15.76 76.23 8.59
CA SER B 893 16.94 76.57 7.79
C SER B 893 17.21 75.49 6.77
N SER B 894 17.81 75.86 5.65
CA SER B 894 18.26 74.88 4.69
C SER B 894 19.50 74.20 5.23
N SER B 895 19.26 73.23 6.10
CA SER B 895 20.27 72.30 6.66
C SER B 895 21.13 71.62 5.57
N SER B 896 20.50 71.25 4.45
CA SER B 896 21.15 70.46 3.42
C SER B 896 20.79 70.92 2.00
N ASN B 897 21.82 71.00 1.16
CA ASN B 897 21.66 71.18 -0.28
C ASN B 897 21.79 69.84 -1.04
N ASP B 898 21.81 68.70 -0.31
CA ASP B 898 21.95 67.34 -0.94
C ASP B 898 20.81 66.94 -1.88
N GLY B 899 19.72 67.70 -1.90
CA GLY B 899 18.56 67.41 -2.76
C GLY B 899 17.51 66.57 -2.06
N SER B 900 17.94 65.87 -1.00
CA SER B 900 17.10 64.95 -0.23
C SER B 900 16.00 65.69 0.53
N VAL B 901 14.91 64.96 0.79
CA VAL B 901 13.78 65.46 1.55
C VAL B 901 13.94 65.14 3.04
N PHE B 902 13.72 63.90 3.44
CA PHE B 902 13.88 63.52 4.86
C PHE B 902 15.36 63.29 5.26
N HIS B 903 15.64 63.59 6.54
CA HIS B 903 16.97 63.35 7.10
C HIS B 903 16.84 62.73 8.49
N SER B 904 17.55 61.64 8.74
CA SER B 904 17.47 61.00 10.04
C SER B 904 18.27 61.85 11.00
N ASN B 905 17.57 62.45 11.95
CA ASN B 905 18.19 63.26 12.98
C ASN B 905 17.26 63.32 14.18
N ALA B 906 17.66 64.08 15.21
CA ALA B 906 16.90 64.14 16.46
C ALA B 906 15.48 64.67 16.25
N ALA B 907 15.32 65.56 15.27
CA ALA B 907 14.02 66.15 14.98
C ALA B 907 13.12 65.11 14.38
N LEU B 908 13.59 64.43 13.35
CA LEU B 908 12.77 63.37 12.76
C LEU B 908 12.41 62.31 13.81
N ASP B 909 13.39 61.94 14.64
CA ASP B 909 13.23 60.90 15.66
C ASP B 909 12.21 61.27 16.73
N SER B 910 11.90 62.56 16.84
CA SER B 910 10.89 63.06 17.79
C SER B 910 9.46 62.73 17.40
N ASN B 911 9.28 62.20 16.19
CA ASN B 911 7.96 61.81 15.70
C ASN B 911 7.56 60.40 16.07
N VAL B 912 6.25 60.17 16.05
CA VAL B 912 5.69 58.86 16.24
C VAL B 912 4.43 58.75 15.40
N ILE B 913 4.36 57.69 14.60
CA ILE B 913 3.19 57.44 13.79
C ILE B 913 2.35 56.40 14.49
N TYR B 914 1.04 56.59 14.44
CA TYR B 914 0.09 55.62 14.97
C TYR B 914 -0.72 55.07 13.83
N GLU B 915 -0.58 53.78 13.58
CA GLU B 915 -1.38 53.11 12.59
C GLU B 915 -2.68 52.75 13.26
N GLY B 916 -3.69 53.59 13.06
CA GLY B 916 -4.87 53.58 13.93
C GLY B 916 -6.08 52.90 13.35
N PHE B 917 -5.90 51.63 12.96
CA PHE B 917 -7.02 50.81 12.51
C PHE B 917 -6.57 49.38 12.43
N SER B 918 -7.55 48.50 12.35
CA SER B 918 -7.32 47.08 12.20
C SER B 918 -8.23 46.59 11.09
N ASN B 919 -7.72 45.70 10.24
CA ASN B 919 -8.54 45.19 9.17
C ASN B 919 -9.73 44.37 9.64
N PHE B 920 -9.75 43.97 10.90
CA PHE B 920 -10.75 43.03 11.36
C PHE B 920 -11.72 43.67 12.33
N GLN B 921 -11.75 44.99 12.35
CA GLN B 921 -12.75 45.72 13.12
C GLN B 921 -14.10 45.26 12.64
N ALA B 922 -15.05 45.16 13.55
CA ALA B 922 -16.44 44.94 13.20
C ALA B 922 -17.00 46.20 12.53
N MET B 923 -18.13 46.04 11.85
CA MET B 923 -18.86 47.18 11.31
C MET B 923 -19.46 47.96 12.46
N PRO B 924 -19.50 49.30 12.37
CA PRO B 924 -20.10 50.07 13.45
C PRO B 924 -21.55 49.67 13.72
N THR B 925 -21.86 49.37 14.98
CA THR B 925 -23.22 49.07 15.38
C THR B 925 -24.08 50.33 15.33
N SER B 926 -23.47 51.50 15.53
CA SER B 926 -24.21 52.75 15.52
C SER B 926 -23.34 53.87 14.97
N PRO B 927 -23.98 54.92 14.41
CA PRO B 927 -23.18 56.00 13.80
C PRO B 927 -22.20 56.61 14.79
N GLU B 928 -22.54 56.56 16.07
CA GLU B 928 -21.76 57.23 17.11
C GLU B 928 -20.44 56.49 17.32
N GLN B 929 -20.41 55.18 17.06
CA GLN B 929 -19.20 54.39 17.31
C GLN B 929 -18.30 54.20 16.09
N SER B 930 -18.58 54.95 15.04
CA SER B 930 -17.76 54.87 13.86
C SER B 930 -16.38 55.38 14.17
N THR B 931 -15.38 54.69 13.65
CA THR B 931 -13.96 55.01 13.89
C THR B 931 -13.66 56.51 13.88
N ASN B 932 -14.03 57.21 12.82
CA ASN B 932 -13.66 58.63 12.69
C ASN B 932 -14.41 59.59 13.63
N VAL B 933 -15.59 59.19 14.10
CA VAL B 933 -16.29 59.94 15.14
C VAL B 933 -15.48 59.79 16.43
N VAL B 934 -15.13 58.54 16.74
CA VAL B 934 -14.38 58.26 17.94
C VAL B 934 -13.03 58.96 17.91
N ILE B 935 -12.35 58.97 16.77
CA ILE B 935 -11.05 59.62 16.69
C ILE B 935 -11.18 61.10 17.05
N ALA B 936 -12.25 61.76 16.59
CA ALA B 936 -12.48 63.17 16.94
C ALA B 936 -12.64 63.39 18.46
N THR B 937 -13.49 62.60 19.11
CA THR B 937 -13.66 62.77 20.57
C THR B 937 -12.36 62.44 21.34
N LYS B 938 -11.52 61.56 20.81
CA LYS B 938 -10.32 61.10 21.52
C LYS B 938 -8.97 61.69 21.05
N ALA B 939 -8.95 62.68 20.17
CA ALA B 939 -7.68 63.24 19.67
C ALA B 939 -6.69 63.59 20.80
N ASN B 940 -7.17 64.28 21.82
CA ASN B 940 -6.43 64.51 23.09
C ASN B 940 -5.50 63.35 23.52
N LEU B 941 -6.08 62.16 23.65
CA LEU B 941 -5.38 60.98 24.16
C LEU B 941 -4.11 60.65 23.37
N PHE B 942 -4.13 60.92 22.07
CA PHE B 942 -3.00 60.62 21.22
C PHE B 942 -1.94 61.72 21.24
N LYS B 943 -2.37 62.95 21.46
CA LYS B 943 -1.43 64.05 21.64
C LYS B 943 -0.51 63.71 22.81
N GLU B 944 -1.11 63.20 23.89
CA GLU B 944 -0.38 62.90 25.13
C GLU B 944 0.47 61.62 25.11
N LEU B 945 0.27 60.76 24.11
CA LEU B 945 1.16 59.62 23.83
C LEU B 945 2.30 59.99 22.87
N GLY B 946 2.28 61.22 22.36
CA GLY B 946 3.37 61.75 21.54
C GLY B 946 3.26 61.44 20.07
N ILE B 947 2.05 61.08 19.64
CA ILE B 947 1.80 60.82 18.22
C ILE B 947 1.88 62.16 17.52
N THR B 948 2.69 62.24 16.48
CA THR B 948 2.79 63.44 15.67
C THR B 948 2.09 63.27 14.34
N SER B 949 1.88 62.02 13.90
CA SER B 949 1.07 61.69 12.70
C SER B 949 0.18 60.45 12.88
N PHE B 950 -1.06 60.58 12.44
CA PHE B 950 -2.06 59.55 12.62
C PHE B 950 -2.28 58.90 11.27
N GLU B 951 -1.92 57.63 11.14
CA GLU B 951 -2.15 56.90 9.91
C GLU B 951 -3.56 56.35 10.00
N LEU B 952 -4.45 56.94 9.20
CA LEU B 952 -5.83 56.51 9.10
C LEU B 952 -5.96 55.43 8.04
N ALA B 953 -6.95 54.59 8.25
CA ALA B 953 -7.29 53.57 7.28
C ALA B 953 -7.58 54.23 5.93
N PRO B 954 -7.54 53.43 4.87
CA PRO B 954 -7.97 53.92 3.59
C PRO B 954 -9.47 54.16 3.64
N GLN B 955 -9.89 55.35 3.21
CA GLN B 955 -11.24 55.82 3.43
C GLN B 955 -12.20 55.53 2.27
N TYR B 956 -11.79 54.68 1.35
CA TYR B 956 -12.49 54.61 0.05
C TYR B 956 -13.63 53.64 0.22
N ARG B 957 -14.67 53.82 -0.58
CA ARG B 957 -15.87 53.01 -0.40
C ARG B 957 -15.64 51.57 -0.80
N SER B 958 -15.98 50.67 0.12
CA SER B 958 -15.71 49.24 -0.06
C SER B 958 -16.56 48.66 -1.15
N SER B 959 -15.94 47.76 -1.89
CA SER B 959 -16.59 47.06 -2.95
C SER B 959 -17.44 45.94 -2.35
N GLY B 960 -17.20 45.63 -1.08
CA GLY B 960 -18.15 44.85 -0.31
C GLY B 960 -18.33 43.43 -0.74
N ASP B 961 -19.59 43.00 -0.77
CA ASP B 961 -19.95 41.64 -1.20
C ASP B 961 -20.08 41.48 -2.73
N THR B 962 -19.95 42.57 -3.47
CA THR B 962 -20.06 42.51 -4.90
C THR B 962 -18.93 41.67 -5.45
N ASN B 963 -19.26 40.80 -6.39
CA ASN B 963 -18.29 39.87 -6.92
C ASN B 963 -18.75 39.41 -8.30
N TYR B 964 -18.13 39.96 -9.34
CA TYR B 964 -18.55 39.65 -10.72
C TYR B 964 -18.02 38.32 -11.19
N GLY B 965 -16.99 37.81 -10.56
CA GLY B 965 -16.56 36.43 -10.76
C GLY B 965 -15.26 36.25 -10.01
N GLY B 966 -14.79 35.01 -9.88
CA GLY B 966 -13.49 34.78 -9.28
C GLY B 966 -13.57 34.92 -7.79
N MET B 967 -12.43 34.82 -7.13
CA MET B 967 -12.45 34.76 -5.68
C MET B 967 -12.53 36.14 -5.09
N SER B 968 -13.42 36.28 -4.12
CA SER B 968 -13.47 37.47 -3.30
C SER B 968 -12.25 37.51 -2.38
N PHE B 969 -11.81 38.69 -1.98
CA PHE B 969 -10.70 38.82 -1.03
C PHE B 969 -11.21 39.43 0.27
N LEU B 970 -10.58 39.15 1.40
CA LEU B 970 -11.10 39.65 2.69
C LEU B 970 -11.19 41.18 2.80
N ASP B 971 -10.28 41.89 2.17
CA ASP B 971 -10.35 43.33 2.10
C ASP B 971 -11.73 43.79 1.67
N SER B 972 -12.34 43.04 0.76
CA SER B 972 -13.59 43.46 0.16
C SER B 972 -14.74 43.11 1.06
N PHE B 973 -14.79 41.87 1.54
CA PHE B 973 -15.96 41.48 2.32
C PHE B 973 -15.87 41.93 3.77
N LEU B 974 -14.68 42.35 4.22
CA LEU B 974 -14.55 42.99 5.52
C LEU B 974 -14.58 44.52 5.45
N ASN B 975 -14.80 45.08 4.26
CA ASN B 975 -14.99 46.52 4.08
C ASN B 975 -13.87 47.39 4.67
N ASN B 976 -12.65 46.89 4.60
CA ASN B 976 -11.60 47.59 5.27
C ASN B 976 -11.07 48.80 4.49
N GLY B 977 -11.48 48.97 3.23
CA GLY B 977 -11.12 50.17 2.49
C GLY B 977 -10.00 49.97 1.49
N TYR B 978 -9.27 48.88 1.59
CA TYR B 978 -8.28 48.53 0.57
C TYR B 978 -8.91 48.01 -0.74
N ALA B 979 -10.17 47.57 -0.66
CA ALA B 979 -10.87 47.08 -1.83
C ALA B 979 -12.04 47.96 -2.12
N PHE B 980 -11.98 48.66 -3.24
CA PHE B 980 -12.92 49.74 -3.51
C PHE B 980 -13.29 49.85 -4.97
N THR B 981 -14.49 50.37 -5.21
CA THR B 981 -15.03 50.58 -6.56
C THR B 981 -14.78 52.01 -7.03
N ASP B 982 -14.96 52.97 -6.12
CA ASP B 982 -14.82 54.39 -6.42
C ASP B 982 -13.71 55.03 -5.58
N ARG B 983 -12.68 55.57 -6.23
CA ARG B 983 -11.49 56.02 -5.48
C ARG B 983 -11.69 57.37 -4.79
N TYR B 984 -12.68 58.12 -5.26
CA TYR B 984 -12.93 59.46 -4.75
C TYR B 984 -14.10 59.52 -3.79
N ASP B 985 -14.83 58.41 -3.64
CA ASP B 985 -15.94 58.33 -2.68
C ASP B 985 -15.40 57.91 -1.34
N LEU B 986 -15.28 58.87 -0.43
CA LEU B 986 -14.74 58.59 0.91
C LEU B 986 -15.84 58.56 2.00
N GLY B 987 -17.09 58.35 1.58
CA GLY B 987 -18.21 58.25 2.50
C GLY B 987 -19.34 59.26 2.25
N PHE B 988 -19.45 59.71 1.00
CA PHE B 988 -20.50 60.66 0.65
C PHE B 988 -21.87 60.04 0.78
N ASN B 989 -22.87 60.87 0.97
CA ASN B 989 -24.25 60.44 0.98
C ASN B 989 -24.73 59.90 -0.37
N LYS B 990 -25.71 59.00 -0.28
CA LYS B 990 -26.46 58.56 -1.43
C LYS B 990 -26.99 59.77 -2.14
N ALA B 991 -27.33 59.60 -3.42
CA ALA B 991 -27.80 60.71 -4.21
C ALA B 991 -29.18 61.16 -3.77
N ASP B 992 -29.97 60.24 -3.18
CA ASP B 992 -31.28 60.59 -2.60
C ASP B 992 -31.16 61.41 -1.30
N GLY B 993 -29.95 61.62 -0.80
CA GLY B 993 -29.74 62.46 0.38
C GLY B 993 -29.38 61.70 1.63
N ASN B 994 -29.63 60.40 1.64
CA ASN B 994 -29.44 59.60 2.85
C ASN B 994 -27.98 59.35 3.12
N PRO B 995 -27.61 59.15 4.38
CA PRO B 995 -26.23 58.91 4.73
C PRO B 995 -25.76 57.60 4.14
N ASN B 996 -24.46 57.50 3.89
CA ASN B 996 -23.88 56.30 3.30
C ASN B 996 -22.43 56.15 3.73
N PRO B 997 -22.23 55.90 5.01
CA PRO B 997 -20.87 55.85 5.54
C PRO B 997 -20.05 54.68 5.00
N THR B 998 -18.74 54.84 4.96
CA THR B 998 -17.83 53.72 4.81
C THR B 998 -17.90 52.93 6.11
N LYS B 999 -16.93 52.07 6.34
CA LYS B 999 -16.83 51.36 7.63
C LYS B 999 -16.42 52.32 8.73
N TYR B 1000 -15.85 53.45 8.33
CA TYR B 1000 -15.25 54.39 9.24
C TYR B 1000 -16.10 55.65 9.45
N GLY B 1001 -17.16 55.80 8.66
CA GLY B 1001 -18.09 56.91 8.81
C GLY B 1001 -18.20 57.76 7.56
N THR B 1002 -19.01 58.82 7.65
CA THR B 1002 -19.28 59.67 6.50
C THR B 1002 -18.07 60.54 6.16
N ASP B 1003 -18.20 61.31 5.07
CA ASP B 1003 -17.15 62.24 4.68
C ASP B 1003 -17.03 63.38 5.68
N GLN B 1004 -18.14 63.80 6.26
CA GLN B 1004 -18.10 64.83 7.32
C GLN B 1004 -17.34 64.27 8.54
N ASP B 1005 -17.62 63.04 8.91
CA ASP B 1005 -16.93 62.43 10.03
C ASP B 1005 -15.42 62.42 9.82
N LEU B 1006 -15.01 62.24 8.56
CA LEU B 1006 -13.59 62.19 8.21
C LEU B 1006 -12.96 63.56 8.33
N ARG B 1007 -13.59 64.56 7.73
CA ARG B 1007 -13.09 65.93 7.84
C ARG B 1007 -13.04 66.39 9.30
N ASN B 1008 -14.00 65.96 10.12
CA ASN B 1008 -13.99 66.28 11.54
C ASN B 1008 -12.86 65.59 12.28
N ALA B 1009 -12.64 64.34 11.93
CA ALA B 1009 -11.55 63.59 12.52
C ALA B 1009 -10.20 64.20 12.16
N ILE B 1010 -10.05 64.66 10.91
CA ILE B 1010 -8.79 65.25 10.44
C ILE B 1010 -8.55 66.60 11.12
N GLU B 1011 -9.61 67.41 11.21
CA GLU B 1011 -9.53 68.70 11.90
C GLU B 1011 -9.18 68.52 13.36
N ALA B 1012 -9.88 67.60 14.03
CA ALA B 1012 -9.56 67.24 15.43
C ALA B 1012 -8.07 66.91 15.65
N LEU B 1013 -7.46 66.23 14.70
CA LEU B 1013 -6.06 65.89 14.82
C LEU B 1013 -5.17 67.12 14.66
N HIS B 1014 -5.57 68.06 13.81
CA HIS B 1014 -4.83 69.29 13.66
C HIS B 1014 -4.98 70.23 14.89
N LYS B 1015 -6.19 70.35 15.42
CA LYS B 1015 -6.42 70.99 16.71
C LYS B 1015 -5.48 70.45 17.79
N ASN B 1016 -5.12 69.17 17.71
CA ASN B 1016 -4.17 68.56 18.67
C ASN B 1016 -2.73 68.35 18.13
N GLY B 1017 -2.38 69.13 17.09
CA GLY B 1017 -1.02 69.23 16.55
C GLY B 1017 -0.50 67.99 15.87
N MET B 1018 -1.42 67.14 15.40
CA MET B 1018 -1.07 65.89 14.76
C MET B 1018 -1.44 65.98 13.30
N GLN B 1019 -0.68 65.25 12.48
CA GLN B 1019 -0.96 65.11 11.06
C GLN B 1019 -1.87 63.94 10.75
N ALA B 1020 -2.45 63.96 9.58
CA ALA B 1020 -3.31 62.87 9.12
C ALA B 1020 -2.76 62.28 7.82
N ILE B 1021 -2.58 60.95 7.81
CA ILE B 1021 -1.99 60.23 6.68
C ILE B 1021 -3.07 59.57 5.82
N ALA B 1022 -3.01 59.83 4.52
CA ALA B 1022 -3.90 59.23 3.55
C ALA B 1022 -3.23 57.98 3.00
N ASP B 1023 -3.98 56.87 2.96
CA ASP B 1023 -3.48 55.64 2.32
C ASP B 1023 -3.70 55.77 0.83
N TRP B 1024 -2.63 55.99 0.09
CA TRP B 1024 -2.67 56.10 -1.38
C TRP B 1024 -2.51 54.67 -1.99
N VAL B 1025 -3.56 54.22 -2.69
CA VAL B 1025 -3.71 52.81 -3.14
C VAL B 1025 -3.88 52.79 -4.66
N PRO B 1026 -2.75 52.95 -5.36
CA PRO B 1026 -2.81 53.10 -6.81
C PRO B 1026 -2.80 51.77 -7.57
N ASP B 1027 -2.52 50.64 -6.90
CA ASP B 1027 -2.28 49.38 -7.63
C ASP B 1027 -3.51 48.76 -8.27
N GLN B 1028 -4.64 48.77 -7.56
CA GLN B 1028 -5.84 48.14 -8.09
C GLN B 1028 -7.16 48.77 -7.69
N ILE B 1029 -8.22 48.26 -8.32
CA ILE B 1029 -9.57 48.70 -8.09
C ILE B 1029 -10.48 47.49 -8.27
N TYR B 1030 -11.56 47.38 -7.49
CA TYR B 1030 -12.39 46.16 -7.44
C TYR B 1030 -13.78 46.39 -8.05
N ALA B 1031 -14.42 45.31 -8.47
CA ALA B 1031 -15.84 45.26 -8.82
C ALA B 1031 -16.35 46.38 -9.71
N LEU B 1032 -15.84 46.45 -10.92
CA LEU B 1032 -16.28 47.41 -11.92
C LEU B 1032 -17.46 46.79 -12.67
N PRO B 1033 -18.57 47.53 -12.80
CA PRO B 1033 -19.82 46.91 -13.26
C PRO B 1033 -19.96 46.69 -14.75
N GLY B 1034 -19.07 47.23 -15.57
CA GLY B 1034 -19.25 47.15 -17.03
C GLY B 1034 -18.32 46.17 -17.66
N LYS B 1035 -18.83 45.38 -18.60
CA LYS B 1035 -18.05 44.31 -19.25
C LYS B 1035 -17.44 44.75 -20.56
N GLU B 1036 -16.27 44.21 -20.86
CA GLU B 1036 -15.60 44.46 -22.12
C GLU B 1036 -14.97 43.14 -22.50
N VAL B 1037 -14.63 43.01 -23.78
CA VAL B 1037 -13.94 41.82 -24.26
C VAL B 1037 -12.48 42.18 -24.40
N VAL B 1038 -11.63 41.55 -23.61
CA VAL B 1038 -10.19 41.73 -23.73
C VAL B 1038 -9.56 40.52 -24.42
N THR B 1039 -8.32 40.72 -24.86
CA THR B 1039 -7.48 39.61 -25.27
C THR B 1039 -6.51 39.31 -24.11
N ALA B 1040 -6.59 38.08 -23.60
CA ALA B 1040 -5.94 37.76 -22.37
C ALA B 1040 -5.02 36.53 -22.46
N THR B 1041 -3.91 36.59 -21.72
CA THR B 1041 -3.00 35.47 -21.53
C THR B 1041 -2.87 35.14 -20.03
N ARG B 1042 -2.89 33.87 -19.67
CA ARG B 1042 -2.69 33.48 -18.26
C ARG B 1042 -1.23 33.63 -17.79
N VAL B 1043 -1.05 34.29 -16.65
CA VAL B 1043 0.29 34.69 -16.20
C VAL B 1043 0.40 34.56 -14.70
N ASP B 1044 1.65 34.51 -14.23
CA ASP B 1044 1.98 34.53 -12.79
C ASP B 1044 2.05 35.98 -12.30
N GLU B 1045 2.37 36.17 -11.02
CA GLU B 1045 2.42 37.51 -10.44
C GLU B 1045 3.29 38.52 -11.17
N ARG B 1046 4.37 38.07 -11.80
CA ARG B 1046 5.26 38.95 -12.57
C ARG B 1046 4.83 39.16 -14.03
N GLY B 1047 3.67 38.64 -14.39
CA GLY B 1047 3.17 38.81 -15.76
C GLY B 1047 3.88 37.94 -16.79
N ASN B 1048 4.48 36.84 -16.33
CA ASN B 1048 5.09 35.89 -17.24
C ASN B 1048 4.14 34.75 -17.51
N GLN B 1049 4.00 34.38 -18.78
CA GLN B 1049 3.05 33.37 -19.17
C GLN B 1049 3.36 32.10 -18.42
N LEU B 1050 2.34 31.42 -17.88
CA LEU B 1050 2.56 30.12 -17.21
C LEU B 1050 3.17 29.16 -18.22
N LYS B 1051 4.04 28.23 -17.81
CA LYS B 1051 4.83 27.48 -18.81
C LYS B 1051 4.00 26.53 -19.66
N ASP B 1052 3.07 25.82 -19.03
CA ASP B 1052 2.28 24.81 -19.72
C ASP B 1052 0.80 25.22 -19.77
N THR B 1053 0.50 26.35 -20.41
CA THR B 1053 -0.90 26.83 -20.51
C THR B 1053 -1.32 27.02 -21.96
N ASP B 1054 -2.55 26.61 -22.24
CA ASP B 1054 -3.14 26.87 -23.53
C ASP B 1054 -3.86 28.21 -23.54
N PHE B 1055 -3.98 28.87 -22.40
CA PHE B 1055 -4.72 30.13 -22.35
C PHE B 1055 -3.78 31.25 -22.79
N VAL B 1056 -3.74 31.50 -24.09
CA VAL B 1056 -2.80 32.46 -24.67
C VAL B 1056 -3.52 33.26 -25.73
N ASN B 1057 -3.39 34.57 -25.68
CA ASN B 1057 -4.13 35.47 -26.56
C ASN B 1057 -5.58 35.08 -26.83
N LEU B 1058 -6.33 34.61 -25.84
CA LEU B 1058 -7.76 34.30 -26.03
C LEU B 1058 -8.68 35.46 -25.65
N LEU B 1059 -9.85 35.51 -26.28
CA LEU B 1059 -10.83 36.52 -25.98
C LEU B 1059 -11.56 36.11 -24.73
N TYR B 1060 -11.75 37.11 -23.88
CA TYR B 1060 -12.30 36.93 -22.55
C TYR B 1060 -13.19 38.12 -22.22
N VAL B 1061 -14.27 37.83 -21.50
CA VAL B 1061 -15.12 38.88 -20.98
C VAL B 1061 -14.65 39.23 -19.58
N ALA B 1062 -14.20 40.46 -19.42
CA ALA B 1062 -13.70 40.95 -18.13
C ALA B 1062 -14.62 42.05 -17.61
N ASN B 1063 -14.60 42.30 -16.30
CA ASN B 1063 -15.30 43.45 -15.74
C ASN B 1063 -14.31 44.57 -15.46
N THR B 1064 -14.22 45.48 -16.42
CA THR B 1064 -13.16 46.49 -16.45
C THR B 1064 -13.68 47.92 -16.54
N LYS B 1065 -14.98 48.11 -16.70
CA LYS B 1065 -15.50 49.41 -17.02
C LYS B 1065 -16.27 49.97 -15.81
N SER B 1066 -15.89 51.18 -15.41
CA SER B 1066 -16.50 51.92 -14.32
C SER B 1066 -17.89 52.42 -14.73
N SER B 1067 -18.73 52.76 -13.75
CA SER B 1067 -20.10 53.23 -14.04
C SER B 1067 -20.15 54.50 -14.88
N GLY B 1068 -19.13 55.35 -14.79
CA GLY B 1068 -19.11 56.64 -15.52
C GLY B 1068 -20.04 57.71 -14.95
N VAL B 1069 -20.69 57.41 -13.83
CA VAL B 1069 -21.60 58.30 -13.15
C VAL B 1069 -21.27 58.38 -11.62
N ASP B 1070 -20.08 57.94 -11.25
CA ASP B 1070 -19.62 57.85 -9.86
C ASP B 1070 -18.70 59.04 -9.54
N TYR B 1071 -18.05 59.03 -8.40
CA TYR B 1071 -17.22 60.17 -8.05
C TYR B 1071 -15.91 60.23 -8.83
N GLN B 1072 -15.49 59.10 -9.36
CA GLN B 1072 -14.41 59.09 -10.32
C GLN B 1072 -14.76 59.89 -11.58
N ALA B 1073 -16.04 59.89 -11.93
CA ALA B 1073 -16.50 60.69 -13.07
C ALA B 1073 -16.57 62.17 -12.73
N LYS B 1074 -17.03 62.50 -11.53
CA LYS B 1074 -17.07 63.88 -11.10
C LYS B 1074 -15.67 64.48 -10.99
N TYR B 1075 -14.83 63.89 -10.16
CA TYR B 1075 -13.51 64.48 -9.85
C TYR B 1075 -12.34 64.01 -10.73
N GLY B 1076 -12.56 63.06 -11.63
CA GLY B 1076 -11.47 62.54 -12.46
C GLY B 1076 -10.79 63.65 -13.25
N GLY B 1077 -9.47 63.71 -13.14
CA GLY B 1077 -8.65 64.72 -13.86
C GLY B 1077 -8.93 66.20 -13.70
N GLU B 1078 -9.82 66.56 -12.79
CA GLU B 1078 -10.32 67.94 -12.69
C GLU B 1078 -9.27 68.93 -12.27
N PHE B 1079 -8.36 68.50 -11.42
CA PHE B 1079 -7.41 69.39 -10.79
C PHE B 1079 -6.11 69.55 -11.58
N LEU B 1080 -5.97 68.79 -12.65
CA LEU B 1080 -4.73 68.78 -13.40
C LEU B 1080 -4.49 70.06 -14.17
N ASP B 1081 -5.53 70.65 -14.76
CA ASP B 1081 -5.32 71.86 -15.56
C ASP B 1081 -4.83 73.00 -14.67
N LYS B 1082 -5.47 73.16 -13.53
CA LYS B 1082 -5.01 74.07 -12.50
C LYS B 1082 -3.56 73.83 -12.16
N LEU B 1083 -3.20 72.57 -11.96
CA LEU B 1083 -1.85 72.18 -11.56
C LEU B 1083 -0.80 72.40 -12.64
N ARG B 1084 -1.16 72.18 -13.90
CA ARG B 1084 -0.21 72.35 -15.00
C ARG B 1084 0.12 73.82 -15.15
N GLU B 1085 -0.91 74.66 -15.03
CA GLU B 1085 -0.75 76.11 -15.06
C GLU B 1085 0.18 76.58 -13.95
N GLU B 1086 -0.04 76.11 -12.74
CA GLU B 1086 0.73 76.57 -11.56
C GLU B 1086 2.11 75.97 -11.41
N TYR B 1087 2.32 74.74 -11.86
CA TYR B 1087 3.62 74.09 -11.70
C TYR B 1087 4.00 73.35 -12.97
N PRO B 1088 4.24 74.08 -14.06
CA PRO B 1088 4.48 73.45 -15.38
C PRO B 1088 5.44 72.25 -15.38
N SER B 1089 6.50 72.32 -14.57
CA SER B 1089 7.59 71.35 -14.66
C SER B 1089 7.16 69.95 -14.27
N LEU B 1090 6.18 69.84 -13.36
CA LEU B 1090 5.62 68.53 -13.00
C LEU B 1090 5.15 67.80 -14.24
N PHE B 1091 4.62 68.55 -15.21
CA PHE B 1091 4.06 67.98 -16.44
C PHE B 1091 5.05 67.93 -17.61
N LYS B 1092 6.22 68.55 -17.43
CA LYS B 1092 7.31 68.51 -18.41
C LYS B 1092 8.46 67.54 -18.07
N GLN B 1093 8.58 67.21 -16.79
CA GLN B 1093 9.64 66.33 -16.29
C GLN B 1093 9.45 64.90 -16.78
N ASN B 1094 10.49 64.29 -17.35
CA ASN B 1094 10.39 62.87 -17.77
C ASN B 1094 10.47 61.90 -16.61
N GLN B 1095 9.67 60.83 -16.73
CA GLN B 1095 9.70 59.71 -15.80
C GLN B 1095 10.66 58.66 -16.31
N VAL B 1096 11.24 57.87 -15.40
CA VAL B 1096 12.34 57.00 -15.75
C VAL B 1096 11.90 55.79 -16.55
N SER B 1097 10.85 55.11 -16.08
CA SER B 1097 10.38 53.90 -16.72
C SER B 1097 9.83 54.09 -18.14
N THR B 1098 9.26 55.26 -18.44
CA THR B 1098 8.61 55.50 -19.73
C THR B 1098 9.43 56.36 -20.66
N GLY B 1099 10.40 57.10 -20.12
CA GLY B 1099 11.10 58.11 -20.91
C GLY B 1099 10.25 59.34 -21.21
N GLN B 1100 9.02 59.36 -20.69
CA GLN B 1100 8.03 60.34 -21.08
C GLN B 1100 7.60 61.11 -19.86
N PRO B 1101 7.05 62.31 -20.06
CA PRO B 1101 6.41 62.97 -18.96
C PRO B 1101 4.96 62.49 -18.82
N ILE B 1102 4.39 62.70 -17.64
CA ILE B 1102 2.98 62.40 -17.40
C ILE B 1102 2.11 63.20 -18.37
N ASP B 1103 0.96 62.64 -18.70
CA ASP B 1103 0.11 63.17 -19.78
C ASP B 1103 -1.28 63.51 -19.26
N ALA B 1104 -1.51 64.80 -19.02
CA ALA B 1104 -2.81 65.31 -18.61
C ALA B 1104 -3.71 65.73 -19.79
N SER B 1105 -3.29 65.44 -21.03
CA SER B 1105 -4.07 65.83 -22.22
C SER B 1105 -5.34 64.97 -22.32
N THR B 1106 -5.36 63.86 -21.58
CA THR B 1106 -6.55 63.01 -21.47
C THR B 1106 -6.92 62.77 -19.98
N LYS B 1107 -8.20 62.94 -19.67
CA LYS B 1107 -8.69 62.79 -18.30
C LYS B 1107 -9.43 61.48 -18.16
N ILE B 1108 -9.32 60.85 -17.00
CA ILE B 1108 -9.97 59.56 -16.77
C ILE B 1108 -11.21 59.76 -15.91
N LYS B 1109 -12.37 59.90 -16.52
CA LYS B 1109 -13.64 59.94 -15.77
C LYS B 1109 -14.25 58.55 -15.67
N GLN B 1110 -13.80 57.65 -16.54
CA GLN B 1110 -14.30 56.27 -16.53
C GLN B 1110 -13.17 55.25 -16.75
N TRP B 1111 -13.07 54.26 -15.87
CA TRP B 1111 -12.07 53.25 -16.06
C TRP B 1111 -12.54 52.27 -17.13
N SER B 1112 -11.59 51.69 -17.83
CA SER B 1112 -11.88 50.66 -18.78
C SER B 1112 -10.58 49.89 -19.00
N ALA B 1113 -10.72 48.76 -19.67
CA ALA B 1113 -9.65 47.82 -19.78
C ALA B 1113 -8.37 48.42 -20.35
N LYS B 1114 -8.48 49.42 -21.22
CA LYS B 1114 -7.27 49.95 -21.86
C LYS B 1114 -6.27 50.55 -20.86
N TYR B 1115 -6.77 50.86 -19.67
CA TYR B 1115 -5.93 51.39 -18.62
C TYR B 1115 -5.50 50.32 -17.60
N MET B 1116 -5.77 49.05 -17.88
CA MET B 1116 -5.47 47.96 -16.95
C MET B 1116 -4.42 47.03 -17.51
N ASN B 1117 -3.61 46.47 -16.62
CA ASN B 1117 -2.65 45.43 -16.99
C ASN B 1117 -3.28 44.05 -17.04
N GLY B 1118 -4.30 43.83 -16.22
CA GLY B 1118 -4.99 42.56 -16.17
C GLY B 1118 -6.00 42.45 -15.07
N THR B 1119 -6.27 41.21 -14.70
CA THR B 1119 -7.24 40.91 -13.68
C THR B 1119 -6.98 39.55 -13.13
N ASN B 1120 -7.45 39.34 -11.92
CA ASN B 1120 -7.54 38.02 -11.39
C ASN B 1120 -8.54 37.21 -12.24
N ILE B 1121 -8.31 35.91 -12.34
CA ILE B 1121 -9.18 35.08 -13.13
C ILE B 1121 -10.59 35.15 -12.58
N LEU B 1122 -11.55 35.22 -13.52
CA LEU B 1122 -12.97 35.47 -13.19
C LEU B 1122 -13.83 34.24 -13.29
N HIS B 1123 -13.22 33.09 -13.54
CA HIS B 1123 -13.92 31.79 -13.53
C HIS B 1123 -14.96 31.68 -14.62
N ARG B 1124 -14.70 32.31 -15.75
CA ARG B 1124 -15.69 32.35 -16.82
C ARG B 1124 -15.41 31.35 -17.91
N GLY B 1125 -14.12 31.03 -18.12
CA GLY B 1125 -13.71 30.01 -19.06
C GLY B 1125 -12.90 30.57 -20.21
N ALA B 1126 -12.10 29.71 -20.83
CA ALA B 1126 -11.28 30.11 -21.97
C ALA B 1126 -12.13 30.40 -23.24
N TYR B 1127 -13.30 29.77 -23.34
CA TYR B 1127 -14.15 29.91 -24.53
C TYR B 1127 -15.57 30.25 -24.14
N TYR B 1128 -15.71 31.16 -23.18
CA TYR B 1128 -17.00 31.77 -22.83
C TYR B 1128 -17.43 32.72 -23.94
N VAL B 1129 -16.44 33.34 -24.59
CA VAL B 1129 -16.65 34.09 -25.81
C VAL B 1129 -16.73 33.05 -26.91
N LEU B 1130 -17.86 33.00 -27.61
CA LEU B 1130 -18.15 31.89 -28.53
C LEU B 1130 -17.44 32.03 -29.85
N LYS B 1131 -17.02 30.86 -30.31
CA LYS B 1131 -16.07 30.69 -31.37
C LYS B 1131 -16.49 29.45 -32.21
N ASP B 1132 -16.22 29.44 -33.50
CA ASP B 1132 -16.49 28.25 -34.33
C ASP B 1132 -15.24 27.42 -34.39
N TRP B 1133 -15.31 26.14 -34.03
CA TRP B 1133 -14.09 25.32 -33.95
C TRP B 1133 -13.46 25.10 -35.31
N ALA B 1134 -14.29 25.08 -36.35
CA ALA B 1134 -13.83 24.73 -37.67
C ALA B 1134 -12.90 25.77 -38.31
N THR B 1135 -13.30 27.05 -38.27
CA THR B 1135 -12.52 28.14 -38.85
C THR B 1135 -11.74 28.89 -37.81
N ASN B 1136 -12.14 28.70 -36.55
CA ASN B 1136 -11.59 29.38 -35.41
C ASN B 1136 -11.88 30.86 -35.32
N GLN B 1137 -12.87 31.32 -36.08
CA GLN B 1137 -13.31 32.70 -35.99
C GLN B 1137 -14.32 32.86 -34.88
N TYR B 1138 -14.29 34.00 -34.19
CA TYR B 1138 -15.24 34.27 -33.10
C TYR B 1138 -16.47 34.89 -33.73
N PHE B 1139 -17.65 34.54 -33.24
CA PHE B 1139 -18.88 35.12 -33.77
C PHE B 1139 -18.92 36.59 -33.37
N ASN B 1140 -19.50 37.39 -34.25
CA ASN B 1140 -19.62 38.83 -34.07
C ASN B 1140 -20.74 39.45 -34.91
N ILE B 1141 -21.35 40.50 -34.38
CA ILE B 1141 -22.52 41.14 -34.98
C ILE B 1141 -22.48 42.69 -34.91
N ALA B 1142 -21.29 43.25 -34.72
CA ALA B 1142 -21.15 44.67 -34.43
C ALA B 1142 -21.51 45.52 -35.64
N LYS B 1143 -20.97 45.13 -36.78
CA LYS B 1143 -21.20 45.84 -38.02
C LYS B 1143 -21.76 44.87 -39.06
N THR B 1144 -22.88 45.21 -39.71
CA THR B 1144 -23.48 44.36 -40.77
C THR B 1144 -22.55 43.96 -41.94
N ASN B 1145 -21.48 44.73 -42.20
CA ASN B 1145 -20.47 44.35 -43.22
C ASN B 1145 -19.53 43.17 -42.87
N GLU B 1146 -19.47 42.81 -41.58
CA GLU B 1146 -18.55 41.80 -41.10
C GLU B 1146 -19.25 40.96 -40.04
N VAL B 1147 -20.45 40.48 -40.36
CA VAL B 1147 -21.16 39.57 -39.47
C VAL B 1147 -20.58 38.16 -39.57
N PHE B 1148 -20.53 37.44 -38.44
CA PHE B 1148 -20.22 36.01 -38.46
C PHE B 1148 -21.08 35.32 -37.45
N LEU B 1149 -21.99 34.48 -37.92
CA LEU B 1149 -22.87 33.69 -37.07
C LEU B 1149 -23.00 32.25 -37.55
N PRO B 1150 -23.50 31.36 -36.70
CA PRO B 1150 -23.78 30.02 -37.20
C PRO B 1150 -24.81 30.11 -38.27
N LEU B 1151 -24.75 29.22 -39.25
CA LEU B 1151 -25.63 29.34 -40.40
C LEU B 1151 -27.11 29.06 -40.06
N GLN B 1152 -27.40 28.19 -39.08
CA GLN B 1152 -28.78 27.99 -38.55
C GLN B 1152 -29.48 29.30 -38.21
N LEU B 1153 -28.72 30.21 -37.60
CA LEU B 1153 -29.28 31.42 -37.06
C LEU B 1153 -29.55 32.43 -38.17
N GLN B 1154 -28.93 32.23 -39.34
CA GLN B 1154 -29.24 33.06 -40.50
C GLN B 1154 -30.20 32.37 -41.48
N ASN B 1155 -30.90 31.34 -40.99
CA ASN B 1155 -31.75 30.51 -41.83
C ASN B 1155 -31.07 30.06 -43.12
N LYS B 1156 -29.87 29.52 -42.99
CA LYS B 1156 -29.19 28.84 -44.06
C LYS B 1156 -28.98 27.43 -43.58
N ASP B 1157 -28.58 26.53 -44.47
CA ASP B 1157 -28.43 25.13 -44.13
C ASP B 1157 -27.06 24.86 -43.52
N ALA B 1158 -27.06 24.28 -42.32
CA ALA B 1158 -25.81 23.93 -41.64
C ALA B 1158 -25.59 22.43 -41.73
N GLN B 1159 -24.59 22.02 -42.49
CA GLN B 1159 -24.29 20.60 -42.54
C GLN B 1159 -23.15 20.34 -41.61
N THR B 1160 -23.18 19.19 -40.95
CA THR B 1160 -22.19 18.90 -39.95
C THR B 1160 -21.81 17.44 -39.97
N GLY B 1161 -20.51 17.17 -39.86
CA GLY B 1161 -20.02 15.81 -39.80
C GLY B 1161 -18.79 15.59 -40.65
N PHE B 1162 -18.33 14.34 -40.66
CA PHE B 1162 -17.19 13.94 -41.44
C PHE B 1162 -17.66 13.38 -42.76
N ILE B 1163 -16.98 13.70 -43.84
CA ILE B 1163 -17.35 13.18 -45.14
C ILE B 1163 -16.10 12.85 -45.93
N SER B 1164 -16.01 11.61 -46.42
CA SER B 1164 -14.92 11.22 -47.30
C SER B 1164 -15.18 11.61 -48.75
N ASP B 1165 -14.11 11.98 -49.44
CA ASP B 1165 -14.13 12.12 -50.91
C ASP B 1165 -12.87 11.47 -51.47
N ALA B 1166 -12.69 11.55 -52.77
CA ALA B 1166 -11.56 10.86 -53.38
C ALA B 1166 -10.24 11.31 -52.83
N SER B 1167 -10.13 12.59 -52.53
CA SER B 1167 -8.89 13.17 -51.99
C SER B 1167 -8.65 12.90 -50.52
N GLY B 1168 -9.69 12.87 -49.71
CA GLY B 1168 -9.53 12.61 -48.27
C GLY B 1168 -10.78 12.94 -47.47
N VAL B 1169 -10.62 13.14 -46.16
CA VAL B 1169 -11.76 13.34 -45.28
C VAL B 1169 -11.90 14.81 -44.88
N LYS B 1170 -13.13 15.29 -44.85
CA LYS B 1170 -13.43 16.68 -44.55
C LYS B 1170 -14.38 16.68 -43.41
N TYR B 1171 -14.51 17.84 -42.75
CA TYR B 1171 -15.34 17.91 -41.57
C TYR B 1171 -16.05 19.23 -41.54
N TYR B 1172 -17.33 19.20 -41.16
CA TYR B 1172 -18.14 20.39 -41.03
C TYR B 1172 -18.64 20.53 -39.58
N SER B 1173 -18.46 21.72 -38.99
CA SER B 1173 -18.84 21.96 -37.58
C SER B 1173 -20.35 22.06 -37.44
N ILE B 1174 -20.84 22.10 -36.21
CA ILE B 1174 -22.28 22.27 -35.98
C ILE B 1174 -22.84 23.53 -36.62
N SER B 1175 -22.01 24.54 -36.77
CA SER B 1175 -22.47 25.80 -37.35
C SER B 1175 -22.43 25.78 -38.87
N GLY B 1176 -21.92 24.70 -39.45
CA GLY B 1176 -21.97 24.49 -40.89
C GLY B 1176 -20.77 24.99 -41.66
N TYR B 1177 -19.63 25.15 -40.99
CA TYR B 1177 -18.41 25.57 -41.68
C TYR B 1177 -17.39 24.44 -41.82
N GLN B 1178 -16.62 24.47 -42.91
CA GLN B 1178 -15.60 23.46 -43.13
C GLN B 1178 -14.43 23.71 -42.23
N ALA B 1179 -13.90 22.64 -41.64
CA ALA B 1179 -12.69 22.72 -40.81
C ALA B 1179 -11.46 22.85 -41.68
N LYS B 1180 -10.71 23.91 -41.43
CA LYS B 1180 -9.43 24.15 -42.08
C LYS B 1180 -8.45 24.72 -41.07
N ASP B 1181 -7.26 24.12 -41.03
CA ASP B 1181 -6.17 24.58 -40.21
C ASP B 1181 -6.66 24.61 -38.76
N THR B 1182 -7.12 23.46 -38.31
CA THR B 1182 -7.66 23.35 -36.97
C THR B 1182 -7.73 21.91 -36.48
N PHE B 1183 -7.72 21.73 -35.18
CA PHE B 1183 -7.82 20.42 -34.60
C PHE B 1183 -9.26 20.18 -34.27
N ILE B 1184 -9.72 18.96 -34.35
CA ILE B 1184 -11.13 18.66 -34.18
C ILE B 1184 -11.24 17.33 -33.47
N GLU B 1185 -12.20 17.26 -32.57
CA GLU B 1185 -12.41 16.09 -31.74
C GLU B 1185 -13.71 15.49 -32.11
N ASP B 1186 -13.72 14.19 -32.33
CA ASP B 1186 -14.98 13.55 -32.69
C ASP B 1186 -15.76 13.19 -31.44
N GLY B 1187 -16.95 12.66 -31.63
CA GLY B 1187 -17.83 12.33 -30.53
C GLY B 1187 -17.35 11.18 -29.70
N ASN B 1188 -16.44 10.35 -30.20
CA ASN B 1188 -15.84 9.31 -29.37
C ASN B 1188 -14.57 9.73 -28.63
N GLY B 1189 -14.13 10.95 -28.82
CA GLY B 1189 -12.95 11.42 -28.12
C GLY B 1189 -11.65 11.40 -28.92
N ASN B 1190 -11.68 10.91 -30.14
CA ASN B 1190 -10.48 10.95 -30.98
C ASN B 1190 -10.23 12.34 -31.54
N TRP B 1191 -8.95 12.68 -31.70
CA TRP B 1191 -8.54 14.01 -32.22
C TRP B 1191 -7.92 13.90 -33.61
N TYR B 1192 -8.20 14.92 -34.41
CA TYR B 1192 -7.74 14.97 -35.80
C TYR B 1192 -7.22 16.37 -36.10
N TYR B 1193 -6.39 16.49 -37.12
CA TYR B 1193 -5.96 17.79 -37.59
C TYR B 1193 -6.35 17.94 -39.05
N PHE B 1194 -6.98 19.06 -39.38
CA PHE B 1194 -7.35 19.38 -40.75
C PHE B 1194 -6.42 20.47 -41.26
N ASP B 1195 -5.81 20.20 -42.42
CA ASP B 1195 -4.76 21.07 -42.96
C ASP B 1195 -5.36 22.29 -43.58
N LYS B 1196 -4.52 23.16 -44.12
CA LYS B 1196 -4.99 24.40 -44.69
C LYS B 1196 -6.01 24.11 -45.82
N ASP B 1197 -5.79 23.04 -46.59
CA ASP B 1197 -6.70 22.65 -47.69
C ASP B 1197 -8.05 22.06 -47.28
N GLY B 1198 -8.24 21.77 -46.00
CA GLY B 1198 -9.52 21.29 -45.49
C GLY B 1198 -9.63 19.80 -45.32
N TYR B 1199 -8.48 19.14 -45.40
CA TYR B 1199 -8.42 17.68 -45.37
C TYR B 1199 -7.67 17.15 -44.14
N MET B 1200 -8.30 16.16 -43.50
CA MET B 1200 -7.71 15.42 -42.39
C MET B 1200 -6.32 14.94 -42.76
N VAL B 1201 -5.37 15.07 -41.84
CA VAL B 1201 -4.03 14.54 -42.08
C VAL B 1201 -4.03 13.06 -41.68
N ARG B 1202 -3.44 12.23 -42.52
CA ARG B 1202 -3.37 10.81 -42.24
C ARG B 1202 -2.10 10.18 -42.79
N SER B 1203 -1.62 9.13 -42.16
CA SER B 1203 -0.41 8.50 -42.63
C SER B 1203 -0.70 7.57 -43.78
N GLN B 1204 0.25 7.52 -44.73
CA GLN B 1204 0.20 6.59 -45.85
C GLN B 1204 1.14 5.45 -45.53
N GLN B 1205 1.05 4.33 -46.26
CA GLN B 1205 1.98 3.21 -46.06
C GLN B 1205 3.39 3.63 -46.52
N GLY B 1206 4.40 3.16 -45.79
CA GLY B 1206 5.80 3.36 -46.16
C GLY B 1206 6.30 4.76 -45.93
N GLU B 1207 5.46 5.62 -45.36
CA GLU B 1207 5.76 7.02 -45.13
C GLU B 1207 5.76 7.37 -43.64
N ASN B 1208 6.45 8.46 -43.28
CA ASN B 1208 6.55 8.90 -41.90
C ASN B 1208 5.21 9.46 -41.40
N PRO B 1209 4.63 8.84 -40.37
CA PRO B 1209 3.38 9.30 -39.79
C PRO B 1209 3.48 10.58 -38.98
N ILE B 1210 4.70 10.98 -38.61
CA ILE B 1210 4.91 12.17 -37.81
C ILE B 1210 4.80 13.41 -38.68
N ARG B 1211 3.95 14.34 -38.27
CA ARG B 1211 3.82 15.57 -38.99
C ARG B 1211 4.01 16.78 -38.09
N THR B 1212 4.72 17.79 -38.64
CA THR B 1212 4.86 19.11 -38.03
C THR B 1212 3.65 19.97 -38.33
N VAL B 1213 3.01 20.50 -37.30
CA VAL B 1213 1.81 21.30 -37.43
C VAL B 1213 2.09 22.73 -36.98
N GLU B 1214 1.72 23.70 -37.83
CA GLU B 1214 1.74 25.12 -37.52
C GLU B 1214 0.36 25.65 -37.77
N THR B 1215 -0.38 25.92 -36.70
CA THR B 1215 -1.79 26.32 -36.78
C THR B 1215 -1.97 27.78 -36.38
N SER B 1216 -3.08 28.35 -36.85
CA SER B 1216 -3.63 29.58 -36.28
C SER B 1216 -3.56 29.59 -34.74
N VAL B 1217 -4.01 28.53 -34.10
CA VAL B 1217 -3.85 28.40 -32.66
C VAL B 1217 -2.43 27.92 -32.34
N ASN B 1218 -1.55 28.86 -32.02
CA ASN B 1218 -0.12 28.66 -31.82
C ASN B 1218 0.23 27.70 -30.74
N THR B 1219 -0.56 27.67 -29.69
CA THR B 1219 -0.22 26.87 -28.55
C THR B 1219 -0.22 25.40 -28.92
N ARG B 1220 -0.97 25.03 -29.94
CA ARG B 1220 -0.98 23.65 -30.43
C ARG B 1220 0.13 23.29 -31.40
N ASN B 1221 0.95 24.24 -31.84
CA ASN B 1221 2.06 23.92 -32.74
C ASN B 1221 2.94 22.87 -32.16
N GLY B 1222 3.45 21.98 -32.99
CA GLY B 1222 4.29 20.90 -32.52
C GLY B 1222 4.31 19.75 -33.50
N ASN B 1223 4.90 18.64 -33.09
CA ASN B 1223 4.97 17.45 -33.91
C ASN B 1223 4.01 16.39 -33.42
N TYR B 1224 3.15 15.96 -34.33
CA TYR B 1224 2.12 14.98 -34.01
C TYR B 1224 2.27 13.69 -34.81
N TYR B 1225 1.57 12.65 -34.35
CA TYR B 1225 1.64 11.33 -34.96
C TYR B 1225 0.23 10.92 -35.36
N PHE B 1226 -0.12 11.07 -36.64
CA PHE B 1226 -1.45 10.73 -37.14
C PHE B 1226 -1.41 9.37 -37.83
N MET B 1227 -2.41 8.56 -37.49
CA MET B 1227 -2.49 7.18 -37.97
C MET B 1227 -3.20 7.15 -39.33
N PRO B 1228 -3.36 5.97 -39.93
CA PRO B 1228 -3.90 5.99 -41.27
C PRO B 1228 -5.31 6.44 -41.28
N ASN B 1229 -6.05 6.21 -40.18
CA ASN B 1229 -7.44 6.69 -40.07
C ASN B 1229 -7.57 8.05 -39.43
N GLY B 1230 -6.43 8.74 -39.33
CA GLY B 1230 -6.39 10.19 -39.00
C GLY B 1230 -6.30 10.54 -37.52
N VAL B 1231 -6.37 9.48 -36.69
CA VAL B 1231 -6.44 9.57 -35.24
C VAL B 1231 -5.07 9.97 -34.79
N GLU B 1232 -5.03 10.95 -33.89
CA GLU B 1232 -3.80 11.45 -33.33
C GLU B 1232 -3.44 10.52 -32.14
N LEU B 1233 -2.19 10.09 -32.08
CA LEU B 1233 -1.70 9.29 -30.96
C LEU B 1233 -1.46 10.19 -29.76
N ARG B 1234 -1.91 9.73 -28.59
CA ARG B 1234 -1.87 10.52 -27.35
C ARG B 1234 -1.44 9.67 -26.14
N LYS B 1235 -0.42 10.16 -25.42
CA LYS B 1235 0.05 9.52 -24.22
C LYS B 1235 0.60 8.13 -24.56
N GLY B 1236 1.53 8.08 -25.50
CA GLY B 1236 2.10 6.81 -25.91
C GLY B 1236 3.18 6.95 -26.98
N PHE B 1237 3.81 5.83 -27.29
CA PHE B 1237 4.94 5.84 -28.18
C PHE B 1237 4.55 5.60 -29.62
N GLY B 1238 5.27 6.23 -30.55
CA GLY B 1238 5.04 5.99 -31.99
C GLY B 1238 6.31 5.75 -32.79
N THR B 1239 6.34 4.71 -33.60
CA THR B 1239 7.50 4.41 -34.43
C THR B 1239 7.38 5.08 -35.79
N ASP B 1240 8.47 5.62 -36.31
CA ASP B 1240 8.46 6.21 -37.66
C ASP B 1240 8.75 5.11 -38.67
N ASN B 1241 8.75 5.46 -39.95
CA ASN B 1241 9.07 4.48 -41.04
C ASN B 1241 10.46 3.79 -40.95
N SER B 1242 11.42 4.46 -40.31
CA SER B 1242 12.80 3.98 -40.20
C SER B 1242 13.11 3.23 -38.90
N GLY B 1243 12.11 2.97 -38.07
CA GLY B 1243 12.32 2.24 -36.82
C GLY B 1243 12.60 3.06 -35.57
N ASN B 1244 12.74 4.37 -35.67
CA ASN B 1244 12.97 5.22 -34.50
C ASN B 1244 11.71 5.42 -33.68
N VAL B 1245 11.83 5.34 -32.37
CA VAL B 1245 10.68 5.53 -31.49
C VAL B 1245 10.62 6.95 -30.91
N TYR B 1246 9.43 7.53 -30.87
CA TYR B 1246 9.21 8.82 -30.22
C TYR B 1246 8.08 8.66 -29.19
N TYR B 1247 7.86 9.68 -28.35
CA TYR B 1247 6.73 9.67 -27.42
C TYR B 1247 5.90 10.92 -27.62
N PHE B 1248 4.58 10.79 -27.40
CA PHE B 1248 3.63 11.86 -27.66
C PHE B 1248 2.72 12.03 -26.46
N ASP B 1249 2.54 13.26 -26.02
CA ASP B 1249 2.00 13.52 -24.70
C ASP B 1249 0.47 13.48 -24.63
N ASP B 1250 -0.07 13.87 -23.48
CA ASP B 1250 -1.53 13.95 -23.22
C ASP B 1250 -2.30 14.54 -24.37
N GLN B 1251 -1.72 15.57 -24.98
CA GLN B 1251 -2.37 16.36 -26.01
C GLN B 1251 -1.86 16.10 -27.42
N GLY B 1252 -1.09 15.04 -27.61
CA GLY B 1252 -0.64 14.63 -28.94
C GLY B 1252 0.75 15.12 -29.36
N LYS B 1253 1.31 16.06 -28.59
CA LYS B 1253 2.60 16.67 -28.93
C LYS B 1253 3.78 15.75 -28.67
N MET B 1254 4.76 15.82 -29.57
CA MET B 1254 5.96 15.06 -29.41
C MET B 1254 6.69 15.63 -28.23
N VAL B 1255 7.37 14.77 -27.50
CA VAL B 1255 8.22 15.19 -26.41
C VAL B 1255 9.70 15.03 -26.79
N ARG B 1256 10.51 16.01 -26.44
CA ARG B 1256 11.94 16.02 -26.74
C ARG B 1256 12.77 16.34 -25.51
N ASP B 1257 13.99 15.79 -25.50
CA ASP B 1257 15.06 16.23 -24.60
C ASP B 1257 14.62 16.15 -23.15
N LYS B 1258 14.18 14.97 -22.71
CA LYS B 1258 13.89 14.76 -21.29
C LYS B 1258 13.59 13.30 -20.95
N TYR B 1259 13.66 13.02 -19.65
CA TYR B 1259 13.26 11.71 -19.14
C TYR B 1259 11.75 11.71 -18.92
N ILE B 1260 11.19 10.51 -18.99
CA ILE B 1260 9.76 10.32 -18.92
C ILE B 1260 9.47 9.05 -18.12
N ASN B 1261 8.50 9.12 -17.21
CA ASN B 1261 8.12 7.98 -16.37
C ASN B 1261 6.74 7.42 -16.75
N ASP B 1262 6.47 6.23 -16.26
CA ASP B 1262 5.40 5.36 -16.74
C ASP B 1262 4.54 4.98 -15.52
N ASP B 1263 3.26 4.64 -15.71
CA ASP B 1263 2.42 4.13 -14.61
C ASP B 1263 3.01 2.87 -13.89
N ALA B 1264 3.73 2.04 -14.63
CA ALA B 1264 4.38 0.85 -14.06
C ALA B 1264 5.82 1.13 -13.58
N ASN B 1265 6.23 2.40 -13.59
CA ASN B 1265 7.54 2.79 -13.05
C ASN B 1265 8.72 2.55 -14.01
N ASN B 1266 8.42 2.45 -15.30
CA ASN B 1266 9.47 2.35 -16.32
C ASN B 1266 9.92 3.73 -16.74
N PHE B 1267 11.23 3.87 -16.95
CA PHE B 1267 11.81 5.17 -17.29
C PHE B 1267 12.37 5.15 -18.73
N TYR B 1268 12.09 6.20 -19.50
CA TYR B 1268 12.62 6.37 -20.88
C TYR B 1268 13.22 7.76 -21.09
N HIS B 1269 14.18 7.86 -22.01
CA HIS B 1269 14.80 9.15 -22.36
C HIS B 1269 14.58 9.49 -23.81
N LEU B 1270 14.24 10.75 -24.04
CA LEU B 1270 14.04 11.26 -25.39
C LEU B 1270 15.13 12.28 -25.74
N ASN B 1271 15.84 12.02 -26.83
CA ASN B 1271 16.90 12.88 -27.33
C ASN B 1271 16.32 14.23 -27.81
N VAL B 1272 17.19 15.12 -28.31
CA VAL B 1272 16.75 16.47 -28.74
C VAL B 1272 15.92 16.38 -30.02
N ASP B 1273 16.36 15.58 -30.98
CA ASP B 1273 15.56 15.34 -32.19
C ASP B 1273 14.25 14.57 -31.93
N GLY B 1274 14.00 14.17 -30.67
CA GLY B 1274 12.78 13.48 -30.29
C GLY B 1274 12.93 12.00 -30.04
N THR B 1275 13.98 11.38 -30.59
CA THR B 1275 14.12 9.91 -30.56
C THR B 1275 14.38 9.41 -29.17
N MET B 1276 14.08 8.13 -28.96
CA MET B 1276 14.18 7.51 -27.63
C MET B 1276 15.42 6.65 -27.55
N SER B 1277 16.36 7.09 -26.72
CA SER B 1277 17.56 6.33 -26.44
C SER B 1277 17.20 5.09 -25.60
#